data_6PQL
#
_entry.id   6PQL
#
_cell.length_a   48.862
_cell.length_b   145.823
_cell.length_c   118.677
_cell.angle_alpha   90.000
_cell.angle_beta   92.640
_cell.angle_gamma   90.000
#
_symmetry.space_group_name_H-M   'P 1 21 1'
#
loop_
_entity.id
_entity.type
_entity.pdbx_description
1 polymer 'ABC transporter sugar-binding protein'
2 branched beta-D-fructofuranose-(2-1)-[alpha-D-galactopyranose-(1-6)]alpha-D-glucopyranose
3 water water
#
_entity_poly.entity_id   1
_entity_poly.type   'polypeptide(L)'
_entity_poly.pdbx_seq_one_letter_code
;MGSSHHHHHHSSGLVPRGSHSNYGKSADGTVTIEYFNQKKEMTKTLEEITRDFEKENPKIKVKVVNVPNAGEVLKTRVLA
GDVPDVVNIYPQSIELQEWAKAGVFEDLSNKDYLKRVKNGYAEKYAVNEKVYNVPFTANAYGIYYNKDKFEELGLKVPET
WDEFEQLVKDIVAKGQTPFGIAGADAWTLNGYNQLAFATATGGGKEANQYLRYSQPNAIKLSDPIMKDDIKVMDILRING
SKQKNWEGAGYTDVIGAFARGDVLMTPNGSWAITAINEQKPNFKIGTFMIPGKEKGQSLTVGAGDLAWSISATTKHPKEA
NAFVEYMTRPEVMQKYYDVDGSPTAIEGVKQAGEDSPLAGMTEYAFTDRHLVWLQQYWTSEADFHTLTMNYVLTGDKQGM
VNDLNAFFNPMKADVD
;
_entity_poly.pdbx_strand_id   A,B,C,D
#
loop_
_chem_comp.id
_chem_comp.type
_chem_comp.name
_chem_comp.formula
FRU D-saccharide, beta linking beta-D-fructofuranose 'C6 H12 O6'
GLA D-saccharide, alpha linking alpha-D-galactopyranose 'C6 H12 O6'
GLC D-saccharide, alpha linking alpha-D-glucopyranose 'C6 H12 O6'
#
# COMPACT_ATOMS: atom_id res chain seq x y z
N GLY A 29 51.33 59.88 -5.70
CA GLY A 29 51.71 58.51 -6.16
C GLY A 29 50.66 57.46 -5.74
N THR A 30 50.76 57.03 -4.49
CA THR A 30 49.84 56.03 -3.94
C THR A 30 48.60 56.73 -3.39
N VAL A 31 47.43 56.34 -3.91
CA VAL A 31 46.17 56.96 -3.53
C VAL A 31 45.36 55.96 -2.70
N THR A 32 44.64 56.48 -1.70
CA THR A 32 43.91 55.67 -0.75
C THR A 32 42.40 55.78 -1.01
N ILE A 33 41.74 54.62 -1.10
CA ILE A 33 40.29 54.55 -1.25
C ILE A 33 39.69 53.88 -0.03
N GLU A 34 38.38 53.98 0.11
CA GLU A 34 37.66 53.45 1.27
C GLU A 34 36.57 52.48 0.81
N TYR A 35 36.46 51.36 1.53
CA TYR A 35 35.36 50.42 1.33
C TYR A 35 34.52 50.35 2.61
N PHE A 36 33.28 50.84 2.52
CA PHE A 36 32.33 50.80 3.62
C PHE A 36 31.68 49.42 3.66
N ASN A 37 31.90 48.70 4.76
CA ASN A 37 31.48 47.32 4.89
C ASN A 37 30.29 47.21 5.84
N GLN A 38 29.33 46.35 5.49
CA GLN A 38 28.19 46.03 6.33
C GLN A 38 28.19 44.53 6.62
N LYS A 39 29.12 43.80 6.00
CA LYS A 39 29.28 42.37 6.20
C LYS A 39 30.30 42.12 7.31
N LYS A 40 29.81 42.14 8.56
CA LYS A 40 30.67 42.05 9.73
C LYS A 40 31.24 40.64 9.88
N GLU A 41 30.51 39.64 9.37
CA GLU A 41 30.87 38.24 9.53
C GLU A 41 32.05 37.89 8.64
N MET A 42 32.27 38.68 7.58
CA MET A 42 33.23 38.35 6.54
C MET A 42 34.40 39.33 6.55
N THR A 43 34.58 40.04 7.67
CA THR A 43 35.58 41.08 7.80
C THR A 43 36.98 40.52 7.53
N LYS A 44 37.29 39.36 8.13
CA LYS A 44 38.62 38.78 8.09
C LYS A 44 38.97 38.36 6.66
N THR A 45 37.98 37.83 5.94
CA THR A 45 38.17 37.31 4.59
C THR A 45 38.25 38.47 3.59
N LEU A 46 37.44 39.51 3.82
CA LEU A 46 37.38 40.65 2.93
C LEU A 46 38.67 41.47 3.04
N GLU A 47 39.28 41.46 4.23
CA GLU A 47 40.54 42.15 4.47
C GLU A 47 41.69 41.37 3.83
N GLU A 48 41.52 40.04 3.73
CA GLU A 48 42.51 39.17 3.13
C GLU A 48 42.53 39.37 1.62
N ILE A 49 41.35 39.58 1.04
CA ILE A 49 41.19 39.84 -0.39
C ILE A 49 41.73 41.23 -0.71
N THR A 50 41.55 42.16 0.24
CA THR A 50 41.99 43.55 0.09
C THR A 50 43.52 43.61 0.00
N ARG A 51 44.19 42.82 0.84
CA ARG A 51 45.65 42.76 0.87
C ARG A 51 46.16 42.13 -0.42
N ASP A 52 45.41 41.14 -0.93
CA ASP A 52 45.73 40.48 -2.19
C ASP A 52 45.61 41.48 -3.33
N PHE A 53 44.66 42.41 -3.22
CA PHE A 53 44.46 43.48 -4.18
C PHE A 53 45.57 44.51 -4.04
N GLU A 54 45.99 44.77 -2.79
CA GLU A 54 47.00 45.77 -2.50
C GLU A 54 48.37 45.30 -2.96
N LYS A 55 48.59 43.98 -2.95
CA LYS A 55 49.85 43.38 -3.35
C LYS A 55 49.98 43.42 -4.88
N GLU A 56 48.84 43.41 -5.57
CA GLU A 56 48.80 43.40 -7.02
C GLU A 56 48.78 44.84 -7.55
N ASN A 57 48.32 45.77 -6.70
CA ASN A 57 48.24 47.18 -7.04
C ASN A 57 48.93 47.99 -5.95
N PRO A 58 50.28 48.12 -5.99
CA PRO A 58 51.04 48.80 -4.92
C PRO A 58 50.80 50.30 -4.85
N LYS A 59 50.16 50.86 -5.89
CA LYS A 59 49.89 52.28 -5.96
C LYS A 59 48.50 52.57 -5.39
N ILE A 60 47.81 51.53 -4.92
CA ILE A 60 46.47 51.66 -4.38
C ILE A 60 46.44 51.08 -2.97
N LYS A 61 45.90 51.87 -2.03
CA LYS A 61 45.66 51.43 -0.66
C LYS A 61 44.16 51.50 -0.39
N VAL A 62 43.63 50.48 0.30
CA VAL A 62 42.21 50.38 0.58
C VAL A 62 41.99 50.24 2.08
N LYS A 63 41.12 51.09 2.61
CA LYS A 63 40.72 51.03 4.01
C LYS A 63 39.35 50.36 4.12
N VAL A 64 39.30 49.23 4.83
CA VAL A 64 38.06 48.53 5.08
C VAL A 64 37.47 49.05 6.39
N VAL A 65 36.32 49.72 6.28
CA VAL A 65 35.69 50.38 7.41
C VAL A 65 34.51 49.54 7.91
N ASN A 66 34.52 49.27 9.22
CA ASN A 66 33.42 48.59 9.90
C ASN A 66 32.99 49.41 11.10
N VAL A 67 31.74 49.88 11.07
CA VAL A 67 31.18 50.67 12.15
C VAL A 67 29.85 50.06 12.60
N PRO A 68 29.50 50.12 13.90
CA PRO A 68 28.18 49.71 14.37
C PRO A 68 27.12 50.71 13.91
N ASN A 69 25.91 50.20 13.64
CA ASN A 69 24.81 50.98 13.07
C ASN A 69 25.22 51.52 11.72
N ALA A 70 25.79 50.64 10.88
CA ALA A 70 26.37 50.99 9.60
C ALA A 70 25.31 51.58 8.67
N GLY A 71 24.05 51.17 8.87
CA GLY A 71 22.93 51.68 8.10
C GLY A 71 22.68 53.16 8.34
N GLU A 72 22.74 53.57 9.62
CA GLU A 72 22.47 54.93 10.03
C GLU A 72 23.66 55.84 9.68
N VAL A 73 24.88 55.30 9.80
CA VAL A 73 26.09 56.04 9.56
C VAL A 73 26.22 56.34 8.06
N LEU A 74 25.77 55.40 7.23
CA LEU A 74 25.80 55.55 5.78
C LEU A 74 24.85 56.66 5.36
N LYS A 75 23.66 56.70 5.99
CA LYS A 75 22.69 57.75 5.77
C LYS A 75 23.31 59.10 6.14
N THR A 76 24.03 59.11 7.26
CA THR A 76 24.71 60.28 7.78
C THR A 76 25.74 60.77 6.77
N ARG A 77 26.55 59.85 6.25
CA ARG A 77 27.69 60.18 5.41
C ARG A 77 27.23 60.63 4.02
N VAL A 78 26.14 60.03 3.53
CA VAL A 78 25.59 60.37 2.21
C VAL A 78 25.00 61.78 2.25
N LEU A 79 24.40 62.14 3.39
CA LEU A 79 23.83 63.46 3.58
C LEU A 79 24.96 64.49 3.76
N ALA A 80 26.00 64.09 4.51
CA ALA A 80 27.10 64.98 4.83
C ALA A 80 27.95 65.27 3.59
N GLY A 81 27.91 64.35 2.62
CA GLY A 81 28.66 64.50 1.39
C GLY A 81 30.04 63.86 1.47
N ASP A 82 30.22 63.00 2.47
CA ASP A 82 31.44 62.22 2.64
C ASP A 82 31.14 60.76 2.34
N VAL A 83 30.76 60.50 1.08
CA VAL A 83 30.41 59.16 0.63
C VAL A 83 31.70 58.37 0.40
N PRO A 84 31.81 57.15 0.98
CA PRO A 84 32.97 56.28 0.72
C PRO A 84 33.03 55.85 -0.74
N ASP A 85 34.26 55.61 -1.21
CA ASP A 85 34.52 55.34 -2.62
C ASP A 85 33.76 54.10 -3.08
N VAL A 86 33.92 52.99 -2.33
CA VAL A 86 33.19 51.76 -2.57
C VAL A 86 32.29 51.51 -1.35
N VAL A 87 31.00 51.25 -1.60
CA VAL A 87 30.02 51.12 -0.54
C VAL A 87 29.30 49.79 -0.67
N ASN A 88 29.28 49.03 0.42
CA ASN A 88 28.45 47.84 0.53
C ASN A 88 27.03 48.27 0.91
N ILE A 89 26.18 48.42 -0.11
CA ILE A 89 24.79 48.79 0.07
C ILE A 89 23.92 47.69 -0.55
N TYR A 90 22.81 47.38 0.14
CA TYR A 90 21.90 46.33 -0.29
C TYR A 90 20.98 46.87 -1.39
N PRO A 91 20.94 46.21 -2.57
CA PRO A 91 20.40 46.83 -3.79
C PRO A 91 18.89 46.94 -3.87
N GLN A 92 18.18 46.36 -2.89
CA GLN A 92 16.73 46.38 -2.86
C GLN A 92 16.26 47.54 -2.00
N SER A 93 17.18 48.11 -1.21
CA SER A 93 16.87 49.15 -0.25
C SER A 93 16.38 50.41 -0.96
N ILE A 94 15.51 51.15 -0.28
CA ILE A 94 14.98 52.41 -0.79
C ILE A 94 16.08 53.47 -0.76
N GLU A 95 17.09 53.25 0.10
CA GLU A 95 18.25 54.12 0.19
C GLU A 95 18.99 54.12 -1.14
N LEU A 96 19.16 52.91 -1.70
CA LEU A 96 19.83 52.73 -2.99
C LEU A 96 19.00 53.36 -4.09
N GLN A 97 17.67 53.18 -4.02
CA GLN A 97 16.75 53.66 -5.03
C GLN A 97 16.76 55.18 -5.10
N GLU A 98 16.74 55.82 -3.91
CA GLU A 98 16.64 57.27 -3.81
C GLU A 98 17.97 57.92 -4.18
N TRP A 99 19.08 57.37 -3.66
CA TRP A 99 20.40 57.97 -3.83
C TRP A 99 20.90 57.80 -5.26
N ALA A 100 20.49 56.71 -5.92
CA ALA A 100 20.86 56.46 -7.30
C ALA A 100 20.23 57.49 -8.22
N LYS A 101 18.99 57.87 -7.91
CA LYS A 101 18.24 58.85 -8.70
C LYS A 101 18.84 60.24 -8.49
N ALA A 102 19.33 60.49 -7.27
CA ALA A 102 19.92 61.77 -6.90
C ALA A 102 21.27 61.96 -7.59
N GLY A 103 21.95 60.84 -7.86
CA GLY A 103 23.22 60.85 -8.56
C GLY A 103 24.39 60.67 -7.59
N VAL A 104 24.13 59.96 -6.48
CA VAL A 104 25.14 59.70 -5.46
C VAL A 104 26.07 58.59 -5.94
N PHE A 105 25.52 57.68 -6.75
CA PHE A 105 26.25 56.49 -7.19
C PHE A 105 26.53 56.55 -8.68
N GLU A 106 27.67 55.96 -9.08
CA GLU A 106 28.13 55.92 -10.46
C GLU A 106 27.34 54.87 -11.24
N ASP A 107 27.03 55.21 -12.49
CA ASP A 107 26.38 54.30 -13.42
C ASP A 107 27.39 53.26 -13.90
N LEU A 108 27.02 51.98 -13.79
CA LEU A 108 27.93 50.88 -14.06
C LEU A 108 27.40 50.02 -15.21
N SER A 109 26.51 50.60 -16.01
CA SER A 109 25.82 49.89 -17.08
C SER A 109 26.80 49.48 -18.18
N ASN A 110 27.75 50.37 -18.50
CA ASN A 110 28.66 50.19 -19.63
C ASN A 110 30.02 49.71 -19.15
N LYS A 111 30.03 48.90 -18.08
CA LYS A 111 31.24 48.29 -17.56
C LYS A 111 31.34 46.86 -18.08
N ASP A 112 32.57 46.42 -18.36
CA ASP A 112 32.82 45.11 -18.93
C ASP A 112 32.54 44.02 -17.89
N TYR A 113 32.85 44.31 -16.62
CA TYR A 113 32.80 43.32 -15.56
C TYR A 113 31.35 43.00 -15.17
N LEU A 114 30.41 43.77 -15.73
CA LEU A 114 28.99 43.59 -15.45
C LEU A 114 28.48 42.36 -16.21
N LYS A 115 29.27 41.88 -17.17
CA LYS A 115 28.93 40.73 -17.99
C LYS A 115 29.28 39.44 -17.25
N ARG A 116 30.02 39.58 -16.14
CA ARG A 116 30.46 38.46 -15.34
C ARG A 116 29.36 38.06 -14.34
N VAL A 117 28.30 38.87 -14.27
CA VAL A 117 27.18 38.64 -13.38
C VAL A 117 26.09 37.89 -14.17
N LYS A 118 25.89 36.61 -13.81
CA LYS A 118 24.92 35.76 -14.47
C LYS A 118 23.56 35.88 -13.77
N ASN A 119 22.56 35.20 -14.34
CA ASN A 119 21.21 35.12 -13.79
C ASN A 119 20.51 36.47 -13.87
N GLY A 120 21.09 37.39 -14.67
CA GLY A 120 20.58 38.74 -14.82
C GLY A 120 20.31 39.41 -13.47
N TYR A 121 21.26 39.26 -12.54
CA TYR A 121 21.07 39.64 -11.15
C TYR A 121 21.41 41.11 -10.95
N ALA A 122 22.26 41.65 -11.84
CA ALA A 122 22.64 43.05 -11.80
C ALA A 122 21.48 43.92 -12.29
N GLU A 123 20.71 43.38 -13.24
CA GLU A 123 19.64 44.10 -13.92
C GLU A 123 18.37 44.05 -13.10
N LYS A 124 18.36 43.19 -12.06
CA LYS A 124 17.18 42.96 -11.24
C LYS A 124 16.90 44.18 -10.37
N TYR A 125 17.97 44.86 -9.93
CA TYR A 125 17.85 45.99 -9.03
C TYR A 125 18.20 47.27 -9.77
N ALA A 126 17.70 47.40 -11.00
CA ALA A 126 17.95 48.54 -11.85
C ALA A 126 17.07 49.71 -11.43
N VAL A 127 17.65 50.92 -11.46
CA VAL A 127 16.94 52.15 -11.15
C VAL A 127 16.95 53.02 -12.41
N ASN A 128 15.75 53.34 -12.92
CA ASN A 128 15.57 54.08 -14.15
C ASN A 128 16.25 53.34 -15.31
N GLU A 129 16.15 52.00 -15.26
CA GLU A 129 16.73 51.09 -16.24
C GLU A 129 18.24 51.32 -16.33
N LYS A 130 18.86 51.55 -15.17
CA LYS A 130 20.31 51.74 -15.07
C LYS A 130 20.80 50.97 -13.84
N VAL A 131 22.02 50.40 -13.96
CA VAL A 131 22.59 49.58 -12.90
C VAL A 131 23.59 50.43 -12.10
N TYR A 132 23.39 50.46 -10.78
CA TYR A 132 24.20 51.26 -9.88
C TYR A 132 24.83 50.38 -8.80
N ASN A 133 24.48 49.08 -8.83
CA ASN A 133 24.93 48.14 -7.81
C ASN A 133 25.34 46.83 -8.48
N VAL A 134 26.49 46.31 -8.07
CA VAL A 134 26.96 45.00 -8.49
C VAL A 134 26.71 44.02 -7.34
N PRO A 135 25.63 43.21 -7.40
CA PRO A 135 25.35 42.21 -6.37
C PRO A 135 26.07 40.89 -6.66
N PHE A 136 27.13 40.63 -5.88
CA PHE A 136 27.98 39.47 -6.06
C PHE A 136 27.27 38.21 -5.57
N THR A 137 26.68 38.30 -4.37
CA THR A 137 26.04 37.15 -3.74
C THR A 137 24.57 37.47 -3.45
N ALA A 138 23.79 36.40 -3.28
CA ALA A 138 22.39 36.49 -2.90
C ALA A 138 22.19 35.79 -1.55
N ASN A 139 21.64 36.53 -0.58
CA ASN A 139 21.37 35.97 0.73
C ASN A 139 19.96 35.38 0.75
N ALA A 140 19.75 34.40 1.64
CA ALA A 140 18.47 33.75 1.82
C ALA A 140 18.18 33.64 3.32
N TYR A 141 16.93 33.27 3.65
CA TYR A 141 16.49 33.15 5.03
C TYR A 141 15.83 31.79 5.24
N GLY A 142 16.04 31.23 6.44
CA GLY A 142 15.45 29.96 6.81
C GLY A 142 15.79 29.56 8.25
N ILE A 143 15.69 28.26 8.52
CA ILE A 143 15.94 27.72 9.86
C ILE A 143 17.19 26.84 9.79
N TYR A 144 18.17 27.15 10.65
CA TYR A 144 19.30 26.27 10.90
C TYR A 144 18.87 25.19 11.86
N TYR A 145 19.31 23.95 11.62
CA TYR A 145 18.97 22.85 12.52
C TYR A 145 20.20 21.96 12.76
N ASN A 146 20.22 21.33 13.94
CA ASN A 146 21.26 20.40 14.35
C ASN A 146 20.90 19.02 13.83
N LYS A 147 21.61 18.58 12.77
CA LYS A 147 21.34 17.32 12.10
C LYS A 147 21.53 16.14 13.06
N ASP A 148 22.59 16.21 13.87
CA ASP A 148 22.97 15.14 14.77
C ASP A 148 21.85 14.87 15.78
N LYS A 149 21.40 15.94 16.45
CA LYS A 149 20.38 15.84 17.49
C LYS A 149 19.03 15.48 16.87
N PHE A 150 18.79 15.94 15.64
CA PHE A 150 17.56 15.63 14.91
C PHE A 150 17.48 14.13 14.65
N GLU A 151 18.62 13.52 14.31
CA GLU A 151 18.72 12.09 14.06
C GLU A 151 18.60 11.33 15.38
N GLU A 152 19.19 11.92 16.44
CA GLU A 152 19.23 11.32 17.77
C GLU A 152 17.83 11.22 18.35
N LEU A 153 16.98 12.21 18.05
CA LEU A 153 15.64 12.29 18.59
C LEU A 153 14.63 11.81 17.54
N GLY A 154 15.13 11.46 16.36
CA GLY A 154 14.33 10.89 15.29
C GLY A 154 13.29 11.87 14.75
N LEU A 155 13.71 13.11 14.52
CA LEU A 155 12.83 14.17 14.07
C LEU A 155 13.19 14.55 12.63
N LYS A 156 12.14 14.87 11.85
CA LYS A 156 12.29 15.18 10.44
C LYS A 156 12.08 16.67 10.20
N VAL A 157 12.48 17.13 9.01
CA VAL A 157 12.29 18.50 8.57
C VAL A 157 10.81 18.71 8.25
N PRO A 158 10.15 19.74 8.82
CA PRO A 158 8.72 19.98 8.59
C PRO A 158 8.43 20.51 7.20
N GLU A 159 7.25 20.16 6.67
CA GLU A 159 6.86 20.50 5.32
C GLU A 159 5.56 21.30 5.31
N THR A 160 4.91 21.38 6.48
CA THR A 160 3.71 22.17 6.67
C THR A 160 3.84 22.99 7.95
N TRP A 161 2.90 23.93 8.15
CA TRP A 161 2.84 24.74 9.36
C TRP A 161 2.59 23.83 10.57
N ASP A 162 1.68 22.87 10.42
CA ASP A 162 1.26 21.98 11.48
C ASP A 162 2.41 21.07 11.90
N GLU A 163 3.26 20.70 10.92
CA GLU A 163 4.42 19.85 11.18
C GLU A 163 5.49 20.65 11.90
N PHE A 164 5.57 21.95 11.60
CA PHE A 164 6.52 22.84 12.24
C PHE A 164 6.10 23.11 13.68
N GLU A 165 4.78 23.08 13.92
CA GLU A 165 4.21 23.21 15.25
C GLU A 165 4.54 21.96 16.07
N GLN A 166 4.45 20.80 15.41
CA GLN A 166 4.61 19.51 16.07
C GLN A 166 6.08 19.26 16.41
N LEU A 167 6.98 19.70 15.52
CA LEU A 167 8.41 19.52 15.70
C LEU A 167 8.86 20.22 16.97
N VAL A 168 8.40 21.46 17.16
CA VAL A 168 8.77 22.30 18.28
C VAL A 168 8.30 21.65 19.58
N LYS A 169 7.07 21.11 19.55
CA LYS A 169 6.45 20.48 20.71
C LYS A 169 7.20 19.20 21.07
N ASP A 170 7.67 18.47 20.05
CA ASP A 170 8.31 17.18 20.23
C ASP A 170 9.72 17.35 20.79
N ILE A 171 10.35 18.50 20.48
CA ILE A 171 11.66 18.83 21.01
C ILE A 171 11.53 19.15 22.50
N VAL A 172 10.46 19.88 22.84
CA VAL A 172 10.15 20.24 24.22
C VAL A 172 9.90 18.98 25.03
N ALA A 173 9.16 18.04 24.42
CA ALA A 173 8.79 16.78 25.06
C ALA A 173 10.04 15.94 25.34
N LYS A 174 11.07 16.12 24.51
CA LYS A 174 12.33 15.39 24.65
C LYS A 174 13.25 16.10 25.63
N GLY A 175 12.82 17.29 26.10
CA GLY A 175 13.54 18.05 27.11
C GLY A 175 14.73 18.82 26.52
N GLN A 176 14.50 19.39 25.33
CA GLN A 176 15.50 20.19 24.64
C GLN A 176 14.88 21.53 24.26
N THR A 177 15.74 22.51 23.96
CA THR A 177 15.29 23.84 23.55
C THR A 177 15.22 23.91 22.02
N PRO A 178 14.00 24.08 21.44
CA PRO A 178 13.84 24.20 19.99
C PRO A 178 14.58 25.39 19.38
N PHE A 179 14.23 26.60 19.82
CA PHE A 179 14.69 27.81 19.17
C PHE A 179 15.68 28.57 20.05
N GLY A 180 16.65 29.21 19.38
CA GLY A 180 17.48 30.24 19.98
C GLY A 180 17.14 31.60 19.37
N ILE A 181 16.37 32.40 20.10
CA ILE A 181 15.90 33.69 19.61
C ILE A 181 16.71 34.80 20.28
N ALA A 182 17.15 35.76 19.47
CA ALA A 182 17.88 36.93 19.94
C ALA A 182 16.91 38.07 20.19
N GLY A 183 16.46 38.20 21.44
CA GLY A 183 15.43 39.16 21.82
C GLY A 183 15.92 40.60 21.76
N ALA A 184 17.26 40.78 21.84
CA ALA A 184 17.86 42.11 21.84
C ALA A 184 18.13 42.57 20.41
N ASP A 185 18.00 41.65 19.45
CA ASP A 185 18.22 41.95 18.04
C ASP A 185 16.98 41.56 17.24
N ALA A 186 16.09 42.55 17.03
CA ALA A 186 14.78 42.34 16.45
C ALA A 186 14.88 42.05 14.95
N TRP A 187 16.01 42.43 14.35
CA TRP A 187 16.20 42.29 12.91
C TRP A 187 16.35 40.82 12.52
N THR A 188 16.70 39.97 13.50
CA THR A 188 16.97 38.56 13.26
C THR A 188 15.71 37.83 12.82
N LEU A 189 14.54 38.38 13.18
CA LEU A 189 13.26 37.74 12.89
C LEU A 189 12.54 38.51 11.78
N ASN A 190 13.29 39.33 11.04
CA ASN A 190 12.73 40.12 9.95
C ASN A 190 12.28 39.19 8.83
N GLY A 191 13.15 38.26 8.45
CA GLY A 191 12.89 37.32 7.38
C GLY A 191 11.78 36.33 7.73
N TYR A 192 11.63 36.05 9.03
CA TYR A 192 10.68 35.07 9.52
C TYR A 192 9.26 35.57 9.32
N ASN A 193 9.01 36.83 9.69
CA ASN A 193 7.69 37.42 9.62
C ASN A 193 7.34 37.76 8.17
N GLN A 194 8.37 38.03 7.37
CA GLN A 194 8.18 38.34 5.96
C GLN A 194 7.80 37.07 5.19
N LEU A 195 8.29 35.91 5.68
CA LEU A 195 7.97 34.63 5.08
C LEU A 195 6.64 34.11 5.65
N ALA A 196 6.25 34.65 6.81
CA ALA A 196 4.98 34.30 7.44
C ALA A 196 3.83 34.83 6.59
N PHE A 197 3.99 36.05 6.07
CA PHE A 197 2.98 36.68 5.22
C PHE A 197 3.06 36.10 3.81
N ALA A 198 4.28 35.73 3.39
CA ALA A 198 4.53 35.24 2.05
C ALA A 198 3.87 33.88 1.82
N THR A 199 4.04 32.98 2.78
CA THR A 199 3.51 31.63 2.69
C THR A 199 2.00 31.63 2.91
N ALA A 200 1.50 32.72 3.51
CA ALA A 200 0.08 32.87 3.80
C ALA A 200 -0.66 33.39 2.56
N THR A 201 0.03 34.22 1.77
CA THR A 201 -0.59 34.90 0.64
C THR A 201 -0.25 34.20 -0.67
N GLY A 202 1.00 33.74 -0.80
CA GLY A 202 1.44 33.01 -1.98
C GLY A 202 2.83 33.43 -2.46
N GLY A 203 3.24 34.66 -2.10
CA GLY A 203 4.53 35.18 -2.52
C GLY A 203 4.77 36.60 -2.01
N GLY A 204 5.71 37.29 -2.65
CA GLY A 204 6.14 38.63 -2.25
C GLY A 204 5.13 39.70 -2.63
N LYS A 205 4.74 39.73 -3.91
CA LYS A 205 3.82 40.71 -4.44
C LYS A 205 2.45 40.55 -3.77
N GLU A 206 2.13 39.32 -3.36
CA GLU A 206 0.88 39.02 -2.69
C GLU A 206 0.94 39.54 -1.25
N ALA A 207 2.13 39.51 -0.66
CA ALA A 207 2.35 39.93 0.72
C ALA A 207 2.29 41.45 0.83
N ASN A 208 2.80 42.14 -0.22
CA ASN A 208 2.83 43.59 -0.25
C ASN A 208 1.45 44.13 -0.62
N GLN A 209 0.62 43.29 -1.23
CA GLN A 209 -0.74 43.67 -1.59
C GLN A 209 -1.61 43.74 -0.35
N TYR A 210 -1.30 42.89 0.64
CA TYR A 210 -2.08 42.81 1.87
C TYR A 210 -1.61 43.86 2.87
N LEU A 211 -0.31 44.17 2.85
CA LEU A 211 0.31 44.99 3.87
C LEU A 211 0.50 46.43 3.37
N ARG A 212 1.06 46.57 2.17
CA ARG A 212 1.59 47.84 1.70
C ARG A 212 0.60 48.53 0.76
N TYR A 213 0.09 47.80 -0.24
CA TYR A 213 -0.71 48.38 -1.30
C TYR A 213 -2.20 48.16 -1.03
N SER A 214 -2.55 47.88 0.23
CA SER A 214 -3.94 47.78 0.63
C SER A 214 -4.44 49.16 1.05
N GLN A 215 -5.71 49.22 1.48
CA GLN A 215 -6.31 50.45 1.95
C GLN A 215 -5.83 50.74 3.37
N PRO A 216 -5.85 52.02 3.83
CA PRO A 216 -5.52 52.34 5.23
C PRO A 216 -6.45 51.62 6.20
N ASN A 217 -5.85 50.99 7.21
CA ASN A 217 -6.55 50.24 8.24
C ASN A 217 -7.25 49.03 7.64
N ALA A 218 -6.61 48.39 6.65
CA ALA A 218 -7.18 47.23 5.98
C ALA A 218 -6.84 45.96 6.75
N ILE A 219 -5.69 45.96 7.43
CA ILE A 219 -5.22 44.82 8.19
C ILE A 219 -6.09 44.67 9.44
N LYS A 220 -6.87 43.58 9.47
CA LYS A 220 -7.78 43.28 10.56
C LYS A 220 -7.36 41.97 11.21
N LEU A 221 -7.74 41.79 12.48
CA LEU A 221 -7.41 40.61 13.25
C LEU A 221 -8.23 39.42 12.77
N SER A 222 -9.40 39.71 12.18
CA SER A 222 -10.35 38.68 11.76
C SER A 222 -9.95 38.09 10.40
N ASP A 223 -9.07 38.80 9.69
CA ASP A 223 -8.61 38.38 8.37
C ASP A 223 -7.92 37.02 8.46
N PRO A 224 -8.28 36.05 7.58
CA PRO A 224 -7.65 34.72 7.60
C PRO A 224 -6.15 34.78 7.36
N ILE A 225 -5.71 35.75 6.56
CA ILE A 225 -4.30 35.97 6.24
C ILE A 225 -3.57 36.36 7.52
N MET A 226 -4.18 37.26 8.30
CA MET A 226 -3.62 37.72 9.56
C MET A 226 -3.67 36.59 10.59
N LYS A 227 -4.70 35.75 10.49
CA LYS A 227 -4.86 34.59 11.36
C LYS A 227 -3.76 33.57 11.06
N ASP A 228 -3.36 33.50 9.78
CA ASP A 228 -2.29 32.63 9.34
C ASP A 228 -0.95 33.16 9.83
N ASP A 229 -0.77 34.48 9.71
CA ASP A 229 0.45 35.15 10.13
C ASP A 229 0.72 34.88 11.61
N ILE A 230 -0.33 35.04 12.43
CA ILE A 230 -0.27 34.83 13.87
C ILE A 230 0.12 33.37 14.15
N LYS A 231 -0.48 32.45 13.40
CA LYS A 231 -0.27 31.02 13.56
C LYS A 231 1.22 30.69 13.36
N VAL A 232 1.82 31.30 12.33
CA VAL A 232 3.22 31.06 12.00
C VAL A 232 4.10 31.69 13.08
N MET A 233 3.67 32.84 13.60
CA MET A 233 4.40 33.56 14.63
C MET A 233 4.28 32.82 15.97
N ASP A 234 3.18 32.09 16.15
CA ASP A 234 2.89 31.40 17.40
C ASP A 234 3.78 30.17 17.56
N ILE A 235 4.45 29.77 16.47
CA ILE A 235 5.36 28.63 16.49
C ILE A 235 6.58 28.98 17.34
N LEU A 236 6.94 30.27 17.35
CA LEU A 236 8.03 30.77 18.17
C LEU A 236 7.53 31.03 19.59
N ARG A 237 6.22 30.85 19.81
CA ARG A 237 5.58 31.19 21.06
C ARG A 237 4.99 29.95 21.73
N ILE A 238 5.45 28.77 21.30
CA ILE A 238 5.06 27.52 21.92
C ILE A 238 5.77 27.42 23.28
N ASN A 239 5.12 26.74 24.23
CA ASN A 239 5.61 26.64 25.61
C ASN A 239 6.97 25.98 25.62
N GLY A 240 7.97 26.71 26.14
CA GLY A 240 9.33 26.22 26.30
C GLY A 240 10.07 26.10 24.96
N SER A 241 9.72 26.98 24.01
CA SER A 241 10.27 26.94 22.66
C SER A 241 11.61 27.67 22.61
N LYS A 242 11.79 28.64 23.51
CA LYS A 242 12.95 29.53 23.48
C LYS A 242 13.84 29.26 24.68
N GLN A 243 15.11 29.68 24.57
CA GLN A 243 16.12 29.42 25.58
C GLN A 243 15.95 30.38 26.75
N LYS A 244 16.62 30.06 27.86
CA LYS A 244 16.60 30.89 29.05
C LYS A 244 17.40 32.16 28.80
N ASN A 245 16.87 33.28 29.29
CA ASN A 245 17.46 34.61 29.13
C ASN A 245 17.57 34.96 27.65
N TRP A 246 16.44 34.83 26.93
CA TRP A 246 16.41 35.09 25.50
C TRP A 246 16.02 36.54 25.23
N GLU A 247 15.25 37.13 26.15
CA GLU A 247 14.70 38.46 26.01
C GLU A 247 15.83 39.47 25.81
N GLY A 248 16.97 39.22 26.47
CA GLY A 248 18.13 40.08 26.40
C GLY A 248 19.34 39.39 25.78
N ALA A 249 19.08 38.47 24.84
CA ALA A 249 20.12 37.75 24.13
C ALA A 249 20.39 38.44 22.80
N GLY A 250 21.68 38.57 22.46
CA GLY A 250 22.11 39.21 21.23
C GLY A 250 22.30 38.19 20.10
N TYR A 251 22.76 38.70 18.94
CA TYR A 251 23.00 37.91 17.75
C TYR A 251 24.17 36.97 17.98
N THR A 252 25.20 37.47 18.67
CA THR A 252 26.42 36.72 18.95
C THR A 252 26.13 35.58 19.93
N ASP A 253 25.25 35.84 20.89
CA ASP A 253 24.93 34.91 21.96
C ASP A 253 24.17 33.71 21.42
N VAL A 254 23.36 33.94 20.38
CA VAL A 254 22.51 32.91 19.81
C VAL A 254 23.34 32.00 18.90
N ILE A 255 24.33 32.59 18.22
CA ILE A 255 25.25 31.84 17.38
C ILE A 255 26.00 30.83 18.26
N GLY A 256 26.52 31.32 19.39
CA GLY A 256 27.25 30.50 20.34
C GLY A 256 26.38 29.41 20.95
N ALA A 257 25.12 29.76 21.25
CA ALA A 257 24.17 28.85 21.87
C ALA A 257 23.86 27.68 20.93
N PHE A 258 23.71 27.99 19.64
CA PHE A 258 23.42 26.99 18.62
C PHE A 258 24.64 26.11 18.36
N ALA A 259 25.83 26.72 18.43
CA ALA A 259 27.08 26.05 18.14
C ALA A 259 27.43 25.04 19.22
N ARG A 260 27.09 25.38 20.47
CA ARG A 260 27.40 24.52 21.61
C ARG A 260 26.39 23.38 21.70
N GLY A 261 25.18 23.60 21.16
CA GLY A 261 24.13 22.61 21.16
C GLY A 261 23.10 22.84 22.26
N ASP A 262 22.99 24.08 22.71
CA ASP A 262 22.04 24.48 23.73
C ASP A 262 20.65 24.59 23.10
N VAL A 263 20.62 25.00 21.83
CA VAL A 263 19.39 25.06 21.05
C VAL A 263 19.56 24.21 19.80
N LEU A 264 18.44 23.67 19.31
CA LEU A 264 18.44 22.77 18.17
C LEU A 264 18.26 23.54 16.86
N MET A 265 17.56 24.68 16.95
CA MET A 265 17.25 25.48 15.77
C MET A 265 17.44 26.96 16.09
N THR A 266 17.67 27.76 15.03
CA THR A 266 17.68 29.21 15.12
C THR A 266 17.28 29.81 13.76
N PRO A 267 16.26 30.69 13.71
CA PRO A 267 15.89 31.37 12.46
C PRO A 267 16.78 32.57 12.18
N ASN A 268 17.44 32.54 11.02
CA ASN A 268 18.39 33.59 10.62
C ASN A 268 18.67 33.47 9.13
N GLY A 269 19.39 34.47 8.60
CA GLY A 269 19.79 34.49 7.20
C GLY A 269 20.98 33.58 6.94
N SER A 270 21.35 33.45 5.66
CA SER A 270 22.44 32.60 5.22
C SER A 270 23.79 33.22 5.58
N TRP A 271 23.74 34.44 6.12
CA TRP A 271 24.93 35.23 6.45
C TRP A 271 25.52 34.77 7.79
N ALA A 272 24.81 33.87 8.48
CA ALA A 272 25.11 33.53 9.86
C ALA A 272 26.02 32.32 9.95
N ILE A 273 26.03 31.50 8.89
CA ILE A 273 26.66 30.18 8.95
C ILE A 273 28.19 30.30 9.08
N THR A 274 28.75 31.41 8.56
CA THR A 274 30.19 31.64 8.63
C THR A 274 30.60 31.87 10.08
N ALA A 275 29.73 32.52 10.85
CA ALA A 275 29.97 32.83 12.25
C ALA A 275 29.71 31.59 13.11
N ILE A 276 28.81 30.72 12.63
CA ILE A 276 28.50 29.47 13.32
C ILE A 276 29.65 28.48 13.12
N ASN A 277 30.18 28.43 11.89
CA ASN A 277 31.30 27.57 11.55
C ASN A 277 32.54 28.01 12.33
N GLU A 278 32.61 29.31 12.64
CA GLU A 278 33.72 29.91 13.37
C GLU A 278 33.78 29.35 14.79
N GLN A 279 32.61 29.01 15.34
CA GLN A 279 32.48 28.63 16.74
C GLN A 279 32.80 27.14 16.92
N LYS A 280 33.10 26.46 15.80
CA LYS A 280 33.52 25.06 15.78
C LYS A 280 32.45 24.17 16.41
N PRO A 281 31.35 23.88 15.69
CA PRO A 281 30.28 23.01 16.22
C PRO A 281 30.71 21.54 16.21
N ASN A 282 30.18 20.77 17.18
CA ASN A 282 30.44 19.35 17.26
C ASN A 282 29.27 18.58 16.66
N PHE A 283 28.76 19.09 15.52
CA PHE A 283 27.66 18.48 14.80
C PHE A 283 27.63 19.03 13.37
N LYS A 284 27.00 18.25 12.46
CA LYS A 284 26.77 18.68 11.10
C LYS A 284 25.57 19.62 11.08
N ILE A 285 25.73 20.77 10.41
CA ILE A 285 24.71 21.80 10.34
C ILE A 285 23.84 21.57 9.12
N GLY A 286 22.51 21.69 9.31
CA GLY A 286 21.55 21.65 8.23
C GLY A 286 20.66 22.89 8.22
N THR A 287 19.94 23.08 7.11
CA THR A 287 19.00 24.18 6.97
C THR A 287 17.72 23.69 6.30
N PHE A 288 16.62 24.42 6.53
CA PHE A 288 15.38 24.24 5.80
C PHE A 288 14.63 25.56 5.71
N MET A 289 13.81 25.69 4.65
CA MET A 289 12.98 26.86 4.42
C MET A 289 11.74 26.77 5.30
N ILE A 290 11.22 27.94 5.70
CA ILE A 290 9.96 28.00 6.44
C ILE A 290 8.86 27.44 5.55
N PRO A 291 8.13 26.40 6.01
CA PRO A 291 7.09 25.76 5.18
C PRO A 291 5.84 26.62 5.05
N GLY A 292 4.99 26.26 4.08
CA GLY A 292 3.69 26.89 3.90
C GLY A 292 2.60 26.12 4.64
N LYS A 293 1.34 26.38 4.26
CA LYS A 293 0.19 25.73 4.84
C LYS A 293 0.19 24.26 4.45
N GLU A 294 0.57 23.98 3.19
CA GLU A 294 0.63 22.62 2.66
C GLU A 294 2.00 22.37 2.06
N LYS A 295 2.26 21.10 1.70
CA LYS A 295 3.56 20.67 1.19
C LYS A 295 3.84 21.33 -0.16
N GLY A 296 5.09 21.76 -0.34
CA GLY A 296 5.54 22.38 -1.57
C GLY A 296 5.06 23.82 -1.72
N GLN A 297 4.95 24.53 -0.59
CA GLN A 297 4.53 25.92 -0.58
C GLN A 297 5.54 26.76 0.20
N SER A 298 6.68 26.16 0.52
CA SER A 298 7.75 26.81 1.27
C SER A 298 8.40 27.89 0.40
N LEU A 299 8.82 28.97 1.05
CA LEU A 299 9.44 30.10 0.39
C LEU A 299 10.67 30.55 1.17
N THR A 300 11.53 31.33 0.50
CA THR A 300 12.66 31.99 1.14
C THR A 300 12.68 33.47 0.70
N VAL A 301 13.38 34.29 1.47
CA VAL A 301 13.47 35.73 1.20
C VAL A 301 14.94 36.16 1.26
N GLY A 302 15.26 37.19 0.47
CA GLY A 302 16.60 37.77 0.47
C GLY A 302 16.83 38.69 -0.73
N ALA A 303 18.05 39.24 -0.80
CA ALA A 303 18.50 40.05 -1.92
C ALA A 303 20.01 39.98 -2.02
N GLY A 304 20.61 40.99 -2.66
CA GLY A 304 22.06 41.10 -2.80
C GLY A 304 22.74 41.23 -1.43
N ASP A 305 23.58 40.26 -1.09
CA ASP A 305 24.30 40.24 0.17
C ASP A 305 25.56 41.08 0.02
N LEU A 306 26.59 40.49 -0.61
CA LEU A 306 27.78 41.24 -0.99
C LEU A 306 27.45 42.04 -2.24
N ALA A 307 27.10 43.31 -2.03
CA ALA A 307 26.62 44.19 -3.09
C ALA A 307 27.32 45.54 -2.98
N TRP A 308 27.97 45.95 -4.07
CA TRP A 308 28.87 47.09 -4.07
C TRP A 308 28.36 48.18 -5.00
N SER A 309 28.45 49.43 -4.51
CA SER A 309 28.20 50.61 -5.32
C SER A 309 29.40 51.55 -5.22
N ILE A 310 29.63 52.31 -6.30
CA ILE A 310 30.73 53.27 -6.35
C ILE A 310 30.15 54.67 -6.24
N SER A 311 30.77 55.49 -5.37
CA SER A 311 30.43 56.89 -5.21
C SER A 311 30.67 57.63 -6.53
N ALA A 312 29.75 58.54 -6.88
CA ALA A 312 29.83 59.30 -8.11
C ALA A 312 30.80 60.47 -7.95
N THR A 313 31.02 60.88 -6.70
CA THR A 313 31.85 62.03 -6.39
C THR A 313 33.22 61.57 -5.87
N THR A 314 33.60 60.33 -6.21
CA THR A 314 34.87 59.77 -5.80
C THR A 314 36.01 60.49 -6.52
N LYS A 315 37.09 60.77 -5.77
CA LYS A 315 38.24 61.48 -6.31
C LYS A 315 39.12 60.52 -7.11
N HIS A 316 39.00 59.22 -6.80
CA HIS A 316 39.77 58.19 -7.49
C HIS A 316 38.82 57.17 -8.10
N PRO A 317 38.21 57.46 -9.27
CA PRO A 317 37.21 56.57 -9.88
C PRO A 317 37.81 55.33 -10.54
N LYS A 318 39.05 55.47 -11.06
CA LYS A 318 39.73 54.39 -11.75
C LYS A 318 40.13 53.31 -10.74
N GLU A 319 40.63 53.75 -9.58
CA GLU A 319 41.10 52.85 -8.54
C GLU A 319 39.91 52.12 -7.91
N ALA A 320 38.81 52.85 -7.72
CA ALA A 320 37.60 52.32 -7.10
C ALA A 320 36.97 51.25 -7.98
N ASN A 321 36.99 51.48 -9.30
CA ASN A 321 36.41 50.58 -10.27
C ASN A 321 37.23 49.29 -10.35
N ALA A 322 38.55 49.42 -10.20
CA ALA A 322 39.48 48.30 -10.24
C ALA A 322 39.23 47.37 -9.06
N PHE A 323 38.88 47.97 -7.90
CA PHE A 323 38.61 47.24 -6.68
C PHE A 323 37.35 46.38 -6.84
N VAL A 324 36.34 46.95 -7.50
CA VAL A 324 35.07 46.27 -7.76
C VAL A 324 35.30 45.18 -8.80
N GLU A 325 36.10 45.50 -9.82
CA GLU A 325 36.44 44.58 -10.90
C GLU A 325 37.19 43.37 -10.34
N TYR A 326 37.96 43.60 -9.27
CA TYR A 326 38.77 42.56 -8.65
C TYR A 326 37.87 41.48 -8.04
N MET A 327 36.74 41.92 -7.44
CA MET A 327 35.83 41.04 -6.74
C MET A 327 34.98 40.24 -7.74
N THR A 328 34.94 40.70 -8.99
CA THR A 328 34.19 40.03 -10.05
C THR A 328 34.99 38.87 -10.62
N ARG A 329 36.28 38.79 -10.27
CA ARG A 329 37.16 37.73 -10.75
C ARG A 329 36.79 36.42 -10.05
N PRO A 330 36.66 35.30 -10.78
CA PRO A 330 36.18 34.03 -10.20
C PRO A 330 37.09 33.44 -9.13
N GLU A 331 38.41 33.58 -9.32
CA GLU A 331 39.39 33.03 -8.40
C GLU A 331 39.45 33.87 -7.13
N VAL A 332 39.04 35.14 -7.24
CA VAL A 332 38.96 36.04 -6.10
C VAL A 332 37.63 35.79 -5.38
N MET A 333 36.59 35.51 -6.16
CA MET A 333 35.25 35.29 -5.65
C MET A 333 35.16 33.92 -4.98
N GLN A 334 35.99 32.98 -5.44
CA GLN A 334 36.07 31.64 -4.87
C GLN A 334 36.60 31.75 -3.43
N LYS A 335 37.49 32.72 -3.21
CA LYS A 335 38.09 32.99 -1.91
C LYS A 335 36.99 33.37 -0.92
N TYR A 336 36.02 34.18 -1.39
CA TYR A 336 34.96 34.71 -0.55
C TYR A 336 33.89 33.64 -0.31
N TYR A 337 33.52 32.92 -1.38
CA TYR A 337 32.42 31.96 -1.33
C TYR A 337 32.75 30.79 -0.41
N ASP A 338 34.02 30.34 -0.43
CA ASP A 338 34.45 29.15 0.29
C ASP A 338 34.30 29.37 1.81
N VAL A 339 34.15 30.63 2.21
CA VAL A 339 34.00 30.98 3.62
C VAL A 339 32.54 31.35 3.90
N ASP A 340 31.98 32.23 3.06
CA ASP A 340 30.63 32.76 3.23
C ASP A 340 29.61 31.64 3.03
N GLY A 341 29.36 31.29 1.75
CA GLY A 341 28.50 30.16 1.43
C GLY A 341 27.26 30.57 0.63
N SER A 342 26.87 31.85 0.72
CA SER A 342 25.70 32.36 0.03
C SER A 342 25.89 32.22 -1.49
N PRO A 343 24.83 31.83 -2.23
CA PRO A 343 24.92 31.66 -3.69
C PRO A 343 25.44 32.92 -4.37
N THR A 344 26.36 32.72 -5.33
CA THR A 344 27.00 33.82 -6.04
C THR A 344 26.42 33.91 -7.45
N ALA A 345 26.41 35.13 -7.99
CA ALA A 345 25.93 35.40 -9.33
C ALA A 345 27.11 35.54 -10.28
N ILE A 346 28.33 35.47 -9.72
CA ILE A 346 29.56 35.61 -10.47
C ILE A 346 29.85 34.31 -11.21
N GLU A 347 30.27 34.45 -12.47
CA GLU A 347 30.57 33.31 -13.34
C GLU A 347 31.93 32.72 -12.97
N GLY A 348 32.06 31.40 -13.16
CA GLY A 348 33.32 30.70 -13.03
C GLY A 348 33.63 30.26 -11.60
N VAL A 349 32.63 30.36 -10.71
CA VAL A 349 32.80 29.98 -9.32
C VAL A 349 32.14 28.62 -9.11
N LYS A 350 32.93 27.68 -8.59
CA LYS A 350 32.45 26.35 -8.27
C LYS A 350 31.70 26.40 -6.94
N GLN A 351 30.38 26.20 -7.00
CA GLN A 351 29.53 26.25 -5.83
C GLN A 351 29.34 24.85 -5.26
N ALA A 352 29.06 24.78 -3.95
CA ALA A 352 28.88 23.53 -3.24
C ALA A 352 27.59 22.85 -3.68
N GLY A 353 27.55 21.51 -3.54
CA GLY A 353 26.44 20.70 -4.01
C GLY A 353 25.27 20.71 -3.03
N GLU A 354 24.43 19.67 -3.13
CA GLU A 354 23.22 19.55 -2.34
C GLU A 354 23.53 18.95 -0.97
N ASP A 355 24.83 18.70 -0.72
CA ASP A 355 25.29 18.16 0.55
C ASP A 355 25.71 19.30 1.48
N SER A 356 25.69 20.53 0.94
CA SER A 356 26.11 21.73 1.67
C SER A 356 25.15 22.01 2.82
N PRO A 357 25.64 22.61 3.94
CA PRO A 357 24.79 22.96 5.08
C PRO A 357 23.73 24.03 4.76
N LEU A 358 24.02 24.88 3.77
CA LEU A 358 23.13 25.97 3.40
C LEU A 358 22.15 25.54 2.31
N ALA A 359 22.24 24.26 1.90
CA ALA A 359 21.48 23.73 0.79
C ALA A 359 19.99 24.01 0.97
N GLY A 360 19.43 23.51 2.09
CA GLY A 360 18.00 23.56 2.35
C GLY A 360 17.44 24.98 2.37
N MET A 361 18.33 25.97 2.57
CA MET A 361 17.93 27.36 2.68
C MET A 361 18.06 28.05 1.33
N THR A 362 19.09 27.68 0.57
CA THR A 362 19.52 28.45 -0.59
C THR A 362 19.33 27.67 -1.89
N GLU A 363 18.57 26.56 -1.83
CA GLU A 363 18.35 25.71 -2.99
C GLU A 363 17.60 26.47 -4.08
N TYR A 364 16.57 27.23 -3.68
CA TYR A 364 15.68 27.88 -4.61
C TYR A 364 16.13 29.32 -4.88
N ALA A 365 17.44 29.56 -4.81
CA ALA A 365 18.00 30.86 -5.16
C ALA A 365 17.84 31.08 -6.67
N PHE A 366 17.48 32.33 -7.03
CA PHE A 366 17.30 32.75 -8.40
C PHE A 366 16.13 32.01 -9.07
N THR A 367 15.14 31.62 -8.26
CA THR A 367 13.93 31.01 -8.78
C THR A 367 12.72 31.79 -8.28
N ASP A 368 11.52 31.22 -8.50
CA ASP A 368 10.26 31.86 -8.12
C ASP A 368 10.04 31.77 -6.62
N ARG A 369 10.72 30.80 -5.98
CA ARG A 369 10.55 30.50 -4.57
C ARG A 369 11.35 31.48 -3.72
N HIS A 370 12.27 32.22 -4.35
CA HIS A 370 13.05 33.24 -3.68
C HIS A 370 12.51 34.61 -4.04
N LEU A 371 11.87 35.27 -3.07
CA LEU A 371 11.30 36.60 -3.27
C LEU A 371 12.19 37.65 -2.59
N VAL A 372 12.18 38.86 -3.15
CA VAL A 372 12.98 39.97 -2.66
C VAL A 372 12.38 40.44 -1.34
N TRP A 373 13.25 41.01 -0.47
CA TRP A 373 12.83 41.65 0.77
C TRP A 373 11.64 42.56 0.49
N LEU A 374 10.66 42.53 1.40
CA LEU A 374 9.42 43.26 1.23
C LEU A 374 9.64 44.76 1.43
N GLN A 375 10.74 45.13 2.07
CA GLN A 375 11.06 46.53 2.36
C GLN A 375 11.63 47.21 1.12
N GLN A 376 11.53 46.53 -0.04
CA GLN A 376 11.90 47.10 -1.32
C GLN A 376 10.90 48.17 -1.71
N TYR A 377 9.68 48.08 -1.17
CA TYR A 377 8.60 49.00 -1.48
C TYR A 377 8.07 49.65 -0.20
N TRP A 378 8.88 49.63 0.86
CA TRP A 378 8.55 50.32 2.11
C TRP A 378 9.43 51.55 2.26
N THR A 379 9.14 52.36 3.29
CA THR A 379 9.92 53.55 3.60
C THR A 379 10.98 53.23 4.64
N SER A 380 10.65 52.29 5.55
CA SER A 380 11.59 51.79 6.54
C SER A 380 11.26 50.33 6.86
N GLU A 381 12.04 49.74 7.78
CA GLU A 381 11.87 48.34 8.15
C GLU A 381 12.07 48.16 9.65
N ALA A 382 12.63 49.18 10.31
CA ALA A 382 13.02 49.12 11.71
C ALA A 382 11.82 48.78 12.59
N ASP A 383 10.67 49.40 12.31
CA ASP A 383 9.47 49.24 13.13
C ASP A 383 8.84 47.87 12.90
N PHE A 384 9.08 47.29 11.71
CA PHE A 384 8.56 45.96 11.39
C PHE A 384 9.29 44.91 12.22
N HIS A 385 10.57 45.16 12.50
CA HIS A 385 11.37 44.32 13.36
C HIS A 385 10.81 44.37 14.78
N THR A 386 10.50 45.59 15.24
CA THR A 386 10.01 45.86 16.58
C THR A 386 8.72 45.08 16.84
N LEU A 387 7.73 45.26 15.95
CA LEU A 387 6.40 44.69 16.13
C LEU A 387 6.45 43.16 16.02
N THR A 388 7.43 42.65 15.28
CA THR A 388 7.63 41.21 15.13
C THR A 388 8.11 40.62 16.45
N MET A 389 9.13 41.27 17.03
CA MET A 389 9.78 40.78 18.24
C MET A 389 8.88 41.05 19.46
N ASN A 390 8.14 42.17 19.40
CA ASN A 390 7.25 42.56 20.48
C ASN A 390 6.18 41.49 20.70
N TYR A 391 5.72 40.87 19.61
CA TYR A 391 4.71 39.83 19.69
C TYR A 391 5.28 38.58 20.34
N VAL A 392 6.55 38.26 20.03
CA VAL A 392 7.23 37.11 20.58
C VAL A 392 7.42 37.32 22.09
N LEU A 393 7.50 38.60 22.49
CA LEU A 393 7.70 38.98 23.88
C LEU A 393 6.36 39.00 24.62
N THR A 394 5.31 39.50 23.94
CA THR A 394 4.04 39.75 24.60
C THR A 394 3.02 38.69 24.22
N GLY A 395 2.67 38.63 22.93
CA GLY A 395 1.62 37.75 22.44
C GLY A 395 0.32 38.52 22.21
N ASP A 396 0.44 39.85 22.19
CA ASP A 396 -0.69 40.74 21.95
C ASP A 396 -1.01 40.75 20.46
N LYS A 397 -2.08 40.03 20.11
CA LYS A 397 -2.45 39.80 18.72
C LYS A 397 -3.06 41.08 18.12
N GLN A 398 -3.89 41.77 18.91
CA GLN A 398 -4.50 43.02 18.49
C GLN A 398 -3.43 44.12 18.47
N GLY A 399 -2.51 44.06 19.44
CA GLY A 399 -1.43 45.03 19.56
C GLY A 399 -0.50 45.00 18.34
N MET A 400 -0.28 43.81 17.79
CA MET A 400 0.55 43.62 16.61
C MET A 400 -0.16 44.21 15.39
N VAL A 401 -1.48 44.02 15.33
CA VAL A 401 -2.30 44.54 14.24
C VAL A 401 -2.25 46.05 14.26
N ASN A 402 -2.31 46.63 15.48
CA ASN A 402 -2.23 48.07 15.67
C ASN A 402 -0.88 48.58 15.18
N ASP A 403 0.19 47.85 15.53
CA ASP A 403 1.55 48.22 15.16
C ASP A 403 1.71 48.20 13.64
N LEU A 404 1.12 47.17 13.00
CA LEU A 404 1.23 46.98 11.56
C LEU A 404 0.54 48.13 10.84
N ASN A 405 -0.66 48.50 11.32
CA ASN A 405 -1.44 49.58 10.73
C ASN A 405 -0.71 50.92 10.95
N ALA A 406 -0.13 51.09 12.14
CA ALA A 406 0.60 52.30 12.49
C ALA A 406 1.85 52.46 11.64
N PHE A 407 2.37 51.33 11.15
CA PHE A 407 3.62 51.30 10.40
C PHE A 407 3.38 51.56 8.92
N PHE A 408 2.25 51.06 8.40
CA PHE A 408 2.01 51.02 6.97
C PHE A 408 1.14 52.19 6.51
N ASN A 409 0.39 52.80 7.44
CA ASN A 409 -0.50 53.90 7.11
C ASN A 409 0.28 55.09 6.55
N PRO A 410 1.40 55.52 7.18
CA PRO A 410 2.20 56.64 6.65
C PRO A 410 2.70 56.44 5.21
N MET A 411 2.80 55.17 4.79
CA MET A 411 3.32 54.83 3.47
C MET A 411 2.20 54.93 2.43
N LYS A 412 0.96 54.61 2.86
CA LYS A 412 -0.20 54.62 1.99
C LYS A 412 -0.66 56.06 1.78
N ALA A 413 -0.63 56.86 2.86
CA ALA A 413 -1.03 58.26 2.83
C ALA A 413 0.13 59.11 2.28
N THR B 30 -1.24 41.49 -47.61
CA THR B 30 -0.88 41.12 -46.20
C THR B 30 0.38 40.26 -46.20
N VAL B 31 1.09 40.29 -45.06
CA VAL B 31 2.38 39.64 -44.90
C VAL B 31 2.14 38.25 -44.30
N THR B 32 2.90 37.26 -44.79
CA THR B 32 2.83 35.90 -44.28
C THR B 32 4.21 35.47 -43.76
N ILE B 33 4.25 35.02 -42.51
CA ILE B 33 5.47 34.55 -41.88
C ILE B 33 5.29 33.07 -41.50
N GLU B 34 6.42 32.42 -41.19
CA GLU B 34 6.44 31.00 -40.88
C GLU B 34 6.95 30.80 -39.44
N TYR B 35 6.25 29.94 -38.70
CA TYR B 35 6.77 29.39 -37.46
C TYR B 35 7.04 27.90 -37.64
N PHE B 36 8.31 27.52 -37.43
CA PHE B 36 8.73 26.12 -37.48
C PHE B 36 8.62 25.53 -36.09
N ASN B 37 7.74 24.53 -35.93
CA ASN B 37 7.42 23.95 -34.64
C ASN B 37 8.13 22.60 -34.48
N GLN B 38 8.65 22.36 -33.27
CA GLN B 38 9.25 21.08 -32.91
C GLN B 38 8.45 20.44 -31.78
N LYS B 39 7.48 21.20 -31.25
CA LYS B 39 6.59 20.73 -30.19
C LYS B 39 5.33 20.16 -30.81
N LYS B 40 5.37 18.85 -31.11
CA LYS B 40 4.30 18.17 -31.83
C LYS B 40 3.09 17.98 -30.93
N GLU B 41 3.32 17.93 -29.61
CA GLU B 41 2.29 17.64 -28.64
C GLU B 41 1.40 18.86 -28.42
N MET B 42 1.97 20.05 -28.65
CA MET B 42 1.33 21.30 -28.28
C MET B 42 0.84 22.05 -29.52
N THR B 43 0.67 21.33 -30.63
CA THR B 43 0.31 21.91 -31.92
C THR B 43 -1.03 22.63 -31.81
N LYS B 44 -2.01 21.99 -31.15
CA LYS B 44 -3.38 22.49 -31.09
C LYS B 44 -3.43 23.84 -30.38
N THR B 45 -2.74 23.93 -29.23
CA THR B 45 -2.76 25.13 -28.40
C THR B 45 -2.01 26.26 -29.11
N LEU B 46 -0.89 25.92 -29.75
CA LEU B 46 -0.05 26.88 -30.45
C LEU B 46 -0.80 27.47 -31.64
N GLU B 47 -1.69 26.65 -32.23
CA GLU B 47 -2.51 27.07 -33.35
C GLU B 47 -3.57 28.07 -32.88
N GLU B 48 -4.09 27.84 -31.66
CA GLU B 48 -5.08 28.71 -31.05
C GLU B 48 -4.45 30.06 -30.72
N ILE B 49 -3.22 30.02 -30.23
CA ILE B 49 -2.45 31.21 -29.88
C ILE B 49 -2.15 32.00 -31.16
N THR B 50 -1.86 31.28 -32.25
CA THR B 50 -1.58 31.87 -33.54
C THR B 50 -2.85 32.51 -34.11
N ARG B 51 -3.98 31.82 -33.93
CA ARG B 51 -5.27 32.29 -34.41
C ARG B 51 -5.64 33.60 -33.72
N ASP B 52 -5.45 33.64 -32.40
CA ASP B 52 -5.77 34.80 -31.58
C ASP B 52 -4.89 35.98 -32.00
N PHE B 53 -3.64 35.68 -32.38
CA PHE B 53 -2.68 36.67 -32.82
C PHE B 53 -3.12 37.27 -34.15
N GLU B 54 -3.69 36.41 -35.01
CA GLU B 54 -4.13 36.80 -36.35
C GLU B 54 -5.34 37.72 -36.28
N LYS B 55 -6.17 37.51 -35.24
CA LYS B 55 -7.38 38.29 -35.04
C LYS B 55 -7.01 39.69 -34.55
N GLU B 56 -5.91 39.78 -33.80
CA GLU B 56 -5.44 41.03 -33.23
C GLU B 56 -4.54 41.75 -34.23
N ASN B 57 -3.92 40.98 -35.13
CA ASN B 57 -3.06 41.51 -36.17
C ASN B 57 -3.55 41.01 -37.53
N PRO B 58 -4.56 41.69 -38.13
CA PRO B 58 -5.18 41.21 -39.37
C PRO B 58 -4.26 41.22 -40.59
N LYS B 59 -3.19 42.01 -40.52
CA LYS B 59 -2.25 42.17 -41.63
C LYS B 59 -1.20 41.07 -41.59
N ILE B 60 -1.19 40.28 -40.50
CA ILE B 60 -0.18 39.26 -40.29
C ILE B 60 -0.87 37.89 -40.22
N LYS B 61 -0.37 36.95 -41.04
CA LYS B 61 -0.79 35.56 -41.00
C LYS B 61 0.45 34.69 -40.74
N VAL B 62 0.32 33.77 -39.78
CA VAL B 62 1.44 32.92 -39.38
C VAL B 62 1.09 31.47 -39.74
N LYS B 63 2.04 30.80 -40.43
CA LYS B 63 1.88 29.42 -40.82
C LYS B 63 2.71 28.53 -39.89
N VAL B 64 2.02 27.70 -39.10
CA VAL B 64 2.68 26.77 -38.20
C VAL B 64 3.04 25.51 -38.96
N VAL B 65 4.32 25.14 -38.92
CA VAL B 65 4.84 24.03 -39.70
C VAL B 65 5.18 22.87 -38.75
N ASN B 66 4.51 21.74 -38.96
CA ASN B 66 4.81 20.49 -38.27
C ASN B 66 5.13 19.43 -39.32
N VAL B 67 6.42 19.11 -39.44
CA VAL B 67 6.90 18.14 -40.41
C VAL B 67 7.58 16.99 -39.69
N PRO B 68 7.40 15.73 -40.15
CA PRO B 68 8.08 14.57 -39.55
C PRO B 68 9.59 14.75 -39.57
N ASN B 69 10.24 14.38 -38.46
CA ASN B 69 11.68 14.49 -38.28
C ASN B 69 12.10 15.96 -38.49
N ALA B 70 11.54 16.84 -37.65
CA ALA B 70 11.69 18.27 -37.78
C ALA B 70 13.12 18.70 -37.41
N GLY B 71 13.79 17.90 -36.57
CA GLY B 71 15.14 18.17 -36.15
C GLY B 71 16.13 18.14 -37.30
N GLU B 72 16.00 17.12 -38.16
CA GLU B 72 16.90 16.91 -39.28
C GLU B 72 16.51 17.83 -40.44
N VAL B 73 15.22 18.15 -40.53
CA VAL B 73 14.69 19.00 -41.59
C VAL B 73 15.18 20.43 -41.37
N LEU B 74 15.24 20.85 -40.10
CA LEU B 74 15.67 22.20 -39.74
C LEU B 74 17.13 22.39 -40.15
N LYS B 75 17.97 21.38 -39.87
CA LYS B 75 19.38 21.42 -40.20
C LYS B 75 19.57 21.56 -41.70
N THR B 76 18.82 20.76 -42.46
CA THR B 76 18.90 20.72 -43.92
C THR B 76 18.51 22.09 -44.50
N ARG B 77 17.45 22.68 -43.94
CA ARG B 77 16.91 23.94 -44.44
C ARG B 77 17.82 25.11 -44.07
N VAL B 78 18.35 25.10 -42.85
CA VAL B 78 19.17 26.19 -42.33
C VAL B 78 20.51 26.22 -43.08
N LEU B 79 21.06 25.03 -43.36
CA LEU B 79 22.31 24.91 -44.09
C LEU B 79 22.10 25.33 -45.54
N ALA B 80 20.88 25.16 -46.04
CA ALA B 80 20.51 25.50 -47.41
C ALA B 80 20.33 27.01 -47.55
N GLY B 81 20.06 27.68 -46.42
CA GLY B 81 19.86 29.12 -46.41
C GLY B 81 18.37 29.49 -46.42
N ASP B 82 17.51 28.47 -46.25
CA ASP B 82 16.08 28.66 -46.18
C ASP B 82 15.64 28.57 -44.72
N VAL B 83 15.88 29.66 -43.98
CA VAL B 83 15.61 29.73 -42.56
C VAL B 83 14.18 30.22 -42.35
N PRO B 84 13.36 29.51 -41.54
CA PRO B 84 12.02 29.99 -41.17
C PRO B 84 12.10 31.29 -40.39
N ASP B 85 11.00 32.06 -40.43
CA ASP B 85 10.93 33.37 -39.80
C ASP B 85 11.13 33.22 -38.28
N VAL B 86 10.31 32.37 -37.66
CA VAL B 86 10.42 32.05 -36.25
C VAL B 86 10.70 30.55 -36.13
N VAL B 87 11.77 30.21 -35.38
CA VAL B 87 12.27 28.85 -35.30
C VAL B 87 12.15 28.35 -33.86
N ASN B 88 11.61 27.14 -33.71
CA ASN B 88 11.64 26.43 -32.45
C ASN B 88 12.93 25.63 -32.38
N ILE B 89 13.96 26.23 -31.77
CA ILE B 89 15.25 25.59 -31.59
C ILE B 89 15.58 25.55 -30.10
N TYR B 90 16.11 24.41 -29.65
CA TYR B 90 16.47 24.20 -28.26
C TYR B 90 17.81 24.89 -27.98
N PRO B 91 17.86 25.83 -27.01
CA PRO B 91 18.97 26.80 -26.92
C PRO B 91 20.29 26.25 -26.37
N GLN B 92 20.28 24.98 -25.97
CA GLN B 92 21.47 24.33 -25.43
C GLN B 92 22.21 23.61 -26.56
N SER B 93 21.50 23.37 -27.67
CA SER B 93 21.98 22.55 -28.77
C SER B 93 23.22 23.18 -29.41
N ILE B 94 24.04 22.32 -30.03
CA ILE B 94 25.22 22.74 -30.79
C ILE B 94 24.76 23.52 -32.02
N GLU B 95 23.51 23.29 -32.42
CA GLU B 95 22.92 23.91 -33.60
C GLU B 95 22.87 25.43 -33.43
N LEU B 96 22.32 25.89 -32.30
CA LEU B 96 22.20 27.31 -32.02
C LEU B 96 23.59 27.90 -31.78
N GLN B 97 24.48 27.10 -31.18
CA GLN B 97 25.85 27.53 -30.88
C GLN B 97 26.61 27.82 -32.18
N GLU B 98 26.30 27.04 -33.23
CA GLU B 98 26.96 27.17 -34.51
C GLU B 98 26.32 28.27 -35.34
N TRP B 99 24.97 28.28 -35.38
CA TRP B 99 24.23 29.12 -36.31
C TRP B 99 24.20 30.58 -35.84
N ALA B 100 24.25 30.78 -34.52
CA ALA B 100 24.24 32.12 -33.95
C ALA B 100 25.56 32.84 -34.24
N LYS B 101 26.65 32.05 -34.33
CA LYS B 101 27.97 32.59 -34.62
C LYS B 101 28.10 32.89 -36.11
N ALA B 102 27.16 32.36 -36.91
CA ALA B 102 27.15 32.53 -38.35
C ALA B 102 26.26 33.72 -38.74
N GLY B 103 25.49 34.21 -37.76
CA GLY B 103 24.58 35.33 -37.98
C GLY B 103 23.30 34.90 -38.68
N VAL B 104 22.83 33.69 -38.34
CA VAL B 104 21.61 33.14 -38.90
C VAL B 104 20.42 33.70 -38.13
N PHE B 105 20.61 33.94 -36.83
CA PHE B 105 19.55 34.39 -35.95
C PHE B 105 19.77 35.83 -35.50
N GLU B 106 18.67 36.51 -35.16
CA GLU B 106 18.68 37.92 -34.78
C GLU B 106 19.18 38.06 -33.34
N ASP B 107 19.95 39.12 -33.10
CA ASP B 107 20.43 39.47 -31.77
C ASP B 107 19.27 40.07 -30.98
N LEU B 108 18.84 39.36 -29.93
CA LEU B 108 17.63 39.69 -29.20
C LEU B 108 17.99 40.36 -27.86
N SER B 109 19.28 40.64 -27.66
CA SER B 109 19.81 41.09 -26.38
C SER B 109 19.08 42.32 -25.86
N ASN B 110 18.81 43.28 -26.76
CA ASN B 110 18.26 44.56 -26.37
C ASN B 110 16.78 44.66 -26.73
N LYS B 111 16.11 43.52 -26.84
CA LYS B 111 14.69 43.48 -27.10
C LYS B 111 13.93 43.79 -25.81
N ASP B 112 12.78 44.46 -25.96
CA ASP B 112 12.02 44.99 -24.85
C ASP B 112 11.29 43.86 -24.12
N TYR B 113 10.86 42.85 -24.88
CA TYR B 113 10.04 41.77 -24.36
C TYR B 113 10.91 40.74 -23.63
N LEU B 114 12.23 40.87 -23.76
CA LEU B 114 13.17 39.93 -23.17
C LEU B 114 13.24 40.14 -21.66
N LYS B 115 12.77 41.30 -21.20
CA LYS B 115 12.78 41.65 -19.79
C LYS B 115 11.58 41.04 -19.09
N ARG B 116 10.91 40.09 -19.76
CA ARG B 116 9.81 39.32 -19.20
C ARG B 116 10.30 37.92 -18.83
N VAL B 117 11.53 37.61 -19.22
CA VAL B 117 12.16 36.33 -18.88
C VAL B 117 12.81 36.48 -17.51
N LYS B 118 12.28 35.73 -16.53
CA LYS B 118 12.66 35.84 -15.13
C LYS B 118 14.06 35.24 -14.93
N ASN B 119 14.85 35.92 -14.09
CA ASN B 119 16.09 35.42 -13.51
C ASN B 119 17.15 35.17 -14.60
N GLY B 120 17.04 35.91 -15.71
CA GLY B 120 18.01 35.87 -16.78
C GLY B 120 18.25 34.46 -17.32
N TYR B 121 17.16 33.76 -17.64
CA TYR B 121 17.22 32.40 -18.15
C TYR B 121 17.55 32.41 -19.64
N ALA B 122 17.37 33.58 -20.27
CA ALA B 122 17.71 33.76 -21.67
C ALA B 122 19.21 33.95 -21.83
N GLU B 123 19.82 34.65 -20.86
CA GLU B 123 21.25 34.93 -20.86
C GLU B 123 22.02 33.67 -20.45
N LYS B 124 21.30 32.63 -20.02
CA LYS B 124 21.88 31.36 -19.64
C LYS B 124 22.42 30.64 -20.88
N TYR B 125 21.77 30.87 -22.02
CA TYR B 125 22.17 30.25 -23.28
C TYR B 125 22.69 31.29 -24.26
N ALA B 126 23.33 32.34 -23.70
CA ALA B 126 23.86 33.42 -24.51
C ALA B 126 25.10 32.95 -25.26
N VAL B 127 25.18 33.32 -26.55
CA VAL B 127 26.29 32.95 -27.41
C VAL B 127 27.10 34.22 -27.72
N ASN B 128 28.35 34.22 -27.27
CA ASN B 128 29.25 35.37 -27.35
C ASN B 128 28.68 36.53 -26.54
N GLU B 129 28.06 36.18 -25.40
CA GLU B 129 27.48 37.12 -24.45
C GLU B 129 26.34 37.92 -25.10
N LYS B 130 25.63 37.27 -26.05
CA LYS B 130 24.48 37.87 -26.71
C LYS B 130 23.36 36.84 -26.79
N VAL B 131 22.12 37.31 -26.64
CA VAL B 131 20.94 36.45 -26.56
C VAL B 131 20.38 36.27 -27.97
N TYR B 132 20.10 35.00 -28.32
CA TYR B 132 19.61 34.65 -29.65
C TYR B 132 18.34 33.81 -29.54
N ASN B 133 17.95 33.46 -28.31
CA ASN B 133 16.82 32.57 -28.08
C ASN B 133 16.01 33.06 -26.88
N VAL B 134 14.69 32.97 -27.00
CA VAL B 134 13.78 33.32 -25.92
C VAL B 134 13.19 32.03 -25.34
N PRO B 135 13.80 31.47 -24.26
CA PRO B 135 13.33 30.23 -23.67
C PRO B 135 12.12 30.49 -22.76
N PHE B 136 10.93 30.29 -23.32
CA PHE B 136 9.67 30.57 -22.64
C PHE B 136 9.49 29.60 -21.48
N THR B 137 9.75 28.32 -21.74
CA THR B 137 9.63 27.26 -20.75
C THR B 137 10.88 26.39 -20.77
N ALA B 138 11.05 25.59 -19.72
CA ALA B 138 12.13 24.62 -19.64
C ALA B 138 11.54 23.23 -19.42
N ASN B 139 12.15 22.22 -20.05
CA ASN B 139 11.73 20.84 -19.90
C ASN B 139 12.48 20.19 -18.74
N ALA B 140 11.93 19.09 -18.23
CA ALA B 140 12.56 18.29 -17.19
C ALA B 140 12.35 16.81 -17.51
N TYR B 141 13.10 15.95 -16.83
CA TYR B 141 13.02 14.51 -17.05
C TYR B 141 12.88 13.78 -15.70
N GLY B 142 12.01 12.77 -15.68
CA GLY B 142 11.79 11.95 -14.50
C GLY B 142 11.03 10.67 -14.84
N ILE B 143 10.34 10.13 -13.83
CA ILE B 143 9.55 8.92 -13.98
C ILE B 143 8.09 9.24 -13.64
N TYR B 144 7.20 9.06 -14.62
CA TYR B 144 5.77 9.14 -14.39
C TYR B 144 5.31 7.88 -13.67
N TYR B 145 4.37 8.04 -12.72
CA TYR B 145 3.88 6.90 -11.96
C TYR B 145 2.39 7.06 -11.65
N ASN B 146 1.76 5.93 -11.33
CA ASN B 146 0.35 5.86 -10.96
C ASN B 146 0.25 6.07 -9.45
N LYS B 147 -0.40 7.17 -9.04
CA LYS B 147 -0.55 7.51 -7.63
C LYS B 147 -1.53 6.56 -6.96
N ASP B 148 -2.55 6.13 -7.71
CA ASP B 148 -3.61 5.28 -7.20
C ASP B 148 -3.06 3.88 -6.89
N LYS B 149 -2.33 3.31 -7.86
CA LYS B 149 -1.84 1.94 -7.77
C LYS B 149 -0.70 1.84 -6.76
N PHE B 150 0.09 2.92 -6.65
CA PHE B 150 1.19 2.99 -5.70
C PHE B 150 0.64 2.98 -4.27
N GLU B 151 -0.44 3.73 -4.05
CA GLU B 151 -1.10 3.78 -2.75
C GLU B 151 -1.80 2.45 -2.48
N GLU B 152 -2.39 1.87 -3.54
CA GLU B 152 -3.17 0.64 -3.47
C GLU B 152 -2.28 -0.52 -3.06
N LEU B 153 -1.06 -0.57 -3.62
CA LEU B 153 -0.13 -1.66 -3.35
C LEU B 153 0.81 -1.28 -2.22
N GLY B 154 0.68 -0.04 -1.73
CA GLY B 154 1.47 0.47 -0.61
C GLY B 154 2.95 0.63 -0.97
N LEU B 155 3.20 1.27 -2.12
CA LEU B 155 4.56 1.50 -2.60
C LEU B 155 4.90 2.98 -2.46
N LYS B 156 6.13 3.25 -2.03
CA LYS B 156 6.61 4.61 -1.81
C LYS B 156 7.59 4.99 -2.91
N VAL B 157 7.81 6.31 -3.05
CA VAL B 157 8.75 6.86 -4.02
C VAL B 157 10.17 6.50 -3.57
N PRO B 158 11.01 5.94 -4.47
CA PRO B 158 12.40 5.60 -4.12
C PRO B 158 13.29 6.83 -3.95
N GLU B 159 14.22 6.73 -3.00
CA GLU B 159 15.13 7.82 -2.68
C GLU B 159 16.55 7.47 -3.10
N THR B 160 16.78 6.18 -3.36
CA THR B 160 18.08 5.67 -3.80
C THR B 160 17.89 4.75 -5.00
N TRP B 161 19.02 4.28 -5.57
CA TRP B 161 19.00 3.31 -6.64
C TRP B 161 18.43 1.99 -6.14
N ASP B 162 18.90 1.55 -4.97
CA ASP B 162 18.54 0.29 -4.36
C ASP B 162 17.03 0.21 -4.13
N GLU B 163 16.44 1.36 -3.77
CA GLU B 163 15.02 1.45 -3.48
C GLU B 163 14.22 1.38 -4.79
N PHE B 164 14.79 1.93 -5.86
CA PHE B 164 14.17 1.94 -7.17
C PHE B 164 14.25 0.54 -7.79
N GLU B 165 15.36 -0.16 -7.48
CA GLU B 165 15.59 -1.53 -7.93
C GLU B 165 14.58 -2.46 -7.25
N GLN B 166 14.33 -2.21 -5.97
CA GLN B 166 13.45 -3.03 -5.15
C GLN B 166 11.99 -2.77 -5.53
N LEU B 167 11.68 -1.51 -5.86
CA LEU B 167 10.33 -1.09 -6.20
C LEU B 167 9.84 -1.88 -7.41
N VAL B 168 10.69 -1.96 -8.44
CA VAL B 168 10.36 -2.59 -9.71
C VAL B 168 10.13 -4.08 -9.50
N LYS B 169 10.98 -4.71 -8.69
CA LYS B 169 10.88 -6.13 -8.37
C LYS B 169 9.59 -6.39 -7.60
N ASP B 170 9.19 -5.42 -6.77
CA ASP B 170 8.00 -5.52 -5.94
C ASP B 170 6.74 -5.41 -6.79
N ILE B 171 6.80 -4.59 -7.84
CA ILE B 171 5.67 -4.38 -8.74
C ILE B 171 5.44 -5.65 -9.56
N VAL B 172 6.53 -6.29 -9.97
CA VAL B 172 6.49 -7.56 -10.69
C VAL B 172 5.88 -8.62 -9.77
N ALA B 173 6.30 -8.62 -8.52
CA ALA B 173 5.85 -9.58 -7.52
C ALA B 173 4.38 -9.35 -7.17
N LYS B 174 3.94 -8.09 -7.28
CA LYS B 174 2.57 -7.71 -6.94
C LYS B 174 1.61 -8.15 -8.05
N GLY B 175 2.13 -8.25 -9.28
CA GLY B 175 1.35 -8.68 -10.43
C GLY B 175 1.03 -7.51 -11.36
N GLN B 176 2.00 -6.62 -11.54
CA GLN B 176 1.86 -5.47 -12.42
C GLN B 176 3.11 -5.33 -13.29
N THR B 177 2.99 -4.51 -14.35
CA THR B 177 4.12 -4.18 -15.20
C THR B 177 4.62 -2.78 -14.83
N PRO B 178 5.86 -2.67 -14.29
CA PRO B 178 6.40 -1.37 -13.85
C PRO B 178 6.51 -0.34 -14.96
N PHE B 179 7.16 -0.72 -16.07
CA PHE B 179 7.58 0.25 -17.07
C PHE B 179 6.88 0.04 -18.41
N GLY B 180 6.52 1.17 -19.03
CA GLY B 180 6.20 1.23 -20.45
C GLY B 180 7.35 1.85 -21.22
N ILE B 181 8.09 1.00 -21.96
CA ILE B 181 9.31 1.42 -22.64
C ILE B 181 9.06 1.43 -24.14
N ALA B 182 9.41 2.55 -24.79
CA ALA B 182 9.32 2.70 -26.22
C ALA B 182 10.63 2.29 -26.87
N GLY B 183 10.73 1.01 -27.23
CA GLY B 183 11.96 0.44 -27.77
C GLY B 183 12.23 0.89 -29.21
N ALA B 184 11.22 1.49 -29.84
CA ALA B 184 11.33 1.97 -31.21
C ALA B 184 11.78 3.43 -31.23
N ASP B 185 11.60 4.11 -30.09
CA ASP B 185 11.96 5.52 -29.95
C ASP B 185 13.02 5.66 -28.86
N ALA B 186 14.29 5.60 -29.28
CA ALA B 186 15.43 5.53 -28.38
C ALA B 186 15.66 6.87 -27.67
N TRP B 187 15.12 7.95 -28.26
CA TRP B 187 15.29 9.30 -27.75
C TRP B 187 14.57 9.48 -26.42
N THR B 188 13.64 8.57 -26.12
CA THR B 188 12.79 8.66 -24.94
C THR B 188 13.58 8.34 -23.67
N LEU B 189 14.70 7.61 -23.83
CA LEU B 189 15.51 7.19 -22.70
C LEU B 189 16.79 8.03 -22.63
N ASN B 190 16.81 9.16 -23.36
CA ASN B 190 17.97 10.04 -23.40
C ASN B 190 18.23 10.60 -22.00
N GLY B 191 17.15 11.08 -21.37
CA GLY B 191 17.24 11.68 -20.04
C GLY B 191 17.62 10.66 -18.96
N TYR B 192 17.23 9.40 -19.18
CA TYR B 192 17.42 8.34 -18.21
C TYR B 192 18.90 8.02 -18.07
N ASN B 193 19.57 7.81 -19.21
CA ASN B 193 20.97 7.40 -19.24
C ASN B 193 21.87 8.58 -18.87
N GLN B 194 21.44 9.80 -19.22
CA GLN B 194 22.18 11.00 -18.89
C GLN B 194 22.19 11.20 -17.37
N LEU B 195 21.04 10.94 -16.73
CA LEU B 195 20.90 11.08 -15.30
C LEU B 195 21.51 9.88 -14.59
N ALA B 196 21.71 8.79 -15.33
CA ALA B 196 22.39 7.60 -14.81
C ALA B 196 23.87 7.91 -14.59
N PHE B 197 24.43 8.75 -15.48
CA PHE B 197 25.81 9.19 -15.39
C PHE B 197 25.93 10.33 -14.39
N ALA B 198 24.90 11.21 -14.39
CA ALA B 198 24.92 12.44 -13.60
C ALA B 198 24.90 12.13 -12.10
N THR B 199 24.03 11.21 -11.70
CA THR B 199 23.87 10.85 -10.30
C THR B 199 25.07 10.03 -9.81
N ALA B 200 25.83 9.49 -10.76
CA ALA B 200 26.97 8.63 -10.47
C ALA B 200 28.22 9.47 -10.25
N THR B 201 28.27 10.65 -10.87
CA THR B 201 29.45 11.50 -10.86
C THR B 201 29.29 12.63 -9.84
N GLY B 202 28.07 13.20 -9.78
CA GLY B 202 27.77 14.27 -8.84
C GLY B 202 27.01 15.42 -9.49
N GLY B 203 27.12 15.53 -10.82
CA GLY B 203 26.45 16.58 -11.57
C GLY B 203 26.61 16.39 -13.08
N GLY B 204 26.11 17.39 -13.83
CA GLY B 204 26.16 17.36 -15.28
C GLY B 204 27.56 17.66 -15.82
N LYS B 205 28.26 18.57 -15.14
CA LYS B 205 29.60 18.98 -15.51
C LYS B 205 30.57 17.83 -15.29
N GLU B 206 30.34 17.06 -14.21
CA GLU B 206 31.17 15.93 -13.85
C GLU B 206 30.92 14.77 -14.81
N ALA B 207 29.65 14.63 -15.25
CA ALA B 207 29.24 13.59 -16.17
C ALA B 207 29.91 13.79 -17.52
N ASN B 208 30.04 15.06 -17.94
CA ASN B 208 30.68 15.43 -19.18
C ASN B 208 32.20 15.27 -19.05
N GLN B 209 32.70 15.35 -17.81
CA GLN B 209 34.13 15.27 -17.55
C GLN B 209 34.59 13.81 -17.65
N TYR B 210 33.65 12.87 -17.46
CA TYR B 210 33.93 11.45 -17.56
C TYR B 210 33.75 10.96 -19.00
N LEU B 211 32.77 11.53 -19.70
CA LEU B 211 32.35 11.01 -20.99
C LEU B 211 33.01 11.81 -22.12
N ARG B 212 32.93 13.14 -22.05
CA ARG B 212 33.28 14.00 -23.17
C ARG B 212 34.74 14.46 -23.09
N TYR B 213 35.15 14.96 -21.93
CA TYR B 213 36.43 15.62 -21.79
C TYR B 213 37.48 14.69 -21.18
N SER B 214 37.25 13.38 -21.27
CA SER B 214 38.22 12.39 -20.85
C SER B 214 39.16 12.07 -22.00
N GLN B 215 40.11 11.16 -21.74
CA GLN B 215 41.05 10.71 -22.75
C GLN B 215 40.34 9.75 -23.72
N PRO B 216 40.80 9.65 -24.99
CA PRO B 216 40.26 8.66 -25.93
C PRO B 216 40.37 7.23 -25.38
N ASN B 217 39.25 6.51 -25.39
CA ASN B 217 39.16 5.13 -24.94
C ASN B 217 39.41 5.04 -23.43
N ALA B 218 39.04 6.10 -22.70
CA ALA B 218 39.24 6.15 -21.25
C ALA B 218 38.10 5.43 -20.55
N ILE B 219 36.91 5.46 -21.16
CA ILE B 219 35.72 4.82 -20.60
C ILE B 219 35.93 3.31 -20.68
N LYS B 220 36.01 2.67 -19.50
CA LYS B 220 36.26 1.24 -19.40
C LYS B 220 35.20 0.60 -18.52
N LEU B 221 35.02 -0.72 -18.69
CA LEU B 221 34.03 -1.50 -17.96
C LEU B 221 34.44 -1.60 -16.49
N SER B 222 35.75 -1.58 -16.23
CA SER B 222 36.31 -1.74 -14.90
C SER B 222 36.08 -0.49 -14.05
N ASP B 223 35.90 0.66 -14.72
CA ASP B 223 35.71 1.94 -14.07
C ASP B 223 34.48 1.88 -13.17
N PRO B 224 34.55 2.43 -11.93
CA PRO B 224 33.43 2.41 -11.00
C PRO B 224 32.20 3.17 -11.47
N ILE B 225 32.43 4.20 -12.30
CA ILE B 225 31.36 5.05 -12.84
C ILE B 225 30.48 4.22 -13.77
N MET B 226 31.11 3.37 -14.59
CA MET B 226 30.39 2.51 -15.53
C MET B 226 29.63 1.43 -14.76
N LYS B 227 30.22 0.96 -13.65
CA LYS B 227 29.59 -0.04 -12.79
C LYS B 227 28.32 0.56 -12.17
N ASP B 228 28.36 1.86 -11.88
CA ASP B 228 27.22 2.59 -11.36
C ASP B 228 26.19 2.80 -12.47
N ASP B 229 26.69 3.15 -13.66
CA ASP B 229 25.86 3.46 -14.82
C ASP B 229 25.06 2.23 -15.24
N ILE B 230 25.72 1.06 -15.22
CA ILE B 230 25.12 -0.21 -15.61
C ILE B 230 24.00 -0.56 -14.63
N LYS B 231 24.25 -0.32 -13.34
CA LYS B 231 23.33 -0.67 -12.27
C LYS B 231 22.00 0.06 -12.46
N VAL B 232 22.08 1.33 -12.84
CA VAL B 232 20.90 2.18 -13.02
C VAL B 232 20.13 1.71 -14.26
N MET B 233 20.88 1.28 -15.28
CA MET B 233 20.30 0.85 -16.55
C MET B 233 19.70 -0.55 -16.39
N ASP B 234 20.17 -1.29 -15.39
CA ASP B 234 19.75 -2.67 -15.16
C ASP B 234 18.37 -2.70 -14.48
N ILE B 235 17.92 -1.52 -14.02
CA ILE B 235 16.59 -1.36 -13.46
C ILE B 235 15.56 -1.56 -14.58
N LEU B 236 15.93 -1.14 -15.79
CA LEU B 236 15.10 -1.31 -16.97
C LEU B 236 15.30 -2.71 -17.56
N ARG B 237 16.08 -3.54 -16.86
CA ARG B 237 16.45 -4.86 -17.38
C ARG B 237 16.02 -5.96 -16.41
N ILE B 238 15.31 -5.56 -15.34
CA ILE B 238 14.79 -6.52 -14.37
C ILE B 238 13.72 -7.36 -15.06
N ASN B 239 13.67 -8.66 -14.69
CA ASN B 239 12.79 -9.64 -15.32
C ASN B 239 11.33 -9.21 -15.18
N GLY B 240 10.69 -8.96 -16.32
CA GLY B 240 9.28 -8.64 -16.39
C GLY B 240 8.98 -7.18 -16.04
N SER B 241 9.98 -6.31 -16.25
CA SER B 241 9.85 -4.90 -15.93
C SER B 241 9.14 -4.15 -17.06
N LYS B 242 9.29 -4.65 -18.29
CA LYS B 242 8.78 -4.00 -19.48
C LYS B 242 7.54 -4.73 -19.98
N GLN B 243 6.69 -4.00 -20.71
CA GLN B 243 5.46 -4.55 -21.27
C GLN B 243 5.80 -5.41 -22.49
N LYS B 244 4.87 -6.29 -22.86
CA LYS B 244 5.03 -7.15 -24.02
C LYS B 244 5.05 -6.30 -25.29
N ASN B 245 5.97 -6.65 -26.21
CA ASN B 245 6.17 -5.98 -27.47
C ASN B 245 6.64 -4.54 -27.23
N TRP B 246 7.59 -4.38 -26.32
CA TRP B 246 8.18 -3.08 -26.02
C TRP B 246 9.22 -2.72 -27.08
N GLU B 247 9.76 -3.76 -27.74
CA GLU B 247 10.84 -3.61 -28.71
C GLU B 247 10.37 -2.78 -29.90
N GLY B 248 9.13 -3.01 -30.33
CA GLY B 248 8.55 -2.29 -31.46
C GLY B 248 7.45 -1.32 -31.02
N ALA B 249 7.56 -0.83 -29.78
CA ALA B 249 6.60 0.10 -29.22
C ALA B 249 7.08 1.53 -29.43
N GLY B 250 6.15 2.40 -29.87
CA GLY B 250 6.45 3.79 -30.16
C GLY B 250 6.20 4.71 -28.96
N TYR B 251 6.33 6.01 -29.20
CA TYR B 251 6.18 7.04 -28.18
C TYR B 251 4.71 7.15 -27.78
N THR B 252 3.81 7.05 -28.77
CA THR B 252 2.38 7.13 -28.55
C THR B 252 1.88 5.86 -27.85
N ASP B 253 2.54 4.73 -28.15
CA ASP B 253 2.12 3.43 -27.67
C ASP B 253 2.27 3.35 -26.15
N VAL B 254 3.35 3.95 -25.62
CA VAL B 254 3.65 3.87 -24.20
C VAL B 254 2.85 4.91 -23.43
N ILE B 255 2.42 5.97 -24.12
CA ILE B 255 1.56 6.99 -23.55
C ILE B 255 0.20 6.35 -23.27
N GLY B 256 -0.31 5.59 -24.25
CA GLY B 256 -1.57 4.86 -24.13
C GLY B 256 -1.48 3.78 -23.06
N ALA B 257 -0.37 3.04 -23.05
CA ALA B 257 -0.13 1.95 -22.12
C ALA B 257 -0.15 2.46 -20.68
N PHE B 258 0.33 3.69 -20.48
CA PHE B 258 0.36 4.32 -19.17
C PHE B 258 -1.03 4.83 -18.81
N ALA B 259 -1.72 5.42 -19.80
CA ALA B 259 -2.99 6.09 -19.59
C ALA B 259 -4.09 5.08 -19.31
N ARG B 260 -4.06 3.93 -20.01
CA ARG B 260 -5.04 2.88 -19.84
C ARG B 260 -4.81 2.16 -18.52
N GLY B 261 -3.59 2.32 -17.96
CA GLY B 261 -3.24 1.76 -16.67
C GLY B 261 -2.65 0.36 -16.79
N ASP B 262 -2.04 0.07 -17.94
CA ASP B 262 -1.39 -1.21 -18.18
C ASP B 262 -0.05 -1.23 -17.46
N VAL B 263 0.73 -0.16 -17.64
CA VAL B 263 2.02 -0.01 -16.98
C VAL B 263 1.89 1.04 -15.88
N LEU B 264 2.69 0.88 -14.82
CA LEU B 264 2.59 1.71 -13.63
C LEU B 264 3.51 2.92 -13.75
N MET B 265 4.58 2.78 -14.53
CA MET B 265 5.56 3.84 -14.71
C MET B 265 6.00 3.89 -16.17
N THR B 266 6.60 5.03 -16.55
CA THR B 266 7.23 5.21 -17.85
C THR B 266 8.27 6.33 -17.75
N PRO B 267 9.51 6.10 -18.23
CA PRO B 267 10.54 7.15 -18.25
C PRO B 267 10.34 8.06 -19.45
N ASN B 268 10.13 9.36 -19.18
CA ASN B 268 9.92 10.35 -20.22
C ASN B 268 10.11 11.74 -19.64
N GLY B 269 10.20 12.74 -20.55
CA GLY B 269 10.35 14.13 -20.16
C GLY B 269 9.02 14.78 -19.79
N SER B 270 9.08 16.06 -19.39
CA SER B 270 7.93 16.81 -18.92
C SER B 270 7.02 17.18 -20.10
N TRP B 271 7.49 16.87 -21.32
CA TRP B 271 6.77 17.21 -22.54
C TRP B 271 5.64 16.22 -22.81
N ALA B 272 5.65 15.09 -22.08
CA ALA B 272 4.79 13.96 -22.39
C ALA B 272 3.46 14.05 -21.65
N ILE B 273 3.38 14.91 -20.63
CA ILE B 273 2.24 14.96 -19.73
C ILE B 273 0.99 15.43 -20.46
N THR B 274 1.15 16.39 -21.37
CA THR B 274 0.03 16.97 -22.11
C THR B 274 -0.61 15.93 -23.02
N ALA B 275 0.18 14.92 -23.41
CA ALA B 275 -0.28 13.85 -24.28
C ALA B 275 -1.00 12.78 -23.44
N ILE B 276 -0.55 12.60 -22.20
CA ILE B 276 -1.13 11.62 -21.29
C ILE B 276 -2.51 12.10 -20.85
N ASN B 277 -2.63 13.43 -20.65
CA ASN B 277 -3.87 14.07 -20.22
C ASN B 277 -4.93 13.96 -21.31
N GLU B 278 -4.48 13.94 -22.57
CA GLU B 278 -5.35 13.85 -23.74
C GLU B 278 -6.06 12.50 -23.75
N GLN B 279 -5.37 11.47 -23.22
CA GLN B 279 -5.85 10.10 -23.24
C GLN B 279 -6.88 9.88 -22.13
N LYS B 280 -7.02 10.88 -21.24
CA LYS B 280 -8.00 10.89 -20.16
C LYS B 280 -7.80 9.66 -19.27
N PRO B 281 -6.73 9.60 -18.46
CA PRO B 281 -6.47 8.44 -17.60
C PRO B 281 -7.42 8.40 -16.40
N ASN B 282 -7.73 7.19 -15.93
CA ASN B 282 -8.67 6.99 -14.85
C ASN B 282 -7.92 6.84 -13.53
N PHE B 283 -6.96 7.74 -13.28
CA PHE B 283 -6.17 7.79 -12.07
C PHE B 283 -5.42 9.10 -12.00
N LYS B 284 -4.91 9.43 -10.79
CA LYS B 284 -4.10 10.61 -10.58
C LYS B 284 -2.66 10.33 -10.99
N ILE B 285 -2.09 11.21 -11.81
CA ILE B 285 -0.74 11.08 -12.31
C ILE B 285 0.22 11.76 -11.33
N GLY B 286 1.39 11.14 -11.15
CA GLY B 286 2.46 11.69 -10.34
C GLY B 286 3.82 11.49 -10.99
N THR B 287 4.84 12.17 -10.44
CA THR B 287 6.21 12.06 -10.94
C THR B 287 7.18 11.95 -9.76
N PHE B 288 8.37 11.39 -10.05
CA PHE B 288 9.49 11.42 -9.13
C PHE B 288 10.80 11.54 -9.92
N MET B 289 11.79 12.17 -9.30
CA MET B 289 13.10 12.35 -9.90
C MET B 289 13.90 11.06 -9.79
N ILE B 290 14.71 10.78 -10.82
CA ILE B 290 15.62 9.65 -10.80
C ILE B 290 16.62 9.85 -9.67
N PRO B 291 16.64 8.93 -8.66
CA PRO B 291 17.45 9.12 -7.46
C PRO B 291 18.92 8.82 -7.69
N GLY B 292 19.74 9.16 -6.68
CA GLY B 292 21.17 8.86 -6.71
C GLY B 292 21.51 7.58 -5.97
N LYS B 293 22.78 7.44 -5.61
CA LYS B 293 23.27 6.27 -4.87
C LYS B 293 22.76 6.33 -3.44
N GLU B 294 22.85 7.51 -2.83
CA GLU B 294 22.33 7.76 -1.49
C GLU B 294 21.18 8.76 -1.57
N LYS B 295 20.46 8.91 -0.45
CA LYS B 295 19.31 9.79 -0.38
C LYS B 295 19.75 11.24 -0.50
N GLY B 296 18.89 12.05 -1.14
CA GLY B 296 19.14 13.47 -1.33
C GLY B 296 20.17 13.75 -2.42
N GLN B 297 20.25 12.82 -3.39
CA GLN B 297 21.17 12.95 -4.52
C GLN B 297 20.38 12.89 -5.83
N SER B 298 19.07 13.15 -5.74
CA SER B 298 18.18 13.11 -6.89
C SER B 298 18.46 14.31 -7.80
N LEU B 299 18.52 14.03 -9.11
CA LEU B 299 18.81 15.05 -10.11
C LEU B 299 17.83 14.91 -11.27
N THR B 300 17.65 16.02 -12.00
CA THR B 300 16.86 16.04 -13.23
C THR B 300 17.63 16.77 -14.32
N VAL B 301 17.30 16.44 -15.58
CA VAL B 301 17.97 17.02 -16.73
C VAL B 301 16.93 17.71 -17.61
N GLY B 302 17.35 18.80 -18.27
CA GLY B 302 16.51 19.52 -19.21
C GLY B 302 17.11 20.85 -19.63
N ALA B 303 16.40 21.55 -20.52
CA ALA B 303 16.74 22.89 -20.97
C ALA B 303 15.51 23.56 -21.57
N GLY B 304 15.72 24.67 -22.29
CA GLY B 304 14.64 25.40 -22.93
C GLY B 304 13.80 24.50 -23.83
N ASP B 305 12.50 24.41 -23.50
CA ASP B 305 11.56 23.57 -24.24
C ASP B 305 10.92 24.39 -25.35
N LEU B 306 9.90 25.17 -25.01
CA LEU B 306 9.37 26.18 -25.92
C LEU B 306 10.36 27.35 -25.94
N ALA B 307 11.08 27.47 -27.05
CA ALA B 307 12.15 28.45 -27.20
C ALA B 307 12.24 28.87 -28.65
N TRP B 308 12.07 30.18 -28.90
CA TRP B 308 11.99 30.71 -30.26
C TRP B 308 13.19 31.58 -30.58
N SER B 309 13.65 31.48 -31.84
CA SER B 309 14.62 32.38 -32.41
C SER B 309 14.02 33.03 -33.66
N ILE B 310 14.54 34.21 -34.03
CA ILE B 310 14.11 34.90 -35.23
C ILE B 310 15.26 34.88 -36.24
N SER B 311 14.93 34.55 -37.49
CA SER B 311 15.86 34.65 -38.60
C SER B 311 16.40 36.06 -38.70
N ALA B 312 17.72 36.19 -38.76
CA ALA B 312 18.40 37.48 -38.82
C ALA B 312 18.08 38.18 -40.14
N THR B 313 17.83 37.39 -41.18
CA THR B 313 17.65 37.89 -42.53
C THR B 313 16.21 37.65 -42.99
N THR B 314 15.27 37.79 -42.05
CA THR B 314 13.86 37.63 -42.34
C THR B 314 13.37 38.83 -43.15
N LYS B 315 12.37 38.59 -44.00
CA LYS B 315 11.80 39.62 -44.87
C LYS B 315 10.92 40.57 -44.06
N HIS B 316 10.36 40.07 -42.95
CA HIS B 316 9.43 40.83 -42.14
C HIS B 316 9.85 40.75 -40.67
N PRO B 317 10.85 41.54 -40.23
CA PRO B 317 11.35 41.48 -38.86
C PRO B 317 10.39 42.05 -37.82
N LYS B 318 9.56 43.02 -38.24
CA LYS B 318 8.61 43.67 -37.35
C LYS B 318 7.49 42.70 -37.00
N GLU B 319 7.08 41.90 -38.00
CA GLU B 319 5.99 40.94 -37.84
C GLU B 319 6.50 39.71 -37.08
N ALA B 320 7.77 39.37 -37.29
CA ALA B 320 8.40 38.22 -36.66
C ALA B 320 8.64 38.50 -35.18
N ASN B 321 8.98 39.75 -34.86
CA ASN B 321 9.24 40.17 -33.49
C ASN B 321 7.93 40.24 -32.70
N ALA B 322 6.84 40.63 -33.39
CA ALA B 322 5.54 40.81 -32.78
C ALA B 322 4.98 39.47 -32.32
N PHE B 323 5.27 38.41 -33.10
CA PHE B 323 4.79 37.06 -32.82
C PHE B 323 5.51 36.50 -31.59
N VAL B 324 6.79 36.86 -31.45
CA VAL B 324 7.61 36.42 -30.32
C VAL B 324 7.22 37.23 -29.09
N GLU B 325 6.88 38.51 -29.30
CA GLU B 325 6.45 39.41 -28.23
C GLU B 325 5.12 38.96 -27.67
N TYR B 326 4.26 38.41 -28.55
CA TYR B 326 2.92 37.97 -28.18
C TYR B 326 3.00 36.81 -27.18
N MET B 327 3.97 35.90 -27.40
CA MET B 327 4.10 34.70 -26.60
C MET B 327 4.69 35.03 -25.23
N THR B 328 5.41 36.16 -25.13
CA THR B 328 6.04 36.57 -23.89
C THR B 328 5.00 37.17 -22.93
N ARG B 329 3.82 37.49 -23.46
CA ARG B 329 2.75 38.11 -22.69
C ARG B 329 2.26 37.14 -21.62
N PRO B 330 1.96 37.62 -20.40
CA PRO B 330 1.57 36.76 -19.29
C PRO B 330 0.35 35.88 -19.60
N GLU B 331 -0.71 36.51 -20.13
CA GLU B 331 -1.99 35.85 -20.33
C GLU B 331 -1.93 34.87 -21.50
N VAL B 332 -0.98 35.12 -22.42
CA VAL B 332 -0.80 34.27 -23.58
C VAL B 332 -0.02 33.03 -23.18
N MET B 333 1.02 33.22 -22.35
CA MET B 333 1.83 32.14 -21.82
C MET B 333 1.00 31.29 -20.86
N GLN B 334 0.06 31.94 -20.17
CA GLN B 334 -0.83 31.27 -19.23
C GLN B 334 -1.67 30.23 -19.98
N LYS B 335 -2.11 30.59 -21.20
CA LYS B 335 -2.92 29.72 -22.03
C LYS B 335 -2.10 28.50 -22.46
N TYR B 336 -0.80 28.71 -22.67
CA TYR B 336 0.12 27.65 -23.08
C TYR B 336 0.45 26.76 -21.88
N TYR B 337 0.69 27.40 -20.73
CA TYR B 337 1.13 26.70 -19.53
C TYR B 337 0.01 25.80 -19.00
N ASP B 338 -1.24 26.26 -19.15
CA ASP B 338 -2.41 25.57 -18.61
C ASP B 338 -2.60 24.22 -19.30
N VAL B 339 -1.91 24.02 -20.43
CA VAL B 339 -2.02 22.80 -21.19
C VAL B 339 -0.69 22.04 -21.12
N ASP B 340 0.41 22.75 -21.38
CA ASP B 340 1.74 22.14 -21.42
C ASP B 340 2.16 21.70 -20.02
N GLY B 341 2.39 22.68 -19.14
CA GLY B 341 2.65 22.42 -17.73
C GLY B 341 4.14 22.32 -17.39
N SER B 342 5.01 22.57 -18.38
CA SER B 342 6.44 22.58 -18.15
C SER B 342 6.85 23.86 -17.43
N PRO B 343 7.85 23.82 -16.52
CA PRO B 343 8.27 25.00 -15.76
C PRO B 343 8.59 26.18 -16.68
N THR B 344 7.96 27.33 -16.39
CA THR B 344 8.09 28.52 -17.22
C THR B 344 9.03 29.53 -16.56
N ALA B 345 9.53 30.45 -17.37
CA ALA B 345 10.40 31.52 -16.91
C ALA B 345 9.79 32.88 -17.25
N ILE B 346 8.55 32.85 -17.73
CA ILE B 346 7.85 34.04 -18.19
C ILE B 346 7.17 34.72 -17.00
N GLU B 347 7.32 36.06 -16.95
CA GLU B 347 6.82 36.91 -15.88
C GLU B 347 5.29 36.89 -15.87
N GLY B 348 4.73 36.77 -14.66
CA GLY B 348 3.31 36.98 -14.42
C GLY B 348 2.46 35.76 -14.78
N VAL B 349 3.03 34.56 -14.61
CA VAL B 349 2.32 33.32 -14.90
C VAL B 349 2.17 32.53 -13.61
N LYS B 350 0.92 32.24 -13.25
CA LYS B 350 0.60 31.44 -12.08
C LYS B 350 0.89 29.97 -12.39
N GLN B 351 1.88 29.41 -11.68
CA GLN B 351 2.34 28.06 -11.93
C GLN B 351 1.55 27.07 -11.08
N ALA B 352 1.73 25.78 -11.38
CA ALA B 352 0.95 24.70 -10.79
C ALA B 352 1.38 24.45 -9.35
N GLY B 353 0.50 23.78 -8.60
CA GLY B 353 0.73 23.46 -7.20
C GLY B 353 1.44 22.12 -7.03
N GLU B 354 1.23 21.48 -5.87
CA GLU B 354 1.89 20.23 -5.53
C GLU B 354 1.02 19.05 -5.93
N ASP B 355 -0.25 19.32 -6.25
CA ASP B 355 -1.19 18.31 -6.71
C ASP B 355 -0.97 18.05 -8.19
N SER B 356 -0.15 18.90 -8.83
CA SER B 356 0.20 18.81 -10.23
C SER B 356 0.93 17.50 -10.52
N PRO B 357 0.68 16.84 -11.68
CA PRO B 357 1.38 15.61 -12.04
C PRO B 357 2.90 15.75 -12.12
N LEU B 358 3.38 16.93 -12.49
CA LEU B 358 4.79 17.17 -12.73
C LEU B 358 5.48 17.68 -11.47
N ALA B 359 4.76 17.68 -10.35
CA ALA B 359 5.26 18.23 -9.10
C ALA B 359 6.57 17.56 -8.69
N GLY B 360 6.61 16.23 -8.80
CA GLY B 360 7.76 15.45 -8.37
C GLY B 360 8.95 15.60 -9.31
N MET B 361 8.67 15.86 -10.60
CA MET B 361 9.70 16.00 -11.62
C MET B 361 10.27 17.41 -11.60
N THR B 362 9.42 18.39 -11.23
CA THR B 362 9.77 19.80 -11.36
C THR B 362 9.94 20.44 -9.98
N GLU B 363 10.20 19.61 -8.96
CA GLU B 363 10.36 20.08 -7.60
C GLU B 363 11.56 21.01 -7.52
N TYR B 364 12.67 20.61 -8.14
CA TYR B 364 13.92 21.36 -8.09
C TYR B 364 14.26 21.90 -9.47
N ALA B 365 13.23 22.46 -10.14
CA ALA B 365 13.40 23.07 -11.45
C ALA B 365 14.08 24.43 -11.30
N PHE B 366 15.01 24.71 -12.22
CA PHE B 366 15.76 25.96 -12.28
C PHE B 366 16.78 26.06 -11.16
N THR B 367 17.04 24.94 -10.47
CA THR B 367 18.01 24.89 -9.39
C THR B 367 19.30 24.24 -9.89
N ASP B 368 20.21 23.95 -8.95
CA ASP B 368 21.48 23.32 -9.26
C ASP B 368 21.28 21.83 -9.50
N ARG B 369 20.09 21.32 -9.12
CA ARG B 369 19.75 19.92 -9.27
C ARG B 369 19.04 19.70 -10.61
N HIS B 370 18.88 20.79 -11.37
CA HIS B 370 18.30 20.74 -12.70
C HIS B 370 19.37 21.12 -13.73
N LEU B 371 20.07 20.10 -14.24
CA LEU B 371 21.25 20.30 -15.06
C LEU B 371 20.87 20.34 -16.54
N VAL B 372 21.71 21.03 -17.32
CA VAL B 372 21.52 21.20 -18.76
C VAL B 372 21.85 19.86 -19.44
N TRP B 373 21.17 19.60 -20.57
CA TRP B 373 21.42 18.43 -21.40
C TRP B 373 22.92 18.28 -21.65
N LEU B 374 23.36 17.02 -21.71
CA LEU B 374 24.78 16.71 -21.86
C LEU B 374 25.23 16.94 -23.30
N GLN B 375 24.27 16.93 -24.24
CA GLN B 375 24.58 17.10 -25.65
C GLN B 375 24.78 18.59 -25.98
N GLN B 376 24.89 19.41 -24.93
CA GLN B 376 25.25 20.81 -25.07
C GLN B 376 26.70 20.90 -25.55
N TYR B 377 27.49 19.89 -25.21
CA TYR B 377 28.91 19.84 -25.54
C TYR B 377 29.22 18.64 -26.42
N TRP B 378 28.16 18.01 -26.97
CA TRP B 378 28.33 16.91 -27.91
C TRP B 378 28.08 17.41 -29.32
N THR B 379 28.61 16.66 -30.31
CA THR B 379 28.44 16.99 -31.72
C THR B 379 27.11 16.41 -32.21
N SER B 380 26.70 15.27 -31.65
CA SER B 380 25.42 14.64 -31.93
C SER B 380 24.90 13.97 -30.66
N GLU B 381 23.72 13.35 -30.75
CA GLU B 381 23.10 12.70 -29.60
C GLU B 381 22.33 11.45 -30.03
N ALA B 382 22.16 11.28 -31.35
CA ALA B 382 21.37 10.20 -31.91
C ALA B 382 21.99 8.85 -31.57
N ASP B 383 23.34 8.79 -31.60
CA ASP B 383 24.07 7.56 -31.33
C ASP B 383 24.00 7.22 -29.85
N PHE B 384 23.90 8.24 -29.00
CA PHE B 384 23.80 8.05 -27.55
C PHE B 384 22.47 7.41 -27.20
N HIS B 385 21.42 7.77 -27.94
CA HIS B 385 20.09 7.17 -27.76
C HIS B 385 20.13 5.70 -28.15
N THR B 386 20.84 5.40 -29.24
CA THR B 386 20.90 4.08 -29.83
C THR B 386 21.56 3.09 -28.86
N LEU B 387 22.76 3.46 -28.36
CA LEU B 387 23.55 2.59 -27.50
C LEU B 387 22.86 2.39 -26.16
N THR B 388 22.02 3.35 -25.77
CA THR B 388 21.24 3.28 -24.55
C THR B 388 20.19 2.17 -24.68
N MET B 389 19.42 2.23 -25.77
CA MET B 389 18.30 1.32 -26.00
C MET B 389 18.82 -0.07 -26.35
N ASN B 390 20.01 -0.12 -26.98
CA ASN B 390 20.61 -1.38 -27.40
C ASN B 390 20.99 -2.22 -26.18
N TYR B 391 21.35 -1.55 -25.08
CA TYR B 391 21.70 -2.25 -23.85
C TYR B 391 20.45 -2.77 -23.15
N VAL B 392 19.34 -2.05 -23.30
CA VAL B 392 18.07 -2.43 -22.70
C VAL B 392 17.61 -3.76 -23.30
N LEU B 393 17.94 -3.98 -24.58
CA LEU B 393 17.53 -5.17 -25.29
C LEU B 393 18.55 -6.29 -25.07
N THR B 394 19.83 -6.01 -25.37
CA THR B 394 20.86 -7.04 -25.40
C THR B 394 21.37 -7.32 -23.99
N GLY B 395 21.78 -6.26 -23.28
CA GLY B 395 22.42 -6.40 -21.98
C GLY B 395 23.92 -6.60 -22.11
N ASP B 396 24.45 -6.27 -23.30
CA ASP B 396 25.88 -6.37 -23.60
C ASP B 396 26.60 -5.21 -22.92
N LYS B 397 27.26 -5.51 -21.80
CA LYS B 397 27.90 -4.51 -20.96
C LYS B 397 29.15 -3.96 -21.65
N GLN B 398 29.94 -4.86 -22.24
CA GLN B 398 31.18 -4.51 -22.92
C GLN B 398 30.85 -3.76 -24.22
N GLY B 399 29.75 -4.16 -24.86
CA GLY B 399 29.29 -3.55 -26.10
C GLY B 399 28.92 -2.09 -25.94
N MET B 400 28.29 -1.76 -24.80
CA MET B 400 27.85 -0.42 -24.47
C MET B 400 29.08 0.47 -24.22
N VAL B 401 30.10 -0.12 -23.58
CA VAL B 401 31.37 0.57 -23.32
C VAL B 401 32.01 0.93 -24.66
N ASN B 402 31.97 -0.01 -25.61
CA ASN B 402 32.51 0.19 -26.94
C ASN B 402 31.71 1.25 -27.68
N ASP B 403 30.39 1.20 -27.53
CA ASP B 403 29.47 2.10 -28.23
C ASP B 403 29.68 3.53 -27.75
N LEU B 404 29.97 3.69 -26.46
CA LEU B 404 30.21 4.99 -25.85
C LEU B 404 31.52 5.58 -26.36
N ASN B 405 32.56 4.74 -26.40
CA ASN B 405 33.88 5.15 -26.83
C ASN B 405 33.87 5.53 -28.31
N ALA B 406 33.15 4.75 -29.13
CA ALA B 406 33.05 4.98 -30.55
C ALA B 406 32.28 6.26 -30.85
N PHE B 407 31.52 6.74 -29.85
CA PHE B 407 30.68 7.91 -29.98
C PHE B 407 31.44 9.16 -29.54
N PHE B 408 32.30 9.01 -28.52
CA PHE B 408 32.95 10.14 -27.88
C PHE B 408 34.35 10.38 -28.44
N ASN B 409 34.95 9.34 -29.02
CA ASN B 409 36.31 9.43 -29.56
C ASN B 409 36.40 10.54 -30.60
N PRO B 410 35.54 10.55 -31.65
CA PRO B 410 35.61 11.58 -32.70
C PRO B 410 35.50 13.02 -32.18
N MET B 411 34.86 13.19 -31.01
CA MET B 411 34.66 14.50 -30.42
C MET B 411 35.94 14.96 -29.72
N LYS B 412 36.67 13.99 -29.14
CA LYS B 412 37.88 14.26 -28.39
C LYS B 412 39.01 14.67 -29.33
N ALA B 413 39.04 14.04 -30.51
CA ALA B 413 40.03 14.33 -31.53
C ALA B 413 39.70 15.67 -32.20
N GLY C 29 11.80 -64.11 24.50
CA GLY C 29 11.59 -63.21 25.67
C GLY C 29 10.80 -61.97 25.30
N THR C 30 11.32 -61.20 24.33
CA THR C 30 10.68 -59.99 23.85
C THR C 30 9.92 -60.28 22.56
N VAL C 31 8.67 -59.82 22.50
CA VAL C 31 7.76 -60.12 21.41
C VAL C 31 7.91 -59.07 20.30
N THR C 32 7.59 -59.48 19.06
CA THR C 32 7.69 -58.63 17.89
C THR C 32 6.36 -58.58 17.16
N ILE C 33 5.88 -57.36 16.90
CA ILE C 33 4.63 -57.14 16.19
C ILE C 33 4.93 -56.41 14.87
N GLU C 34 3.98 -56.52 13.93
CA GLU C 34 4.15 -56.00 12.58
C GLU C 34 3.15 -54.87 12.35
N TYR C 35 3.65 -53.76 11.77
CA TYR C 35 2.81 -52.67 11.32
C TYR C 35 2.90 -52.56 9.79
N PHE C 36 1.76 -52.78 9.13
CA PHE C 36 1.65 -52.69 7.69
C PHE C 36 1.29 -51.25 7.31
N ASN C 37 2.19 -50.60 6.57
CA ASN C 37 2.10 -49.17 6.29
C ASN C 37 1.73 -48.94 4.83
N GLN C 38 0.84 -47.98 4.60
CA GLN C 38 0.42 -47.57 3.26
C GLN C 38 0.71 -46.09 3.08
N LYS C 39 1.34 -45.47 4.08
CA LYS C 39 1.71 -44.06 4.05
C LYS C 39 3.21 -43.95 3.82
N LYS C 40 3.60 -43.95 2.54
CA LYS C 40 4.99 -43.99 2.14
C LYS C 40 5.66 -42.63 2.39
N GLU C 41 4.87 -41.56 2.30
CA GLU C 41 5.38 -40.20 2.44
C GLU C 41 5.82 -39.94 3.89
N MET C 42 5.12 -40.59 4.84
CA MET C 42 5.31 -40.33 6.26
C MET C 42 6.09 -41.48 6.91
N THR C 43 6.84 -42.22 6.08
CA THR C 43 7.61 -43.37 6.53
C THR C 43 8.61 -42.95 7.61
N LYS C 44 9.33 -41.85 7.34
CA LYS C 44 10.44 -41.41 8.17
C LYS C 44 9.96 -41.05 9.58
N THR C 45 8.82 -40.34 9.65
CA THR C 45 8.30 -39.85 10.92
C THR C 45 7.69 -40.99 11.73
N LEU C 46 7.03 -41.92 11.04
CA LEU C 46 6.37 -43.04 11.68
C LEU C 46 7.41 -43.96 12.34
N GLU C 47 8.60 -44.00 11.75
CA GLU C 47 9.70 -44.82 12.26
C GLU C 47 10.29 -44.18 13.52
N GLU C 48 10.25 -42.85 13.58
CA GLU C 48 10.74 -42.09 14.73
C GLU C 48 9.82 -42.34 15.93
N ILE C 49 8.51 -42.26 15.69
CA ILE C 49 7.49 -42.46 16.71
C ILE C 49 7.54 -43.90 17.20
N THR C 50 7.84 -44.83 16.28
CA THR C 50 7.95 -46.25 16.59
C THR C 50 9.11 -46.49 17.56
N ARG C 51 10.23 -45.80 17.32
CA ARG C 51 11.41 -45.93 18.16
C ARG C 51 11.14 -45.35 19.55
N ASP C 52 10.25 -44.35 19.61
CA ASP C 52 9.84 -43.74 20.86
C ASP C 52 9.01 -44.72 21.66
N PHE C 53 8.20 -45.51 20.95
CA PHE C 53 7.36 -46.55 21.56
C PHE C 53 8.24 -47.71 22.03
N GLU C 54 9.32 -47.97 21.28
CA GLU C 54 10.24 -49.05 21.58
C GLU C 54 11.07 -48.71 22.82
N LYS C 55 11.36 -47.41 23.00
CA LYS C 55 12.15 -46.93 24.11
C LYS C 55 11.32 -46.96 25.40
N GLU C 56 10.00 -46.78 25.25
CA GLU C 56 9.09 -46.72 26.38
C GLU C 56 8.50 -48.11 26.66
N ASN C 57 8.63 -49.01 25.67
CA ASN C 57 8.21 -50.39 25.81
C ASN C 57 9.33 -51.30 25.30
N PRO C 58 10.37 -51.58 26.15
CA PRO C 58 11.55 -52.32 25.70
C PRO C 58 11.31 -53.81 25.46
N LYS C 59 10.12 -54.29 25.87
CA LYS C 59 9.76 -55.69 25.71
C LYS C 59 8.96 -55.87 24.42
N ILE C 60 8.73 -54.76 23.70
CA ILE C 60 7.96 -54.76 22.46
C ILE C 60 8.82 -54.19 21.34
N LYS C 61 8.85 -54.91 20.21
CA LYS C 61 9.54 -54.47 19.00
C LYS C 61 8.54 -54.40 17.86
N VAL C 62 8.57 -53.29 17.11
CA VAL C 62 7.62 -53.04 16.03
C VAL C 62 8.38 -53.00 14.70
N LYS C 63 7.89 -53.78 13.74
CA LYS C 63 8.45 -53.83 12.39
C LYS C 63 7.53 -53.09 11.44
N VAL C 64 8.01 -51.94 10.93
CA VAL C 64 7.27 -51.14 9.97
C VAL C 64 7.56 -51.68 8.57
N VAL C 65 6.49 -52.04 7.84
CA VAL C 65 6.60 -52.69 6.55
C VAL C 65 6.07 -51.75 5.47
N ASN C 66 6.93 -51.46 4.49
CA ASN C 66 6.57 -50.67 3.31
C ASN C 66 6.88 -51.48 2.05
N VAL C 67 5.82 -51.76 1.27
CA VAL C 67 5.95 -52.54 0.05
C VAL C 67 5.30 -51.77 -1.10
N PRO C 68 5.79 -51.93 -2.36
CA PRO C 68 5.08 -51.42 -3.54
C PRO C 68 3.79 -52.21 -3.75
N ASN C 69 2.77 -51.52 -4.27
CA ASN C 69 1.43 -52.07 -4.45
C ASN C 69 0.94 -52.64 -3.12
N ALA C 70 0.84 -51.75 -2.12
CA ALA C 70 0.53 -52.13 -0.75
C ALA C 70 -0.89 -52.70 -0.66
N GLY C 71 -1.80 -52.14 -1.46
CA GLY C 71 -3.20 -52.54 -1.46
C GLY C 71 -3.38 -53.98 -1.93
N GLU C 72 -2.65 -54.35 -2.99
CA GLU C 72 -2.76 -55.67 -3.59
C GLU C 72 -2.04 -56.71 -2.73
N VAL C 73 -0.93 -56.29 -2.11
CA VAL C 73 -0.13 -57.16 -1.24
C VAL C 73 -0.92 -57.46 0.03
N LEU C 74 -1.67 -56.46 0.51
CA LEU C 74 -2.49 -56.60 1.70
C LEU C 74 -3.63 -57.58 1.42
N LYS C 75 -4.27 -57.44 0.26
CA LYS C 75 -5.38 -58.28 -0.16
C LYS C 75 -4.89 -59.73 -0.35
N THR C 76 -3.63 -59.87 -0.79
CA THR C 76 -3.01 -61.15 -1.02
C THR C 76 -2.79 -61.88 0.30
N ARG C 77 -2.50 -61.11 1.36
CA ARG C 77 -2.07 -61.66 2.64
C ARG C 77 -3.28 -62.02 3.51
N VAL C 78 -4.34 -61.20 3.43
CA VAL C 78 -5.51 -61.36 4.27
C VAL C 78 -6.26 -62.64 3.88
N LEU C 79 -6.33 -62.90 2.57
CA LEU C 79 -7.01 -64.07 2.03
C LEU C 79 -6.25 -65.34 2.41
N ALA C 80 -4.93 -65.23 2.54
CA ALA C 80 -4.06 -66.35 2.83
C ALA C 80 -4.13 -66.70 4.32
N GLY C 81 -4.46 -65.71 5.15
CA GLY C 81 -4.53 -65.88 6.60
C GLY C 81 -3.30 -65.28 7.29
N ASP C 82 -2.47 -64.58 6.52
CA ASP C 82 -1.29 -63.91 7.03
C ASP C 82 -1.63 -62.43 7.22
N VAL C 83 -2.35 -62.13 8.30
CA VAL C 83 -2.81 -60.78 8.58
C VAL C 83 -1.82 -60.11 9.53
N PRO C 84 -1.25 -58.93 9.15
CA PRO C 84 -0.36 -58.18 10.03
C PRO C 84 -1.06 -57.73 11.31
N ASP C 85 -0.26 -57.56 12.38
CA ASP C 85 -0.77 -57.23 13.70
C ASP C 85 -1.58 -55.93 13.65
N VAL C 86 -0.91 -54.84 13.28
CA VAL C 86 -1.57 -53.55 13.10
C VAL C 86 -1.51 -53.19 11.62
N VAL C 87 -2.69 -52.90 11.05
CA VAL C 87 -2.84 -52.70 9.61
C VAL C 87 -3.27 -51.26 9.35
N ASN C 88 -2.54 -50.58 8.45
CA ASN C 88 -2.95 -49.31 7.92
C ASN C 88 -3.90 -49.56 6.75
N ILE C 89 -5.21 -49.57 7.05
CA ILE C 89 -6.25 -49.81 6.08
C ILE C 89 -7.20 -48.60 6.09
N TYR C 90 -7.67 -48.22 4.90
CA TYR C 90 -8.52 -47.06 4.74
C TYR C 90 -9.97 -47.41 5.06
N PRO C 91 -10.63 -46.68 5.99
CA PRO C 91 -11.85 -47.16 6.64
C PRO C 91 -13.13 -47.08 5.80
N GLN C 92 -13.03 -46.46 4.62
CA GLN C 92 -14.17 -46.32 3.73
C GLN C 92 -14.20 -47.47 2.74
N SER C 93 -13.07 -48.17 2.63
CA SER C 93 -12.85 -49.17 1.60
C SER C 93 -13.83 -50.33 1.74
N ILE C 94 -14.12 -50.98 0.61
CA ILE C 94 -14.96 -52.16 0.55
C ILE C 94 -14.21 -53.33 1.21
N GLU C 95 -12.88 -53.22 1.26
CA GLU C 95 -12.02 -54.22 1.86
C GLU C 95 -12.33 -54.34 3.36
N LEU C 96 -12.28 -53.21 4.07
CA LEU C 96 -12.54 -53.18 5.50
C LEU C 96 -13.98 -53.59 5.77
N GLN C 97 -14.91 -53.05 4.96
CA GLN C 97 -16.34 -53.32 5.09
C GLN C 97 -16.59 -54.83 5.10
N GLU C 98 -15.91 -55.54 4.18
CA GLU C 98 -16.13 -56.96 3.98
C GLU C 98 -15.31 -57.78 4.99
N TRP C 99 -14.06 -57.36 5.22
CA TRP C 99 -13.15 -58.09 6.08
C TRP C 99 -13.55 -57.97 7.55
N ALA C 100 -14.25 -56.88 7.90
CA ALA C 100 -14.76 -56.67 9.25
C ALA C 100 -15.86 -57.69 9.55
N LYS C 101 -16.73 -57.91 8.55
CA LYS C 101 -17.82 -58.87 8.63
C LYS C 101 -17.26 -60.28 8.66
N ALA C 102 -16.12 -60.48 7.97
CA ALA C 102 -15.45 -61.76 7.89
C ALA C 102 -14.74 -62.08 9.21
N GLY C 103 -14.60 -61.06 10.07
CA GLY C 103 -14.02 -61.20 11.39
C GLY C 103 -12.49 -61.21 11.36
N VAL C 104 -11.92 -60.49 10.38
CA VAL C 104 -10.48 -60.40 10.22
C VAL C 104 -9.91 -59.43 11.25
N PHE C 105 -10.71 -58.42 11.62
CA PHE C 105 -10.25 -57.36 12.51
C PHE C 105 -10.96 -57.45 13.86
N GLU C 106 -10.27 -56.96 14.90
CA GLU C 106 -10.73 -56.97 16.27
C GLU C 106 -11.75 -55.86 16.46
N ASP C 107 -12.77 -56.12 17.29
CA ASP C 107 -13.76 -55.13 17.68
C ASP C 107 -13.14 -54.17 18.68
N LEU C 108 -13.17 -52.87 18.35
CA LEU C 108 -12.49 -51.85 19.13
C LEU C 108 -13.50 -50.89 19.75
N SER C 109 -14.78 -51.27 19.72
CA SER C 109 -15.87 -50.41 20.12
C SER C 109 -15.79 -50.03 21.59
N ASN C 110 -15.29 -50.97 22.42
CA ASN C 110 -15.35 -50.84 23.87
C ASN C 110 -13.99 -50.41 24.41
N LYS C 111 -13.07 -50.03 23.52
CA LYS C 111 -11.73 -49.61 23.91
C LYS C 111 -11.79 -48.23 24.55
N ASP C 112 -10.90 -48.00 25.52
CA ASP C 112 -10.89 -46.79 26.31
C ASP C 112 -10.29 -45.63 25.52
N TYR C 113 -9.25 -45.95 24.73
CA TYR C 113 -8.48 -44.94 24.00
C TYR C 113 -9.27 -44.44 22.78
N LEU C 114 -10.41 -45.08 22.50
CA LEU C 114 -11.25 -44.73 21.37
C LEU C 114 -11.99 -43.43 21.65
N LYS C 115 -12.04 -43.04 22.93
CA LYS C 115 -12.72 -41.83 23.38
C LYS C 115 -11.91 -40.60 23.01
N ARG C 116 -10.70 -40.82 22.48
CA ARG C 116 -9.79 -39.75 22.10
C ARG C 116 -10.06 -39.33 20.65
N VAL C 117 -10.87 -40.12 19.94
CA VAL C 117 -11.25 -39.82 18.58
C VAL C 117 -12.49 -38.93 18.60
N LYS C 118 -12.29 -37.65 18.25
CA LYS C 118 -13.35 -36.64 18.28
C LYS C 118 -14.10 -36.64 16.96
N ASN C 119 -15.22 -35.91 16.93
CA ASN C 119 -16.08 -35.76 15.76
C ASN C 119 -16.82 -37.06 15.48
N GLY C 120 -16.77 -38.00 16.44
CA GLY C 120 -17.29 -39.34 16.25
C GLY C 120 -16.83 -39.94 14.94
N TYR C 121 -15.52 -39.81 14.67
CA TYR C 121 -14.95 -40.14 13.37
C TYR C 121 -14.69 -41.64 13.26
N ALA C 122 -14.61 -42.31 14.42
CA ALA C 122 -14.49 -43.76 14.46
C ALA C 122 -15.84 -44.41 14.21
N GLU C 123 -16.90 -43.74 14.66
CA GLU C 123 -18.27 -44.22 14.52
C GLU C 123 -18.74 -44.09 13.07
N LYS C 124 -18.10 -43.17 12.34
CA LYS C 124 -18.46 -42.84 10.96
C LYS C 124 -18.32 -44.08 10.07
N TYR C 125 -17.29 -44.89 10.35
CA TYR C 125 -16.98 -46.06 9.54
C TYR C 125 -17.29 -47.33 10.32
N ALA C 126 -18.43 -47.31 11.03
CA ALA C 126 -18.88 -48.47 11.78
C ALA C 126 -19.43 -49.53 10.83
N VAL C 127 -19.04 -50.78 11.06
CA VAL C 127 -19.52 -51.92 10.31
C VAL C 127 -20.36 -52.78 11.24
N ASN C 128 -21.68 -52.81 10.97
CA ASN C 128 -22.67 -53.47 11.80
C ASN C 128 -22.74 -52.78 13.17
N GLU C 129 -22.62 -51.45 13.15
CA GLU C 129 -22.68 -50.59 14.34
C GLU C 129 -21.49 -50.87 15.26
N LYS C 130 -20.42 -51.46 14.70
CA LYS C 130 -19.23 -51.78 15.46
C LYS C 130 -18.01 -51.14 14.80
N VAL C 131 -17.14 -50.55 15.62
CA VAL C 131 -15.94 -49.85 15.17
C VAL C 131 -14.79 -50.84 15.10
N TYR C 132 -14.16 -50.93 13.93
CA TYR C 132 -13.09 -51.88 13.67
C TYR C 132 -11.80 -51.16 13.26
N ASN C 133 -11.89 -49.84 13.12
CA ASN C 133 -10.77 -49.04 12.62
C ASN C 133 -10.66 -47.74 13.40
N VAL C 134 -9.42 -47.34 13.69
CA VAL C 134 -9.13 -46.10 14.40
C VAL C 134 -8.57 -45.09 13.40
N PRO C 135 -9.41 -44.17 12.85
CA PRO C 135 -8.95 -43.16 11.90
C PRO C 135 -8.41 -41.91 12.60
N PHE C 136 -7.09 -41.77 12.61
CA PHE C 136 -6.40 -40.69 13.31
C PHE C 136 -6.55 -39.38 12.54
N THR C 137 -6.32 -39.44 11.23
CA THR C 137 -6.38 -38.26 10.37
C THR C 137 -7.37 -38.47 9.23
N ALA C 138 -7.82 -37.35 8.64
CA ALA C 138 -8.66 -37.36 7.45
C ALA C 138 -7.91 -36.68 6.31
N ASN C 139 -7.84 -37.36 5.17
CA ASN C 139 -7.23 -36.79 3.98
C ASN C 139 -8.28 -35.99 3.20
N ALA C 140 -7.81 -35.06 2.37
CA ALA C 140 -8.66 -34.25 1.52
C ALA C 140 -7.98 -34.08 0.15
N TYR C 141 -8.76 -33.65 -0.85
CA TYR C 141 -8.26 -33.49 -2.20
C TYR C 141 -8.53 -32.08 -2.70
N GLY C 142 -7.58 -31.54 -3.47
CA GLY C 142 -7.69 -30.23 -4.07
C GLY C 142 -6.60 -29.97 -5.10
N ILE C 143 -6.32 -28.69 -5.36
CA ILE C 143 -5.29 -28.28 -6.29
C ILE C 143 -4.23 -27.49 -5.51
N TYR C 144 -2.98 -27.96 -5.56
CA TYR C 144 -1.84 -27.22 -5.05
C TYR C 144 -1.49 -26.13 -6.06
N TYR C 145 -1.13 -24.94 -5.56
CA TYR C 145 -0.77 -23.84 -6.43
C TYR C 145 0.40 -23.04 -5.85
N ASN C 146 1.18 -22.45 -6.76
CA ASN C 146 2.31 -21.60 -6.42
C ASN C 146 1.78 -20.19 -6.15
N LYS C 147 1.85 -19.76 -4.89
CA LYS C 147 1.29 -18.49 -4.46
C LYS C 147 2.12 -17.34 -4.99
N ASP C 148 3.44 -17.53 -5.05
CA ASP C 148 4.38 -16.52 -5.52
C ASP C 148 4.08 -16.17 -6.98
N LYS C 149 3.95 -17.20 -7.82
CA LYS C 149 3.77 -17.04 -9.25
C LYS C 149 2.34 -16.57 -9.56
N PHE C 150 1.38 -16.99 -8.74
CA PHE C 150 -0.02 -16.60 -8.88
C PHE C 150 -0.17 -15.11 -8.60
N GLU C 151 0.61 -14.60 -7.63
CA GLU C 151 0.61 -13.19 -7.30
C GLU C 151 1.36 -12.41 -8.37
N GLU C 152 2.40 -13.04 -8.94
CA GLU C 152 3.29 -12.42 -9.90
C GLU C 152 2.58 -12.22 -11.24
N LEU C 153 1.79 -13.21 -11.64
CA LEU C 153 1.10 -13.19 -12.92
C LEU C 153 -0.27 -12.53 -12.78
N GLY C 154 -0.62 -12.16 -11.54
CA GLY C 154 -1.85 -11.46 -11.23
C GLY C 154 -3.09 -12.33 -11.44
N LEU C 155 -3.04 -13.55 -10.88
CA LEU C 155 -4.11 -14.51 -11.04
C LEU C 155 -4.68 -14.88 -9.67
N LYS C 156 -5.99 -15.14 -9.63
CA LYS C 156 -6.70 -15.46 -8.41
C LYS C 156 -7.11 -16.93 -8.42
N VAL C 157 -7.42 -17.45 -7.23
CA VAL C 157 -7.97 -18.78 -7.05
C VAL C 157 -9.35 -18.82 -7.71
N PRO C 158 -9.61 -19.79 -8.62
CA PRO C 158 -10.90 -19.87 -9.32
C PRO C 158 -12.03 -20.31 -8.40
N GLU C 159 -13.24 -19.80 -8.65
CA GLU C 159 -14.39 -20.05 -7.80
C GLU C 159 -15.51 -20.69 -8.62
N THR C 160 -15.32 -20.73 -9.94
CA THR C 160 -16.25 -21.41 -10.85
C THR C 160 -15.45 -22.26 -11.83
N TRP C 161 -16.16 -23.08 -12.63
CA TRP C 161 -15.54 -23.91 -13.65
C TRP C 161 -14.91 -23.03 -14.72
N ASP C 162 -15.64 -21.97 -15.12
CA ASP C 162 -15.24 -21.08 -16.21
C ASP C 162 -14.00 -20.29 -15.83
N GLU C 163 -13.91 -19.92 -14.54
CA GLU C 163 -12.77 -19.18 -14.03
C GLU C 163 -11.55 -20.09 -13.98
N PHE C 164 -11.79 -21.39 -13.76
CA PHE C 164 -10.74 -22.39 -13.73
C PHE C 164 -10.23 -22.65 -15.15
N GLU C 165 -11.15 -22.62 -16.11
CA GLU C 165 -10.82 -22.75 -17.52
C GLU C 165 -9.95 -21.58 -17.96
N GLN C 166 -10.33 -20.37 -17.50
CA GLN C 166 -9.65 -19.14 -17.86
C GLN C 166 -8.25 -19.11 -17.23
N LEU C 167 -8.15 -19.61 -15.99
CA LEU C 167 -6.91 -19.59 -15.23
C LEU C 167 -5.81 -20.33 -16.00
N VAL C 168 -6.16 -21.50 -16.54
CA VAL C 168 -5.21 -22.36 -17.24
C VAL C 168 -4.79 -21.68 -18.55
N LYS C 169 -5.76 -21.04 -19.22
CA LYS C 169 -5.53 -20.35 -20.47
C LYS C 169 -4.65 -19.12 -20.25
N ASP C 170 -4.77 -18.52 -19.06
CA ASP C 170 -4.01 -17.33 -18.71
C ASP C 170 -2.54 -17.69 -18.49
N ILE C 171 -2.30 -18.86 -17.87
CA ILE C 171 -0.97 -19.29 -17.48
C ILE C 171 -0.15 -19.61 -18.72
N VAL C 172 -0.77 -20.29 -19.68
CA VAL C 172 -0.11 -20.72 -20.90
C VAL C 172 0.30 -19.49 -21.71
N ALA C 173 -0.57 -18.47 -21.72
CA ALA C 173 -0.35 -17.24 -22.45
C ALA C 173 0.83 -16.46 -21.86
N LYS C 174 1.27 -16.86 -20.66
CA LYS C 174 2.39 -16.24 -19.98
C LYS C 174 3.64 -17.09 -20.15
N GLY C 175 3.48 -18.26 -20.77
CA GLY C 175 4.59 -19.14 -21.10
C GLY C 175 5.05 -19.99 -19.92
N GLN C 176 4.12 -20.26 -19.00
CA GLN C 176 4.37 -21.12 -17.85
C GLN C 176 3.49 -22.36 -17.96
N THR C 177 3.88 -23.43 -17.27
CA THR C 177 3.15 -24.69 -17.32
C THR C 177 2.18 -24.77 -16.14
N PRO C 178 0.86 -24.81 -16.42
CA PRO C 178 -0.17 -24.86 -15.37
C PRO C 178 -0.14 -26.09 -14.49
N PHE C 179 -0.19 -27.29 -15.10
CA PHE C 179 -0.38 -28.52 -14.36
C PHE C 179 0.83 -29.44 -14.48
N GLY C 180 1.19 -30.05 -13.34
CA GLY C 180 2.05 -31.21 -13.30
C GLY C 180 1.23 -32.48 -13.10
N ILE C 181 1.11 -33.28 -14.17
CA ILE C 181 0.26 -34.46 -14.16
C ILE C 181 1.14 -35.70 -14.23
N ALA C 182 0.81 -36.68 -13.37
CA ALA C 182 1.49 -37.97 -13.36
C ALA C 182 0.69 -38.98 -14.17
N GLY C 183 1.10 -39.16 -15.44
CA GLY C 183 0.41 -40.02 -16.38
C GLY C 183 0.60 -41.50 -16.05
N ALA C 184 1.71 -41.82 -15.37
CA ALA C 184 2.05 -43.18 -15.01
C ALA C 184 1.25 -43.63 -13.79
N ASP C 185 0.91 -42.67 -12.93
CA ASP C 185 0.18 -42.95 -11.70
C ASP C 185 -1.22 -42.34 -11.78
N ALA C 186 -2.19 -43.17 -12.20
CA ALA C 186 -3.52 -42.74 -12.55
C ALA C 186 -4.37 -42.45 -11.31
N TRP C 187 -3.91 -42.97 -10.15
CA TRP C 187 -4.63 -42.82 -8.89
C TRP C 187 -4.59 -41.36 -8.42
N THR C 188 -3.66 -40.57 -8.98
CA THR C 188 -3.44 -39.20 -8.56
C THR C 188 -4.59 -38.30 -9.03
N LEU C 189 -5.35 -38.77 -10.03
CA LEU C 189 -6.46 -37.99 -10.58
C LEU C 189 -7.78 -38.60 -10.16
N ASN C 190 -7.77 -39.42 -9.10
CA ASN C 190 -8.96 -40.07 -8.60
C ASN C 190 -9.89 -39.04 -7.98
N GLY C 191 -9.33 -38.17 -7.14
CA GLY C 191 -10.08 -37.14 -6.44
C GLY C 191 -10.63 -36.07 -7.39
N TYR C 192 -9.93 -35.86 -8.51
CA TYR C 192 -10.27 -34.83 -9.47
C TYR C 192 -11.57 -35.19 -10.20
N ASN C 193 -11.66 -36.44 -10.66
CA ASN C 193 -12.79 -36.90 -11.45
C ASN C 193 -13.99 -37.13 -10.56
N GLN C 194 -13.74 -37.58 -9.32
CA GLN C 194 -14.79 -37.81 -8.34
C GLN C 194 -15.45 -36.48 -7.96
N LEU C 195 -14.63 -35.43 -7.86
CA LEU C 195 -15.11 -34.10 -7.50
C LEU C 195 -15.74 -33.42 -8.72
N ALA C 196 -15.41 -33.93 -9.91
CA ALA C 196 -16.00 -33.44 -11.15
C ALA C 196 -17.48 -33.84 -11.21
N PHE C 197 -17.77 -35.06 -10.72
CA PHE C 197 -19.13 -35.56 -10.66
C PHE C 197 -19.85 -34.96 -9.45
N ALA C 198 -19.09 -34.69 -8.39
CA ALA C 198 -19.64 -34.21 -7.13
C ALA C 198 -20.14 -32.77 -7.25
N THR C 199 -19.31 -31.91 -7.87
CA THR C 199 -19.62 -30.50 -8.01
C THR C 199 -20.67 -30.31 -9.11
N ALA C 200 -20.91 -31.36 -9.91
CA ALA C 200 -21.85 -31.32 -11.01
C ALA C 200 -23.23 -31.77 -10.54
N THR C 201 -23.26 -32.64 -9.52
CA THR C 201 -24.50 -33.22 -9.04
C THR C 201 -24.96 -32.50 -7.77
N GLY C 202 -24.02 -32.25 -6.86
CA GLY C 202 -24.33 -31.57 -5.61
C GLY C 202 -23.40 -31.98 -4.47
N GLY C 203 -23.10 -33.29 -4.38
CA GLY C 203 -22.24 -33.82 -3.35
C GLY C 203 -21.85 -35.28 -3.60
N GLY C 204 -21.69 -36.04 -2.52
CA GLY C 204 -21.26 -37.43 -2.58
C GLY C 204 -22.40 -38.38 -2.94
N LYS C 205 -23.52 -38.26 -2.22
CA LYS C 205 -24.67 -39.12 -2.39
C LYS C 205 -25.29 -38.88 -3.77
N GLU C 206 -25.23 -37.63 -4.23
CA GLU C 206 -25.80 -37.21 -5.51
C GLU C 206 -24.97 -37.79 -6.66
N ALA C 207 -23.67 -37.97 -6.42
CA ALA C 207 -22.74 -38.48 -7.42
C ALA C 207 -22.97 -39.98 -7.63
N ASN C 208 -23.14 -40.72 -6.52
CA ASN C 208 -23.29 -42.16 -6.56
C ASN C 208 -24.67 -42.53 -7.12
N GLN C 209 -25.62 -41.60 -7.06
CA GLN C 209 -26.95 -41.82 -7.60
C GLN C 209 -26.88 -41.86 -9.12
N TYR C 210 -26.02 -41.00 -9.69
CA TYR C 210 -25.87 -40.88 -11.13
C TYR C 210 -25.02 -42.04 -11.67
N LEU C 211 -23.96 -42.39 -10.93
CA LEU C 211 -22.96 -43.33 -11.42
C LEU C 211 -23.31 -44.77 -11.00
N ARG C 212 -23.54 -44.96 -9.69
CA ARG C 212 -23.53 -46.29 -9.10
C ARG C 212 -24.95 -46.84 -8.96
N TYR C 213 -25.88 -46.00 -8.49
CA TYR C 213 -27.20 -46.48 -8.10
C TYR C 213 -28.25 -46.17 -9.17
N SER C 214 -27.79 -45.85 -10.38
CA SER C 214 -28.66 -45.69 -11.53
C SER C 214 -28.87 -47.05 -12.20
N GLN C 215 -29.70 -47.06 -13.26
CA GLN C 215 -29.97 -48.28 -14.02
C GLN C 215 -28.77 -48.59 -14.91
N PRO C 216 -28.59 -49.85 -15.36
CA PRO C 216 -27.50 -50.21 -16.26
C PRO C 216 -27.52 -49.39 -17.55
N ASN C 217 -26.36 -48.82 -17.91
CA ASN C 217 -26.15 -48.10 -19.16
C ASN C 217 -26.91 -46.78 -19.16
N ALA C 218 -27.03 -46.16 -17.98
CA ALA C 218 -27.78 -44.92 -17.81
C ALA C 218 -26.92 -43.73 -18.21
N ILE C 219 -25.60 -43.85 -18.01
CA ILE C 219 -24.65 -42.79 -18.31
C ILE C 219 -24.57 -42.62 -19.82
N LYS C 220 -25.00 -41.45 -20.30
CA LYS C 220 -25.00 -41.13 -21.72
C LYS C 220 -24.28 -39.80 -21.92
N LEU C 221 -23.84 -39.55 -23.17
CA LEU C 221 -23.05 -38.39 -23.52
C LEU C 221 -23.94 -37.15 -23.55
N SER C 222 -25.23 -37.35 -23.78
CA SER C 222 -26.20 -36.28 -23.93
C SER C 222 -26.60 -35.72 -22.56
N ASP C 223 -26.28 -36.46 -21.49
CA ASP C 223 -26.64 -36.08 -20.14
C ASP C 223 -25.93 -34.79 -19.75
N PRO C 224 -26.67 -33.77 -19.24
CA PRO C 224 -26.07 -32.50 -18.83
C PRO C 224 -25.02 -32.66 -17.74
N ILE C 225 -25.19 -33.68 -16.89
CA ILE C 225 -24.25 -34.00 -15.82
C ILE C 225 -22.96 -34.52 -16.43
N MET C 226 -23.09 -35.36 -17.46
CA MET C 226 -21.93 -35.95 -18.14
C MET C 226 -21.18 -34.86 -18.91
N LYS C 227 -21.92 -33.92 -19.49
CA LYS C 227 -21.34 -32.78 -20.19
C LYS C 227 -20.57 -31.90 -19.20
N ASP C 228 -21.11 -31.80 -17.98
CA ASP C 228 -20.49 -31.04 -16.91
C ASP C 228 -19.18 -31.71 -16.50
N ASP C 229 -19.20 -33.05 -16.42
CA ASP C 229 -18.04 -33.84 -16.05
C ASP C 229 -16.92 -33.67 -17.07
N ILE C 230 -17.31 -33.70 -18.35
CA ILE C 230 -16.38 -33.54 -19.47
C ILE C 230 -15.75 -32.16 -19.42
N LYS C 231 -16.56 -31.16 -19.05
CA LYS C 231 -16.14 -29.77 -18.98
C LYS C 231 -15.03 -29.61 -17.94
N VAL C 232 -15.17 -30.30 -16.81
CA VAL C 232 -14.21 -30.22 -15.72
C VAL C 232 -12.95 -31.01 -16.09
N MET C 233 -13.14 -32.09 -16.86
CA MET C 233 -12.03 -32.93 -17.28
C MET C 233 -11.25 -32.26 -18.41
N ASP C 234 -11.94 -31.43 -19.20
CA ASP C 234 -11.34 -30.78 -20.35
C ASP C 234 -10.45 -29.61 -19.91
N ILE C 235 -10.48 -29.29 -18.62
CA ILE C 235 -9.64 -28.25 -18.05
C ILE C 235 -8.19 -28.75 -18.04
N LEU C 236 -8.02 -30.07 -17.96
CA LEU C 236 -6.71 -30.69 -18.00
C LEU C 236 -6.27 -30.91 -19.45
N ARG C 237 -7.19 -30.67 -20.39
CA ARG C 237 -6.94 -30.93 -21.80
C ARG C 237 -6.82 -29.62 -22.57
N ILE C 238 -6.71 -28.50 -21.84
CA ILE C 238 -6.47 -27.20 -22.45
C ILE C 238 -5.05 -27.20 -23.01
N ASN C 239 -4.89 -26.53 -24.16
CA ASN C 239 -3.63 -26.51 -24.90
C ASN C 239 -2.50 -25.98 -24.01
N GLY C 240 -1.44 -26.78 -23.88
CA GLY C 240 -0.23 -26.41 -23.18
C GLY C 240 -0.38 -26.45 -21.66
N SER C 241 -1.36 -27.23 -21.18
CA SER C 241 -1.71 -27.28 -19.77
C SER C 241 -0.74 -28.15 -18.99
N LYS C 242 -0.15 -29.15 -19.67
CA LYS C 242 0.66 -30.16 -19.02
C LYS C 242 2.11 -30.06 -19.47
N GLN C 243 3.02 -30.52 -18.60
CA GLN C 243 4.46 -30.44 -18.84
C GLN C 243 4.88 -31.51 -19.84
N LYS C 244 6.11 -31.37 -20.34
CA LYS C 244 6.69 -32.30 -21.30
C LYS C 244 6.88 -33.66 -20.64
N ASN C 245 6.51 -34.72 -21.38
CA ASN C 245 6.69 -36.11 -20.99
C ASN C 245 5.89 -36.41 -19.72
N TRP C 246 4.65 -35.92 -19.68
CA TRP C 246 3.77 -36.12 -18.53
C TRP C 246 3.21 -37.54 -18.55
N GLU C 247 3.05 -38.10 -19.76
CA GLU C 247 2.47 -39.42 -19.97
C GLU C 247 3.25 -40.46 -19.17
N GLY C 248 4.58 -40.33 -19.18
CA GLY C 248 5.47 -41.28 -18.52
C GLY C 248 5.91 -40.80 -17.14
N ALA C 249 5.50 -39.57 -16.78
CA ALA C 249 5.90 -38.96 -15.51
C ALA C 249 5.18 -39.65 -14.36
N GLY C 250 5.93 -39.87 -13.26
CA GLY C 250 5.40 -40.51 -12.07
C GLY C 250 5.01 -39.50 -11.00
N TYR C 251 4.55 -40.01 -9.86
CA TYR C 251 4.06 -39.20 -8.75
C TYR C 251 5.21 -38.41 -8.14
N THR C 252 6.36 -39.07 -7.97
CA THR C 252 7.55 -38.45 -7.40
C THR C 252 8.06 -37.35 -8.32
N ASP C 253 7.97 -37.59 -9.63
CA ASP C 253 8.43 -36.66 -10.65
C ASP C 253 7.63 -35.37 -10.60
N VAL C 254 6.31 -35.51 -10.40
CA VAL C 254 5.39 -34.39 -10.41
C VAL C 254 5.58 -33.55 -9.15
N ILE C 255 5.91 -34.23 -8.04
CA ILE C 255 6.19 -33.57 -6.78
C ILE C 255 7.38 -32.62 -6.96
N GLY C 256 8.41 -33.10 -7.68
CA GLY C 256 9.65 -32.36 -7.88
C GLY C 256 9.48 -31.17 -8.81
N ALA C 257 8.66 -31.34 -9.86
CA ALA C 257 8.42 -30.31 -10.86
C ALA C 257 7.66 -29.14 -10.23
N PHE C 258 6.77 -29.45 -9.29
CA PHE C 258 6.01 -28.42 -8.58
C PHE C 258 6.93 -27.67 -7.62
N ALA C 259 7.87 -28.41 -7.03
CA ALA C 259 8.78 -27.89 -6.01
C ALA C 259 9.75 -26.88 -6.62
N ARG C 260 10.33 -27.24 -7.77
CA ARG C 260 11.31 -26.41 -8.46
C ARG C 260 10.60 -25.21 -9.09
N GLY C 261 9.29 -25.34 -9.29
CA GLY C 261 8.47 -24.28 -9.86
C GLY C 261 8.32 -24.41 -11.37
N ASP C 262 8.50 -25.63 -11.87
CA ASP C 262 8.39 -25.93 -13.30
C ASP C 262 6.91 -25.94 -13.69
N VAL C 263 6.05 -26.32 -12.74
CA VAL C 263 4.61 -26.26 -12.92
C VAL C 263 4.02 -25.39 -11.82
N LEU C 264 2.90 -24.72 -12.13
CA LEU C 264 2.26 -23.78 -11.23
C LEU C 264 1.28 -24.49 -10.31
N MET C 265 0.68 -25.59 -10.81
CA MET C 265 -0.33 -26.33 -10.07
C MET C 265 -0.11 -27.83 -10.24
N THR C 266 -0.64 -28.62 -9.29
CA THR C 266 -0.69 -30.06 -9.39
C THR C 266 -1.87 -30.59 -8.59
N PRO C 267 -2.85 -31.27 -9.24
CA PRO C 267 -3.99 -31.86 -8.54
C PRO C 267 -3.58 -33.14 -7.80
N ASN C 268 -3.77 -33.12 -6.48
CA ASN C 268 -3.39 -34.24 -5.62
C ASN C 268 -4.06 -34.08 -4.26
N GLY C 269 -3.89 -35.10 -3.41
CA GLY C 269 -4.46 -35.12 -2.07
C GLY C 269 -3.57 -34.41 -1.06
N SER C 270 -4.08 -34.30 0.18
CA SER C 270 -3.41 -33.57 1.26
C SER C 270 -2.16 -34.31 1.72
N TRP C 271 -2.00 -35.55 1.27
CA TRP C 271 -0.91 -36.43 1.67
C TRP C 271 0.41 -36.00 1.03
N ALA C 272 0.32 -35.17 -0.01
CA ALA C 272 1.46 -34.86 -0.87
C ALA C 272 2.32 -33.75 -0.27
N ILE C 273 1.73 -32.91 0.60
CA ILE C 273 2.37 -31.68 1.06
C ILE C 273 3.67 -31.99 1.81
N THR C 274 3.72 -33.13 2.50
CA THR C 274 4.88 -33.51 3.28
C THR C 274 6.05 -33.86 2.37
N ALA C 275 5.74 -34.39 1.18
CA ALA C 275 6.73 -34.78 0.20
C ALA C 275 7.25 -33.53 -0.54
N ILE C 276 6.37 -32.54 -0.70
CA ILE C 276 6.69 -31.29 -1.38
C ILE C 276 7.61 -30.46 -0.48
N ASN C 277 7.32 -30.44 0.82
CA ASN C 277 8.07 -29.66 1.80
C ASN C 277 9.50 -30.18 1.91
N GLU C 278 9.68 -31.48 1.61
CA GLU C 278 10.98 -32.14 1.71
C GLU C 278 11.87 -31.69 0.55
N GLN C 279 11.26 -31.16 -0.51
CA GLN C 279 11.97 -30.76 -1.71
C GLN C 279 12.43 -29.31 -1.59
N LYS C 280 12.14 -28.70 -0.43
CA LYS C 280 12.57 -27.36 -0.06
C LYS C 280 12.28 -26.37 -1.19
N PRO C 281 11.00 -26.06 -1.47
CA PRO C 281 10.65 -25.13 -2.54
C PRO C 281 10.90 -23.68 -2.14
N ASN C 282 11.29 -22.85 -3.12
CA ASN C 282 11.60 -21.45 -2.87
C ASN C 282 10.38 -20.59 -3.22
N PHE C 283 9.22 -21.00 -2.67
CA PHE C 283 7.97 -20.26 -2.80
C PHE C 283 6.99 -20.76 -1.74
N LYS C 284 6.02 -19.90 -1.40
CA LYS C 284 4.97 -20.25 -0.46
C LYS C 284 3.93 -21.11 -1.18
N ILE C 285 3.64 -22.27 -0.59
CA ILE C 285 2.69 -23.22 -1.15
C ILE C 285 1.28 -22.85 -0.70
N GLY C 286 0.31 -22.97 -1.62
CA GLY C 286 -1.09 -22.79 -1.32
C GLY C 286 -1.94 -23.94 -1.88
N THR C 287 -3.21 -23.96 -1.47
CA THR C 287 -4.18 -24.93 -1.97
C THR C 287 -5.53 -24.24 -2.20
N PHE C 288 -6.33 -24.83 -3.10
CA PHE C 288 -7.73 -24.45 -3.25
C PHE C 288 -8.56 -25.68 -3.61
N MET C 289 -9.85 -25.62 -3.27
CA MET C 289 -10.79 -26.70 -3.56
C MET C 289 -11.29 -26.56 -4.99
N ILE C 290 -11.59 -27.70 -5.62
CA ILE C 290 -12.12 -27.75 -6.97
C ILE C 290 -13.51 -27.13 -6.96
N PRO C 291 -13.76 -26.05 -7.74
CA PRO C 291 -15.01 -25.30 -7.69
C PRO C 291 -16.15 -26.01 -8.42
N GLY C 292 -17.36 -25.44 -8.30
CA GLY C 292 -18.53 -25.94 -8.99
C GLY C 292 -18.90 -25.07 -10.18
N LYS C 293 -20.17 -25.17 -10.60
CA LYS C 293 -20.70 -24.42 -11.74
C LYS C 293 -20.75 -22.93 -11.40
N GLU C 294 -21.30 -22.62 -10.22
CA GLU C 294 -21.41 -21.25 -9.73
C GLU C 294 -20.61 -21.10 -8.44
N LYS C 295 -20.48 -19.85 -7.97
CA LYS C 295 -19.67 -19.51 -6.82
C LYS C 295 -20.28 -20.12 -5.56
N GLY C 296 -19.41 -20.67 -4.70
CA GLY C 296 -19.81 -21.27 -3.44
C GLY C 296 -20.38 -22.67 -3.61
N GLN C 297 -19.78 -23.44 -4.51
CA GLN C 297 -20.21 -24.81 -4.79
C GLN C 297 -19.01 -25.74 -4.81
N SER C 298 -17.90 -25.29 -4.19
CA SER C 298 -16.66 -26.05 -4.16
C SER C 298 -16.77 -27.18 -3.12
N LEU C 299 -16.23 -28.35 -3.49
CA LEU C 299 -16.26 -29.53 -2.63
C LEU C 299 -14.87 -30.14 -2.56
N THR C 300 -14.65 -30.95 -1.52
CA THR C 300 -13.45 -31.77 -1.38
C THR C 300 -13.85 -33.20 -1.06
N VAL C 301 -12.97 -34.15 -1.39
CA VAL C 301 -13.23 -35.56 -1.17
C VAL C 301 -12.07 -36.15 -0.35
N GLY C 302 -12.40 -37.11 0.50
CA GLY C 302 -11.42 -37.83 1.30
C GLY C 302 -12.07 -38.70 2.37
N ALA C 303 -11.22 -39.42 3.12
CA ALA C 303 -11.65 -40.26 4.23
C ALA C 303 -10.49 -40.40 5.21
N GLY C 304 -10.56 -41.42 6.08
CA GLY C 304 -9.50 -41.72 7.03
C GLY C 304 -8.18 -41.98 6.31
N ASP C 305 -7.14 -41.24 6.73
CA ASP C 305 -5.83 -41.32 6.11
C ASP C 305 -4.95 -42.28 6.90
N LEU C 306 -4.43 -41.79 8.04
CA LEU C 306 -3.77 -42.66 8.99
C LEU C 306 -4.84 -43.38 9.81
N ALA C 307 -5.18 -44.60 9.37
CA ALA C 307 -6.27 -45.36 9.96
C ALA C 307 -5.81 -46.80 10.19
N TRP C 308 -5.89 -47.25 11.45
CA TRP C 308 -5.32 -48.53 11.84
C TRP C 308 -6.40 -49.49 12.31
N SER C 309 -6.23 -50.76 11.92
CA SER C 309 -7.04 -51.87 12.41
C SER C 309 -6.12 -52.93 13.02
N ILE C 310 -6.64 -53.67 14.00
CA ILE C 310 -5.89 -54.71 14.69
C ILE C 310 -6.43 -56.07 14.26
N SER C 311 -5.52 -57.00 13.93
CA SER C 311 -5.84 -58.34 13.53
C SER C 311 -6.59 -59.07 14.65
N ALA C 312 -7.61 -59.85 14.27
CA ALA C 312 -8.42 -60.59 15.23
C ALA C 312 -7.71 -61.88 15.61
N THR C 313 -6.73 -62.29 14.80
CA THR C 313 -5.97 -63.51 15.04
C THR C 313 -4.49 -63.17 15.25
N THR C 314 -4.24 -62.03 15.91
CA THR C 314 -2.90 -61.62 16.27
C THR C 314 -2.43 -62.44 17.48
N LYS C 315 -1.12 -62.76 17.50
CA LYS C 315 -0.54 -63.56 18.55
C LYS C 315 -0.33 -62.72 19.80
N HIS C 316 -0.19 -61.40 19.61
CA HIS C 316 0.07 -60.47 20.70
C HIS C 316 -0.92 -59.31 20.64
N PRO C 317 -2.17 -59.49 21.12
CA PRO C 317 -3.20 -58.46 21.03
C PRO C 317 -2.96 -57.26 21.95
N LYS C 318 -2.38 -57.53 23.12
CA LYS C 318 -2.13 -56.50 24.14
C LYS C 318 -1.05 -55.55 23.63
N GLU C 319 -0.06 -56.10 22.93
CA GLU C 319 1.05 -55.33 22.39
C GLU C 319 0.57 -54.47 21.22
N ALA C 320 -0.32 -55.03 20.39
CA ALA C 320 -0.86 -54.37 19.22
C ALA C 320 -1.77 -53.23 19.64
N ASN C 321 -2.52 -53.44 20.73
CA ASN C 321 -3.44 -52.45 21.26
C ASN C 321 -2.67 -51.32 21.93
N ALA C 322 -1.50 -51.64 22.48
CA ALA C 322 -0.63 -50.67 23.14
C ALA C 322 0.01 -49.74 22.11
N PHE C 323 0.25 -50.28 20.91
CA PHE C 323 0.84 -49.54 19.82
C PHE C 323 -0.14 -48.50 19.29
N VAL C 324 -1.41 -48.91 19.17
CA VAL C 324 -2.48 -48.05 18.68
C VAL C 324 -2.80 -46.99 19.73
N GLU C 325 -2.80 -47.41 21.00
CA GLU C 325 -3.07 -46.53 22.14
C GLU C 325 -2.04 -45.41 22.17
N TYR C 326 -0.80 -45.72 21.76
CA TYR C 326 0.31 -44.79 21.81
C TYR C 326 0.09 -43.65 20.81
N MET C 327 -0.49 -43.96 19.66
CA MET C 327 -0.68 -43.02 18.58
C MET C 327 -1.86 -42.09 18.87
N THR C 328 -2.69 -42.48 19.85
CA THR C 328 -3.86 -41.69 20.23
C THR C 328 -3.48 -40.61 21.24
N ARG C 329 -2.26 -40.70 21.78
CA ARG C 329 -1.76 -39.73 22.74
C ARG C 329 -1.52 -38.40 22.03
N PRO C 330 -1.91 -37.25 22.64
CA PRO C 330 -1.81 -35.94 21.99
C PRO C 330 -0.38 -35.54 21.65
N GLU C 331 0.55 -35.79 22.58
CA GLU C 331 1.94 -35.37 22.45
C GLU C 331 2.66 -36.25 21.43
N VAL C 332 2.08 -37.42 21.12
CA VAL C 332 2.62 -38.34 20.14
C VAL C 332 2.05 -37.99 18.77
N MET C 333 0.76 -37.60 18.75
CA MET C 333 0.06 -37.26 17.54
C MET C 333 0.55 -35.92 17.00
N GLN C 334 1.02 -35.06 17.92
CA GLN C 334 1.54 -33.74 17.56
C GLN C 334 2.79 -33.91 16.68
N LYS C 335 3.59 -34.94 16.98
CA LYS C 335 4.80 -35.25 16.23
C LYS C 335 4.45 -35.59 14.79
N TYR C 336 3.36 -36.34 14.60
CA TYR C 336 2.94 -36.82 13.29
C TYR C 336 2.33 -35.66 12.48
N TYR C 337 1.46 -34.88 13.13
CA TYR C 337 0.69 -33.84 12.46
C TYR C 337 1.61 -32.74 11.93
N ASP C 338 2.64 -32.39 12.71
CA ASP C 338 3.51 -31.27 12.41
C ASP C 338 4.30 -31.53 11.13
N VAL C 339 4.29 -32.80 10.67
CA VAL C 339 4.99 -33.19 9.46
C VAL C 339 3.97 -33.47 8.36
N ASP C 340 2.89 -34.19 8.72
CA ASP C 340 1.87 -34.61 7.76
C ASP C 340 1.03 -33.41 7.33
N GLY C 341 0.26 -32.86 8.28
CA GLY C 341 -0.50 -31.64 8.05
C GLY C 341 -1.98 -31.90 7.80
N SER C 342 -2.34 -33.16 7.54
CA SER C 342 -3.73 -33.54 7.29
C SER C 342 -4.56 -33.32 8.56
N PRO C 343 -5.81 -32.82 8.43
CA PRO C 343 -6.67 -32.59 9.59
C PRO C 343 -6.87 -33.87 10.41
N THR C 344 -6.79 -33.73 11.74
CA THR C 344 -6.76 -34.87 12.64
C THR C 344 -8.00 -34.86 13.52
N ALA C 345 -8.42 -36.06 13.95
CA ALA C 345 -9.60 -36.24 14.77
C ALA C 345 -9.20 -36.52 16.23
N ILE C 346 -7.89 -36.61 16.47
CA ILE C 346 -7.35 -36.91 17.78
C ILE C 346 -7.46 -35.68 18.67
N GLU C 347 -7.85 -35.91 19.94
CA GLU C 347 -8.10 -34.88 20.92
C GLU C 347 -6.77 -34.32 21.44
N GLY C 348 -6.72 -32.98 21.58
CA GLY C 348 -5.61 -32.30 22.22
C GLY C 348 -4.44 -32.02 21.27
N VAL C 349 -4.76 -31.94 19.96
CA VAL C 349 -3.75 -31.68 18.94
C VAL C 349 -4.00 -30.29 18.36
N LYS C 350 -3.02 -29.40 18.53
CA LYS C 350 -3.09 -28.05 18.01
C LYS C 350 -2.87 -28.07 16.51
N GLN C 351 -3.91 -27.67 15.77
CA GLN C 351 -3.88 -27.69 14.31
C GLN C 351 -3.49 -26.31 13.79
N ALA C 352 -2.98 -26.27 12.55
CA ALA C 352 -2.51 -25.06 11.90
C ALA C 352 -3.68 -24.13 11.60
N GLY C 353 -3.36 -22.84 11.41
CA GLY C 353 -4.37 -21.82 11.12
C GLY C 353 -4.81 -21.84 9.67
N GLU C 354 -5.24 -20.67 9.18
CA GLU C 354 -5.75 -20.53 7.82
C GLU C 354 -4.66 -19.95 6.92
N ASP C 355 -3.44 -19.86 7.46
CA ASP C 355 -2.29 -19.34 6.72
C ASP C 355 -1.28 -20.48 6.49
N SER C 356 -1.80 -21.70 6.34
CA SER C 356 -0.99 -22.88 6.14
C SER C 356 -1.10 -23.35 4.69
N PRO C 357 -0.20 -24.23 4.21
CA PRO C 357 -0.31 -24.79 2.87
C PRO C 357 -1.63 -25.50 2.57
N LEU C 358 -2.12 -26.29 3.53
CA LEU C 358 -3.30 -27.12 3.34
C LEU C 358 -4.56 -26.38 3.81
N ALA C 359 -4.47 -25.04 3.90
CA ALA C 359 -5.55 -24.23 4.44
C ALA C 359 -6.76 -24.25 3.52
N GLY C 360 -6.53 -24.05 2.22
CA GLY C 360 -7.60 -23.91 1.24
C GLY C 360 -8.27 -25.25 0.91
N MET C 361 -7.54 -26.35 1.14
CA MET C 361 -7.99 -27.68 0.77
C MET C 361 -8.79 -28.29 1.91
N THR C 362 -8.37 -28.03 3.15
CA THR C 362 -8.87 -28.75 4.31
C THR C 362 -9.61 -27.81 5.26
N GLU C 363 -10.11 -26.69 4.73
CA GLU C 363 -10.83 -25.73 5.54
C GLU C 363 -12.24 -26.24 5.85
N TYR C 364 -12.79 -27.06 4.95
CA TYR C 364 -14.12 -27.61 5.11
C TYR C 364 -14.04 -29.08 5.50
N ALA C 365 -13.05 -29.42 6.33
CA ALA C 365 -12.90 -30.76 6.86
C ALA C 365 -13.97 -31.02 7.92
N PHE C 366 -14.49 -32.25 7.91
CA PHE C 366 -15.55 -32.70 8.81
C PHE C 366 -16.82 -31.86 8.61
N THR C 367 -17.12 -31.56 7.34
CA THR C 367 -18.26 -30.76 6.96
C THR C 367 -19.03 -31.49 5.86
N ASP C 368 -20.20 -30.96 5.50
CA ASP C 368 -21.02 -31.48 4.42
C ASP C 368 -20.27 -31.31 3.09
N ARG C 369 -19.28 -30.43 3.08
CA ARG C 369 -18.47 -30.16 1.90
C ARG C 369 -17.31 -31.15 1.81
N HIS C 370 -17.12 -31.93 2.87
CA HIS C 370 -16.13 -33.00 2.88
C HIS C 370 -16.84 -34.34 2.72
N LEU C 371 -17.07 -34.75 1.48
CA LEU C 371 -17.77 -35.98 1.17
C LEU C 371 -16.77 -37.14 1.15
N VAL C 372 -17.26 -38.33 1.54
CA VAL C 372 -16.46 -39.54 1.59
C VAL C 372 -16.18 -39.98 0.15
N TRP C 373 -15.06 -40.69 -0.03
CA TRP C 373 -14.70 -41.30 -1.31
C TRP C 373 -15.91 -42.02 -1.88
N LEU C 374 -16.09 -41.91 -3.21
CA LEU C 374 -17.25 -42.48 -3.89
C LEU C 374 -17.13 -44.00 -3.94
N GLN C 375 -15.90 -44.52 -3.83
CA GLN C 375 -15.66 -45.95 -3.95
C GLN C 375 -16.00 -46.67 -2.64
N GLN C 376 -16.64 -45.93 -1.72
CA GLN C 376 -17.17 -46.50 -0.49
C GLN C 376 -18.29 -47.47 -0.83
N TYR C 377 -18.99 -47.20 -1.94
CA TYR C 377 -20.11 -48.01 -2.38
C TYR C 377 -19.84 -48.58 -3.76
N TRP C 378 -18.55 -48.73 -4.11
CA TRP C 378 -18.13 -49.44 -5.29
C TRP C 378 -17.50 -50.78 -4.89
N THR C 379 -17.14 -51.59 -5.89
CA THR C 379 -16.49 -52.87 -5.64
C THR C 379 -14.99 -52.76 -5.87
N SER C 380 -14.58 -51.78 -6.70
CA SER C 380 -13.19 -51.43 -6.92
C SER C 380 -13.08 -49.96 -7.30
N GLU C 381 -11.85 -49.50 -7.57
CA GLU C 381 -11.60 -48.11 -7.90
C GLU C 381 -10.50 -48.00 -8.96
N ALA C 382 -9.84 -49.13 -9.26
CA ALA C 382 -8.69 -49.16 -10.14
C ALA C 382 -9.06 -48.70 -11.54
N ASP C 383 -10.17 -49.24 -12.07
CA ASP C 383 -10.59 -48.99 -13.44
C ASP C 383 -11.10 -47.56 -13.60
N PHE C 384 -11.53 -46.94 -12.48
CA PHE C 384 -11.98 -45.56 -12.49
C PHE C 384 -10.77 -44.64 -12.71
N HIS C 385 -9.62 -45.01 -12.14
CA HIS C 385 -8.39 -44.26 -12.34
C HIS C 385 -7.97 -44.35 -13.81
N THR C 386 -8.15 -45.54 -14.39
CA THR C 386 -7.70 -45.83 -15.74
C THR C 386 -8.47 -44.97 -16.75
N LEU C 387 -9.81 -44.97 -16.65
CA LEU C 387 -10.65 -44.25 -17.59
C LEU C 387 -10.46 -42.74 -17.46
N THR C 388 -10.07 -42.30 -16.25
CA THR C 388 -9.84 -40.90 -15.95
C THR C 388 -8.59 -40.43 -16.71
N MET C 389 -7.50 -41.19 -16.57
CA MET C 389 -6.23 -40.86 -17.19
C MET C 389 -6.29 -41.10 -18.69
N ASN C 390 -7.07 -42.11 -19.10
CA ASN C 390 -7.23 -42.46 -20.51
C ASN C 390 -7.80 -41.27 -21.28
N TYR C 391 -8.75 -40.56 -20.66
CA TYR C 391 -9.38 -39.41 -21.29
C TYR C 391 -8.40 -38.25 -21.40
N VAL C 392 -7.54 -38.08 -20.38
CA VAL C 392 -6.56 -37.03 -20.36
C VAL C 392 -5.49 -37.31 -21.42
N LEU C 393 -5.34 -38.60 -21.77
CA LEU C 393 -4.35 -39.05 -22.73
C LEU C 393 -4.88 -38.92 -24.15
N THR C 394 -6.19 -39.14 -24.35
CA THR C 394 -6.75 -39.21 -25.69
C THR C 394 -7.78 -38.08 -25.89
N GLY C 395 -8.82 -38.07 -25.06
CA GLY C 395 -9.92 -37.12 -25.19
C GLY C 395 -11.14 -37.74 -25.84
N ASP C 396 -11.24 -39.07 -25.75
CA ASP C 396 -12.35 -39.83 -26.30
C ASP C 396 -13.56 -39.69 -25.38
N LYS C 397 -14.49 -38.81 -25.76
CA LYS C 397 -15.66 -38.48 -24.97
C LYS C 397 -16.59 -39.68 -24.86
N GLN C 398 -16.89 -40.31 -26.00
CA GLN C 398 -17.78 -41.46 -26.08
C GLN C 398 -17.10 -42.67 -25.46
N GLY C 399 -15.77 -42.78 -25.67
CA GLY C 399 -14.97 -43.87 -25.14
C GLY C 399 -15.00 -43.90 -23.61
N MET C 400 -14.94 -42.71 -22.98
CA MET C 400 -14.98 -42.59 -21.54
C MET C 400 -16.34 -43.00 -20.99
N VAL C 401 -17.40 -42.57 -21.69
CA VAL C 401 -18.78 -42.91 -21.32
C VAL C 401 -18.95 -44.42 -21.35
N ASN C 402 -18.36 -45.05 -22.37
CA ASN C 402 -18.41 -46.50 -22.55
C ASN C 402 -17.65 -47.19 -21.43
N ASP C 403 -16.53 -46.57 -21.02
CA ASP C 403 -15.67 -47.10 -19.96
C ASP C 403 -16.38 -47.02 -18.61
N LEU C 404 -17.15 -45.94 -18.40
CA LEU C 404 -17.85 -45.70 -17.16
C LEU C 404 -18.97 -46.73 -16.98
N ASN C 405 -19.67 -47.04 -18.08
CA ASN C 405 -20.77 -47.99 -18.05
C ASN C 405 -20.21 -49.41 -17.84
N ALA C 406 -19.07 -49.69 -18.47
CA ALA C 406 -18.41 -50.99 -18.38
C ALA C 406 -17.97 -51.26 -16.94
N PHE C 407 -17.71 -50.18 -16.20
CA PHE C 407 -17.18 -50.27 -14.85
C PHE C 407 -18.31 -50.43 -13.84
N PHE C 408 -19.47 -49.82 -14.14
CA PHE C 408 -20.55 -49.70 -13.16
C PHE C 408 -21.64 -50.73 -13.41
N ASN C 409 -21.66 -51.35 -14.59
CA ASN C 409 -22.68 -52.33 -14.95
C ASN C 409 -22.63 -53.54 -14.02
N PRO C 410 -21.45 -54.15 -13.75
CA PRO C 410 -21.36 -55.30 -12.86
C PRO C 410 -21.76 -55.04 -11.41
N MET C 411 -21.81 -53.77 -11.02
CA MET C 411 -22.11 -53.38 -9.65
C MET C 411 -23.62 -53.25 -9.46
N LYS C 412 -24.33 -52.98 -10.56
CA LYS C 412 -25.77 -52.76 -10.54
C LYS C 412 -26.51 -54.09 -10.58
N ALA C 413 -25.91 -55.08 -11.27
CA ALA C 413 -26.47 -56.40 -11.40
C ALA C 413 -26.42 -57.15 -10.06
N THR D 30 -53.34 -40.26 29.00
CA THR D 30 -52.52 -39.26 28.25
C THR D 30 -51.44 -38.69 29.16
N VAL D 31 -50.26 -38.46 28.59
CA VAL D 31 -49.09 -37.99 29.33
C VAL D 31 -48.68 -36.62 28.79
N THR D 32 -48.50 -35.66 29.70
CA THR D 32 -48.14 -34.30 29.33
C THR D 32 -46.72 -33.99 29.81
N ILE D 33 -45.88 -33.53 28.88
CA ILE D 33 -44.50 -33.16 29.17
C ILE D 33 -44.29 -31.69 28.82
N GLU D 34 -43.16 -31.14 29.27
CA GLU D 34 -42.83 -29.74 29.10
C GLU D 34 -41.60 -29.59 28.22
N TYR D 35 -41.61 -28.57 27.36
CA TYR D 35 -40.42 -28.15 26.63
C TYR D 35 -40.14 -26.68 26.90
N PHE D 36 -39.01 -26.43 27.57
CA PHE D 36 -38.58 -25.08 27.90
C PHE D 36 -37.83 -24.50 26.70
N ASN D 37 -38.41 -23.47 26.08
CA ASN D 37 -37.91 -22.90 24.84
C ASN D 37 -37.15 -21.60 25.13
N GLN D 38 -36.06 -21.39 24.39
CA GLN D 38 -35.31 -20.14 24.44
C GLN D 38 -35.27 -19.52 23.04
N LYS D 39 -36.03 -20.10 22.11
CA LYS D 39 -36.13 -19.61 20.74
C LYS D 39 -37.49 -18.93 20.56
N LYS D 40 -37.55 -17.63 20.89
CA LYS D 40 -38.79 -16.88 20.87
C LYS D 40 -39.22 -16.58 19.44
N GLU D 41 -38.25 -16.56 18.51
CA GLU D 41 -38.50 -16.22 17.12
C GLU D 41 -39.17 -17.39 16.42
N MET D 42 -38.90 -18.62 16.87
CA MET D 42 -39.33 -19.82 16.20
C MET D 42 -40.52 -20.46 16.92
N THR D 43 -41.19 -19.67 17.76
CA THR D 43 -42.29 -20.13 18.59
C THR D 43 -43.37 -20.80 17.74
N LYS D 44 -43.77 -20.12 16.66
CA LYS D 44 -44.91 -20.52 15.84
C LYS D 44 -44.64 -21.86 15.16
N THR D 45 -43.45 -22.00 14.58
CA THR D 45 -43.08 -23.18 13.81
C THR D 45 -42.89 -24.38 14.76
N LEU D 46 -42.36 -24.11 15.95
CA LEU D 46 -42.12 -25.15 16.94
C LEU D 46 -43.44 -25.69 17.49
N GLU D 47 -44.48 -24.83 17.48
CA GLU D 47 -45.81 -25.22 17.90
C GLU D 47 -46.47 -26.08 16.81
N GLU D 48 -46.14 -25.78 15.55
CA GLU D 48 -46.65 -26.51 14.40
C GLU D 48 -46.06 -27.93 14.39
N ILE D 49 -44.77 -28.02 14.76
CA ILE D 49 -44.07 -29.29 14.85
C ILE D 49 -44.65 -30.11 16.00
N THR D 50 -45.00 -29.41 17.09
CA THR D 50 -45.56 -30.02 18.28
C THR D 50 -46.93 -30.62 17.97
N ARG D 51 -47.75 -29.87 17.21
CA ARG D 51 -49.10 -30.30 16.85
C ARG D 51 -49.03 -31.57 16.02
N ASP D 52 -48.03 -31.64 15.12
CA ASP D 52 -47.81 -32.79 14.26
C ASP D 52 -47.42 -34.00 15.10
N PHE D 53 -46.60 -33.77 16.12
CA PHE D 53 -46.14 -34.80 17.04
C PHE D 53 -47.32 -35.32 17.85
N GLU D 54 -48.19 -34.41 18.29
CA GLU D 54 -49.32 -34.72 19.15
C GLU D 54 -50.38 -35.48 18.35
N LYS D 55 -50.45 -35.23 17.04
CA LYS D 55 -51.39 -35.90 16.16
C LYS D 55 -50.93 -37.33 15.88
N GLU D 56 -49.60 -37.53 15.85
CA GLU D 56 -49.00 -38.82 15.59
C GLU D 56 -48.87 -39.61 16.89
N ASN D 57 -48.98 -38.90 18.02
CA ASN D 57 -48.90 -39.52 19.33
C ASN D 57 -50.07 -39.01 20.19
N PRO D 58 -51.27 -39.63 20.10
CA PRO D 58 -52.45 -39.14 20.81
C PRO D 58 -52.38 -39.32 22.32
N LYS D 59 -51.38 -40.08 22.78
CA LYS D 59 -51.20 -40.38 24.20
C LYS D 59 -50.18 -39.42 24.81
N ILE D 60 -49.56 -38.59 23.96
CA ILE D 60 -48.52 -37.67 24.40
C ILE D 60 -48.95 -36.24 24.06
N LYS D 61 -48.77 -35.33 25.03
CA LYS D 61 -49.03 -33.91 24.85
C LYS D 61 -47.82 -33.13 25.35
N VAL D 62 -47.49 -32.04 24.64
CA VAL D 62 -46.31 -31.24 24.94
C VAL D 62 -46.72 -29.77 25.08
N LYS D 63 -46.29 -29.16 26.18
CA LYS D 63 -46.49 -27.74 26.42
C LYS D 63 -45.19 -27.00 26.12
N VAL D 64 -45.29 -26.00 25.22
CA VAL D 64 -44.16 -25.17 24.87
C VAL D 64 -44.20 -23.91 25.74
N VAL D 65 -43.12 -23.69 26.49
CA VAL D 65 -43.07 -22.62 27.49
C VAL D 65 -42.11 -21.54 27.02
N ASN D 66 -42.64 -20.30 26.95
CA ASN D 66 -41.86 -19.12 26.65
C ASN D 66 -42.04 -18.10 27.78
N VAL D 67 -40.96 -17.85 28.50
CA VAL D 67 -40.96 -16.88 29.60
C VAL D 67 -39.91 -15.82 29.32
N PRO D 68 -40.14 -14.55 29.73
CA PRO D 68 -39.10 -13.52 29.68
C PRO D 68 -37.92 -13.90 30.55
N ASN D 69 -36.71 -13.61 30.07
CA ASN D 69 -35.46 -14.00 30.71
C ASN D 69 -35.49 -15.50 30.99
N ALA D 70 -35.59 -16.29 29.90
CA ALA D 70 -35.68 -17.73 29.97
C ALA D 70 -34.39 -18.31 30.56
N GLY D 71 -33.26 -17.70 30.19
CA GLY D 71 -31.94 -18.11 30.68
C GLY D 71 -31.80 -17.91 32.19
N GLU D 72 -32.55 -16.94 32.72
CA GLU D 72 -32.51 -16.60 34.14
C GLU D 72 -33.43 -17.55 34.90
N VAL D 73 -34.62 -17.82 34.33
CA VAL D 73 -35.62 -18.68 34.93
C VAL D 73 -35.09 -20.11 34.97
N LEU D 74 -34.38 -20.51 33.90
CA LEU D 74 -33.83 -21.84 33.77
C LEU D 74 -32.80 -22.10 34.87
N LYS D 75 -32.00 -21.07 35.17
CA LYS D 75 -30.97 -21.17 36.19
C LYS D 75 -31.63 -21.40 37.56
N THR D 76 -32.70 -20.65 37.83
CA THR D 76 -33.41 -20.72 39.10
C THR D 76 -34.04 -22.09 39.27
N ARG D 77 -34.68 -22.58 38.20
CA ARG D 77 -35.49 -23.80 38.25
C ARG D 77 -34.59 -25.02 38.46
N VAL D 78 -33.44 -25.06 37.77
CA VAL D 78 -32.54 -26.20 37.82
C VAL D 78 -31.89 -26.27 39.21
N LEU D 79 -31.50 -25.10 39.74
CA LEU D 79 -30.90 -25.01 41.06
C LEU D 79 -31.92 -25.43 42.12
N ALA D 80 -33.20 -25.19 41.83
CA ALA D 80 -34.29 -25.54 42.74
C ALA D 80 -34.67 -27.00 42.56
N GLY D 81 -34.22 -27.62 41.47
CA GLY D 81 -34.55 -29.00 41.16
C GLY D 81 -35.95 -29.13 40.55
N ASP D 82 -36.31 -28.15 39.71
CA ASP D 82 -37.56 -28.13 38.99
C ASP D 82 -37.25 -28.10 37.50
N VAL D 83 -36.53 -29.13 37.05
CA VAL D 83 -36.00 -29.22 35.70
C VAL D 83 -37.11 -29.66 34.76
N PRO D 84 -37.37 -28.91 33.67
CA PRO D 84 -38.32 -29.34 32.63
C PRO D 84 -37.87 -30.63 31.96
N ASP D 85 -38.84 -31.33 31.35
CA ASP D 85 -38.62 -32.62 30.72
C ASP D 85 -37.64 -32.48 29.56
N VAL D 86 -37.89 -31.49 28.69
CA VAL D 86 -37.01 -31.15 27.58
C VAL D 86 -36.62 -29.68 27.71
N VAL D 87 -35.31 -29.41 27.62
CA VAL D 87 -34.75 -28.10 27.89
C VAL D 87 -33.96 -27.61 26.69
N ASN D 88 -34.31 -26.43 26.19
CA ASN D 88 -33.52 -25.73 25.19
C ASN D 88 -32.37 -25.02 25.88
N ILE D 89 -31.21 -25.69 25.90
CA ILE D 89 -30.02 -25.18 26.56
C ILE D 89 -28.86 -25.17 25.58
N TYR D 90 -28.17 -24.02 25.50
CA TYR D 90 -27.06 -23.83 24.59
C TYR D 90 -25.85 -24.59 25.11
N PRO D 91 -25.30 -25.55 24.32
CA PRO D 91 -24.38 -26.56 24.87
C PRO D 91 -22.93 -26.11 25.10
N GLN D 92 -22.65 -24.84 24.77
CA GLN D 92 -21.33 -24.27 25.02
C GLN D 92 -21.29 -23.66 26.41
N SER D 93 -22.48 -23.36 26.96
CA SER D 93 -22.62 -22.63 28.20
C SER D 93 -21.98 -23.40 29.36
N ILE D 94 -21.58 -22.65 30.39
CA ILE D 94 -20.95 -23.19 31.58
C ILE D 94 -22.01 -23.88 32.45
N GLU D 95 -23.29 -23.60 32.13
CA GLU D 95 -24.42 -24.10 32.89
C GLU D 95 -24.61 -25.58 32.62
N LEU D 96 -24.55 -25.97 31.33
CA LEU D 96 -24.73 -27.35 30.93
C LEU D 96 -23.62 -28.22 31.53
N GLN D 97 -22.40 -27.68 31.57
CA GLN D 97 -21.22 -28.38 32.06
C GLN D 97 -21.41 -28.74 33.54
N GLU D 98 -21.92 -27.77 34.31
CA GLU D 98 -22.10 -27.92 35.75
C GLU D 98 -23.26 -28.86 36.04
N TRP D 99 -24.35 -28.71 35.28
CA TRP D 99 -25.58 -29.45 35.53
C TRP D 99 -25.46 -30.89 35.05
N ALA D 100 -24.63 -31.12 34.02
CA ALA D 100 -24.40 -32.46 33.49
C ALA D 100 -23.57 -33.28 34.49
N LYS D 101 -22.55 -32.65 35.05
CA LYS D 101 -21.67 -33.29 36.03
C LYS D 101 -22.43 -33.55 37.32
N ALA D 102 -23.48 -32.77 37.56
CA ALA D 102 -24.33 -32.92 38.73
C ALA D 102 -25.26 -34.11 38.54
N GLY D 103 -25.61 -34.40 37.29
CA GLY D 103 -26.50 -35.49 36.94
C GLY D 103 -27.93 -35.02 36.72
N VAL D 104 -28.07 -33.78 36.23
CA VAL D 104 -29.35 -33.15 36.01
C VAL D 104 -29.96 -33.68 34.70
N PHE D 105 -29.09 -33.86 33.69
CA PHE D 105 -29.54 -34.24 32.36
C PHE D 105 -29.26 -35.71 32.10
N GLU D 106 -30.03 -36.29 31.16
CA GLU D 106 -29.96 -37.69 30.80
C GLU D 106 -28.77 -37.91 29.87
N ASP D 107 -28.12 -39.08 30.02
CA ASP D 107 -27.04 -39.50 29.16
C ASP D 107 -27.62 -39.92 27.81
N LEU D 108 -27.17 -39.25 26.74
CA LEU D 108 -27.72 -39.44 25.41
C LEU D 108 -26.65 -40.03 24.48
N SER D 109 -25.56 -40.53 25.06
CA SER D 109 -24.39 -40.97 24.31
C SER D 109 -24.73 -42.12 23.37
N ASN D 110 -25.55 -43.05 23.85
CA ASN D 110 -25.85 -44.27 23.10
C ASN D 110 -27.33 -44.30 22.70
N LYS D 111 -27.88 -43.12 22.39
CA LYS D 111 -29.22 -43.02 21.84
C LYS D 111 -29.16 -43.24 20.33
N ASP D 112 -30.22 -43.87 19.80
CA ASP D 112 -30.27 -44.28 18.39
C ASP D 112 -30.33 -43.05 17.49
N TYR D 113 -31.11 -42.04 17.89
CA TYR D 113 -31.41 -40.89 17.06
C TYR D 113 -30.21 -39.95 16.98
N LEU D 114 -29.19 -40.20 17.80
CA LEU D 114 -28.01 -39.33 17.87
C LEU D 114 -27.11 -39.57 16.66
N LYS D 115 -27.32 -40.69 15.96
CA LYS D 115 -26.55 -41.04 14.78
C LYS D 115 -26.96 -40.15 13.60
N ARG D 116 -28.03 -39.36 13.80
CA ARG D 116 -28.55 -38.48 12.77
C ARG D 116 -27.81 -37.14 12.83
N VAL D 117 -26.93 -36.98 13.82
CA VAL D 117 -26.11 -35.80 13.96
C VAL D 117 -24.80 -36.04 13.22
N LYS D 118 -24.58 -35.24 12.17
CA LYS D 118 -23.43 -35.39 11.27
C LYS D 118 -22.17 -34.89 11.96
N ASN D 119 -21.05 -35.53 11.62
CA ASN D 119 -19.70 -35.07 11.92
C ASN D 119 -19.46 -34.98 13.44
N GLY D 120 -20.26 -35.74 14.19
CA GLY D 120 -20.15 -35.79 15.65
C GLY D 120 -20.17 -34.39 16.27
N TYR D 121 -21.21 -33.61 15.94
CA TYR D 121 -21.36 -32.25 16.43
C TYR D 121 -21.87 -32.27 17.87
N ALA D 122 -22.41 -33.42 18.29
CA ALA D 122 -22.92 -33.59 19.64
C ALA D 122 -21.78 -33.90 20.61
N GLU D 123 -20.78 -34.65 20.12
CA GLU D 123 -19.62 -35.01 20.92
C GLU D 123 -18.71 -33.81 21.12
N LYS D 124 -18.97 -32.75 20.35
CA LYS D 124 -18.21 -31.50 20.43
C LYS D 124 -18.41 -30.86 21.80
N TYR D 125 -19.66 -30.92 22.30
CA TYR D 125 -20.04 -30.28 23.55
C TYR D 125 -20.23 -31.34 24.64
N ALA D 126 -19.49 -32.44 24.54
CA ALA D 126 -19.58 -33.54 25.48
C ALA D 126 -19.01 -33.12 26.84
N VAL D 127 -19.51 -33.77 27.90
CA VAL D 127 -19.04 -33.53 29.25
C VAL D 127 -18.58 -34.87 29.83
N ASN D 128 -17.26 -34.98 30.07
CA ASN D 128 -16.61 -36.20 30.52
C ASN D 128 -16.87 -37.32 29.52
N GLU D 129 -16.68 -37.01 28.23
CA GLU D 129 -16.86 -37.93 27.12
C GLU D 129 -18.27 -38.50 27.09
N LYS D 130 -19.27 -37.65 27.39
CA LYS D 130 -20.66 -38.06 27.42
C LYS D 130 -21.53 -36.96 26.82
N VAL D 131 -22.43 -37.37 25.92
CA VAL D 131 -23.33 -36.46 25.22
C VAL D 131 -24.59 -36.28 26.07
N TYR D 132 -24.89 -35.03 26.41
CA TYR D 132 -26.04 -34.69 27.23
C TYR D 132 -27.00 -33.78 26.46
N ASN D 133 -26.55 -33.33 25.28
CA ASN D 133 -27.30 -32.35 24.50
C ASN D 133 -27.32 -32.78 23.04
N VAL D 134 -28.46 -32.54 22.37
CA VAL D 134 -28.61 -32.80 20.96
C VAL D 134 -28.67 -31.45 20.23
N PRO D 135 -27.54 -30.96 19.67
CA PRO D 135 -27.54 -29.69 18.92
C PRO D 135 -28.03 -29.91 17.49
N PHE D 136 -29.28 -29.48 17.24
CA PHE D 136 -29.91 -29.65 15.94
C PHE D 136 -29.34 -28.66 14.94
N THR D 137 -29.17 -27.40 15.38
CA THR D 137 -28.64 -26.35 14.54
C THR D 137 -27.51 -25.62 15.26
N ALA D 138 -26.73 -24.86 14.49
CA ALA D 138 -25.72 -23.97 15.02
C ALA D 138 -25.99 -22.56 14.52
N ASN D 139 -25.85 -21.57 15.41
CA ASN D 139 -26.05 -20.17 15.05
C ASN D 139 -24.72 -19.56 14.66
N ALA D 140 -24.80 -18.49 13.86
CA ALA D 140 -23.64 -17.71 13.45
C ALA D 140 -23.95 -16.23 13.64
N TYR D 141 -22.91 -15.38 13.58
CA TYR D 141 -23.07 -13.95 13.74
C TYR D 141 -22.43 -13.21 12.57
N GLY D 142 -23.13 -12.20 12.07
CA GLY D 142 -22.63 -11.34 11.00
C GLY D 142 -23.42 -10.02 10.93
N ILE D 143 -23.40 -9.40 9.75
CA ILE D 143 -24.14 -8.17 9.49
C ILE D 143 -25.08 -8.41 8.32
N TYR D 144 -26.37 -8.15 8.54
CA TYR D 144 -27.38 -8.18 7.49
C TYR D 144 -27.31 -6.89 6.68
N TYR D 145 -27.58 -6.98 5.37
CA TYR D 145 -27.56 -5.82 4.51
C TYR D 145 -28.63 -5.93 3.42
N ASN D 146 -29.13 -4.76 3.00
CA ASN D 146 -30.08 -4.65 1.90
C ASN D 146 -29.32 -4.76 0.59
N LYS D 147 -29.59 -5.84 -0.16
CA LYS D 147 -28.89 -6.13 -1.40
C LYS D 147 -29.35 -5.18 -2.51
N ASP D 148 -30.65 -4.86 -2.51
CA ASP D 148 -31.26 -4.04 -3.53
C ASP D 148 -30.71 -2.62 -3.48
N LYS D 149 -30.57 -2.08 -2.26
CA LYS D 149 -30.12 -0.71 -2.05
C LYS D 149 -28.62 -0.61 -2.29
N PHE D 150 -27.90 -1.72 -2.07
CA PHE D 150 -26.45 -1.77 -2.27
C PHE D 150 -26.12 -1.69 -3.76
N GLU D 151 -26.97 -2.31 -4.60
CA GLU D 151 -26.78 -2.33 -6.03
C GLU D 151 -27.22 -1.01 -6.64
N GLU D 152 -28.19 -0.34 -5.98
CA GLU D 152 -28.71 0.94 -6.42
C GLU D 152 -27.67 2.03 -6.18
N LEU D 153 -27.01 1.97 -5.02
CA LEU D 153 -25.99 2.94 -4.65
C LEU D 153 -24.64 2.53 -5.25
N GLY D 154 -24.51 1.24 -5.57
CA GLY D 154 -23.34 0.70 -6.24
C GLY D 154 -22.15 0.53 -5.29
N LEU D 155 -22.40 -0.14 -4.16
CA LEU D 155 -21.37 -0.41 -3.17
C LEU D 155 -21.23 -1.92 -2.95
N LYS D 156 -20.00 -2.35 -2.65
CA LYS D 156 -19.70 -3.75 -2.41
C LYS D 156 -19.55 -3.98 -0.90
N VAL D 157 -19.64 -5.25 -0.49
CA VAL D 157 -19.50 -5.64 0.90
C VAL D 157 -18.04 -5.53 1.31
N PRO D 158 -17.74 -5.04 2.54
CA PRO D 158 -16.36 -4.82 2.97
C PRO D 158 -15.62 -6.10 3.31
N GLU D 159 -14.28 -6.07 3.13
CA GLU D 159 -13.44 -7.24 3.35
C GLU D 159 -12.32 -6.89 4.34
N THR D 160 -12.17 -5.60 4.66
CA THR D 160 -11.19 -5.14 5.63
C THR D 160 -11.87 -4.19 6.62
N TRP D 161 -11.16 -3.88 7.72
CA TRP D 161 -11.63 -2.96 8.74
C TRP D 161 -11.81 -1.57 8.15
N ASP D 162 -10.90 -1.18 7.25
CA ASP D 162 -10.89 0.14 6.63
C ASP D 162 -12.04 0.26 5.64
N GLU D 163 -12.35 -0.84 4.95
CA GLU D 163 -13.41 -0.88 3.95
C GLU D 163 -14.77 -0.81 4.64
N PHE D 164 -14.83 -1.22 5.91
CA PHE D 164 -16.05 -1.15 6.70
C PHE D 164 -16.38 0.32 6.99
N GLU D 165 -15.33 1.10 7.29
CA GLU D 165 -15.47 2.48 7.72
C GLU D 165 -16.06 3.32 6.59
N GLN D 166 -15.50 3.18 5.39
CA GLN D 166 -15.88 3.99 4.24
C GLN D 166 -17.24 3.57 3.71
N LEU D 167 -17.67 2.34 4.04
CA LEU D 167 -18.97 1.83 3.63
C LEU D 167 -20.07 2.58 4.38
N VAL D 168 -19.81 2.87 5.66
CA VAL D 168 -20.75 3.56 6.53
C VAL D 168 -20.79 5.04 6.13
N LYS D 169 -19.60 5.62 5.90
CA LYS D 169 -19.44 7.03 5.61
C LYS D 169 -20.08 7.37 4.26
N ASP D 170 -20.06 6.41 3.33
CA ASP D 170 -20.65 6.59 2.02
C ASP D 170 -22.17 6.46 2.11
N ILE D 171 -22.64 5.60 3.02
CA ILE D 171 -24.05 5.28 3.15
C ILE D 171 -24.83 6.50 3.63
N VAL D 172 -24.23 7.26 4.56
CA VAL D 172 -24.87 8.44 5.12
C VAL D 172 -24.73 9.61 4.15
N ALA D 173 -23.67 9.59 3.33
CA ALA D 173 -23.38 10.63 2.38
C ALA D 173 -24.30 10.50 1.16
N LYS D 174 -24.79 9.28 0.91
CA LYS D 174 -25.66 8.99 -0.21
C LYS D 174 -27.11 9.30 0.16
N GLY D 175 -27.37 9.47 1.47
CA GLY D 175 -28.67 9.88 1.96
C GLY D 175 -29.48 8.70 2.50
N GLN D 176 -28.78 7.78 3.19
CA GLN D 176 -29.40 6.61 3.79
C GLN D 176 -28.85 6.41 5.19
N THR D 177 -29.62 5.69 6.03
CA THR D 177 -29.21 5.38 7.40
C THR D 177 -28.52 4.03 7.41
N PRO D 178 -27.22 3.96 7.79
CA PRO D 178 -26.44 2.71 7.71
C PRO D 178 -26.90 1.59 8.65
N PHE D 179 -26.95 1.89 9.96
CA PHE D 179 -27.11 0.86 10.96
C PHE D 179 -28.43 0.99 11.71
N GLY D 180 -28.89 -0.16 12.23
CA GLY D 180 -29.95 -0.23 13.23
C GLY D 180 -29.45 -0.92 14.50
N ILE D 181 -29.22 -0.12 15.54
CA ILE D 181 -28.66 -0.61 16.80
C ILE D 181 -29.72 -0.50 17.89
N ALA D 182 -29.79 -1.53 18.74
CA ALA D 182 -30.73 -1.58 19.84
C ALA D 182 -29.98 -1.34 21.15
N GLY D 183 -30.20 -0.16 21.75
CA GLY D 183 -29.51 0.27 22.94
C GLY D 183 -30.04 -0.42 24.20
N ALA D 184 -31.33 -0.76 24.19
CA ALA D 184 -31.99 -1.40 25.32
C ALA D 184 -31.59 -2.87 25.41
N ASP D 185 -31.33 -3.49 24.26
CA ASP D 185 -30.94 -4.89 24.18
C ASP D 185 -29.46 -4.99 23.80
N ALA D 186 -28.61 -5.08 24.82
CA ALA D 186 -27.16 -5.02 24.67
C ALA D 186 -26.61 -6.36 24.18
N TRP D 187 -27.40 -7.43 24.35
CA TRP D 187 -27.00 -8.78 24.00
C TRP D 187 -26.83 -8.92 22.49
N THR D 188 -27.44 -8.00 21.73
CA THR D 188 -27.47 -8.06 20.28
C THR D 188 -26.07 -7.80 19.70
N LEU D 189 -25.25 -7.07 20.46
CA LEU D 189 -23.90 -6.74 20.01
C LEU D 189 -22.87 -7.57 20.78
N ASN D 190 -23.29 -8.74 21.27
CA ASN D 190 -22.39 -9.66 21.96
C ASN D 190 -21.42 -10.25 20.94
N GLY D 191 -21.95 -10.70 19.81
CA GLY D 191 -21.18 -11.31 18.75
C GLY D 191 -20.21 -10.32 18.08
N TYR D 192 -20.65 -9.06 17.95
CA TYR D 192 -19.90 -8.03 17.26
C TYR D 192 -18.57 -7.77 17.95
N ASN D 193 -18.62 -7.58 19.27
CA ASN D 193 -17.44 -7.24 20.06
C ASN D 193 -16.56 -8.48 20.23
N GLN D 194 -17.19 -9.66 20.29
CA GLN D 194 -16.46 -10.92 20.41
C GLN D 194 -15.66 -11.16 19.13
N LEU D 195 -16.26 -10.80 17.98
CA LEU D 195 -15.60 -10.98 16.69
C LEU D 195 -14.62 -9.84 16.43
N ALA D 196 -14.81 -8.72 17.14
CA ALA D 196 -13.88 -7.59 17.07
C ALA D 196 -12.55 -7.98 17.70
N PHE D 197 -12.61 -8.75 18.80
CA PHE D 197 -11.43 -9.24 19.49
C PHE D 197 -10.89 -10.48 18.77
N ALA D 198 -11.79 -11.25 18.13
CA ALA D 198 -11.43 -12.52 17.51
C ALA D 198 -10.63 -12.28 16.24
N THR D 199 -11.06 -11.29 15.44
CA THR D 199 -10.41 -11.00 14.17
C THR D 199 -9.18 -10.11 14.39
N ALA D 200 -8.99 -9.67 15.65
CA ALA D 200 -7.84 -8.85 16.01
C ALA D 200 -6.71 -9.74 16.53
N THR D 201 -7.06 -10.63 17.47
CA THR D 201 -6.11 -11.57 18.04
C THR D 201 -5.77 -12.65 17.01
N GLY D 202 -6.78 -13.03 16.21
CA GLY D 202 -6.60 -13.98 15.13
C GLY D 202 -7.03 -15.39 15.51
N GLY D 203 -8.21 -15.49 16.14
CA GLY D 203 -8.76 -16.79 16.54
C GLY D 203 -9.73 -16.68 17.71
N GLY D 204 -10.24 -17.83 18.14
CA GLY D 204 -11.19 -17.92 19.23
C GLY D 204 -10.52 -18.25 20.56
N LYS D 205 -9.66 -19.27 20.54
CA LYS D 205 -8.87 -19.66 21.71
C LYS D 205 -7.77 -18.63 21.94
N GLU D 206 -7.43 -17.89 20.89
CA GLU D 206 -6.45 -16.81 20.94
C GLU D 206 -7.09 -15.57 21.55
N ALA D 207 -8.41 -15.45 21.42
CA ALA D 207 -9.16 -14.32 21.92
C ALA D 207 -9.30 -14.41 23.44
N ASN D 208 -9.50 -15.63 23.95
CA ASN D 208 -9.65 -15.88 25.37
C ASN D 208 -8.30 -15.80 26.07
N GLN D 209 -7.23 -15.99 25.29
CA GLN D 209 -5.87 -15.93 25.80
C GLN D 209 -5.50 -14.50 26.15
N TYR D 210 -6.18 -13.54 25.50
CA TYR D 210 -5.92 -12.12 25.68
C TYR D 210 -6.81 -11.55 26.78
N LEU D 211 -8.00 -12.14 26.97
CA LEU D 211 -9.01 -11.60 27.85
C LEU D 211 -9.11 -12.41 29.13
N ARG D 212 -9.44 -13.70 28.99
CA ARG D 212 -9.79 -14.55 30.12
C ARG D 212 -8.53 -15.06 30.81
N TYR D 213 -7.62 -15.65 30.03
CA TYR D 213 -6.48 -16.36 30.59
C TYR D 213 -5.28 -15.44 30.77
N SER D 214 -5.50 -14.12 30.58
CA SER D 214 -4.47 -13.13 30.77
C SER D 214 -4.23 -12.88 32.25
N GLN D 215 -3.21 -12.07 32.55
CA GLN D 215 -2.88 -11.69 33.92
C GLN D 215 -3.92 -10.70 34.44
N PRO D 216 -4.17 -10.64 35.77
CA PRO D 216 -5.04 -9.61 36.35
C PRO D 216 -4.54 -8.20 36.03
N ASN D 217 -5.42 -7.43 35.37
CA ASN D 217 -5.13 -6.07 34.93
C ASN D 217 -3.97 -6.09 33.92
N ALA D 218 -4.11 -6.92 32.88
CA ALA D 218 -3.13 -6.99 31.81
C ALA D 218 -3.68 -6.27 30.57
N ILE D 219 -5.01 -6.16 30.48
CA ILE D 219 -5.68 -5.49 29.39
C ILE D 219 -5.48 -3.98 29.55
N LYS D 220 -4.37 -3.48 28.98
CA LYS D 220 -4.05 -2.06 29.01
C LYS D 220 -4.57 -1.40 27.73
N LEU D 221 -4.80 -0.09 27.81
CA LEU D 221 -5.33 0.68 26.70
C LEU D 221 -4.21 0.98 25.70
N SER D 222 -2.97 0.72 26.11
CA SER D 222 -1.80 0.95 25.28
C SER D 222 -1.53 -0.26 24.38
N ASP D 223 -2.14 -1.40 24.73
CA ASP D 223 -1.98 -2.65 24.02
C ASP D 223 -2.50 -2.51 22.59
N PRO D 224 -1.79 -3.06 21.58
CA PRO D 224 -2.19 -2.91 20.18
C PRO D 224 -3.52 -3.60 19.85
N ILE D 225 -3.83 -4.67 20.57
CA ILE D 225 -5.03 -5.47 20.35
C ILE D 225 -6.26 -4.68 20.79
N MET D 226 -6.10 -3.87 21.84
CA MET D 226 -7.18 -3.06 22.39
C MET D 226 -7.50 -1.92 21.44
N LYS D 227 -6.46 -1.38 20.79
CA LYS D 227 -6.60 -0.29 19.83
C LYS D 227 -7.30 -0.81 18.58
N ASP D 228 -7.10 -2.09 18.27
CA ASP D 228 -7.74 -2.76 17.14
C ASP D 228 -9.23 -2.89 17.40
N ASP D 229 -9.58 -3.18 18.67
CA ASP D 229 -10.96 -3.38 19.08
C ASP D 229 -11.73 -2.06 19.00
N ILE D 230 -11.10 -0.99 19.49
CA ILE D 230 -11.71 0.32 19.58
C ILE D 230 -12.05 0.83 18.17
N LYS D 231 -11.23 0.43 17.20
CA LYS D 231 -11.41 0.83 15.80
C LYS D 231 -12.68 0.19 15.24
N VAL D 232 -12.88 -1.11 15.55
CA VAL D 232 -14.00 -1.87 15.05
C VAL D 232 -15.29 -1.37 15.72
N MET D 233 -15.17 -0.98 16.99
CA MET D 233 -16.31 -0.48 17.75
C MET D 233 -16.63 0.95 17.33
N ASP D 234 -15.60 1.68 16.87
CA ASP D 234 -15.76 3.05 16.41
C ASP D 234 -16.43 3.08 15.04
N ILE D 235 -16.48 1.91 14.38
CA ILE D 235 -17.14 1.77 13.09
C ILE D 235 -18.66 1.80 13.28
N LEU D 236 -19.10 1.49 14.51
CA LEU D 236 -20.50 1.61 14.89
C LEU D 236 -20.77 3.01 15.43
N ARG D 237 -19.75 3.62 16.03
CA ARG D 237 -19.88 4.91 16.70
C ARG D 237 -19.47 6.03 15.74
N ILE D 238 -19.70 5.81 14.44
CA ILE D 238 -19.44 6.82 13.42
C ILE D 238 -20.59 7.83 13.43
N ASN D 239 -20.29 9.06 13.02
CA ASN D 239 -21.25 10.16 13.04
C ASN D 239 -22.33 9.92 11.98
N GLY D 240 -23.56 9.71 12.44
CA GLY D 240 -24.72 9.52 11.57
C GLY D 240 -24.84 8.08 11.07
N SER D 241 -24.37 7.13 11.88
CA SER D 241 -24.39 5.73 11.53
C SER D 241 -25.67 5.05 12.04
N LYS D 242 -26.10 5.46 13.24
CA LYS D 242 -27.27 4.89 13.89
C LYS D 242 -28.53 5.57 13.37
N GLN D 243 -29.69 5.01 13.73
CA GLN D 243 -30.99 5.56 13.37
C GLN D 243 -31.45 6.52 14.46
N LYS D 244 -32.54 7.24 14.17
CA LYS D 244 -33.14 8.17 15.11
C LYS D 244 -33.77 7.37 16.26
N ASN D 245 -33.44 7.80 17.50
CA ASN D 245 -33.89 7.16 18.72
C ASN D 245 -33.38 5.71 18.77
N TRP D 246 -32.05 5.56 18.78
CA TRP D 246 -31.42 4.25 18.82
C TRP D 246 -31.14 3.86 20.27
N GLU D 247 -31.04 4.87 21.14
CA GLU D 247 -30.71 4.68 22.54
C GLU D 247 -31.76 3.80 23.21
N GLY D 248 -33.04 4.07 22.91
CA GLY D 248 -34.15 3.31 23.45
C GLY D 248 -34.83 2.47 22.38
N ALA D 249 -34.06 1.56 21.77
CA ALA D 249 -34.56 0.69 20.72
C ALA D 249 -34.50 -0.76 21.17
N GLY D 250 -35.54 -1.52 20.82
CA GLY D 250 -35.64 -2.92 21.15
C GLY D 250 -35.09 -3.80 20.02
N TYR D 251 -35.04 -5.11 20.28
CA TYR D 251 -34.56 -6.10 19.31
C TYR D 251 -35.55 -6.19 18.15
N THR D 252 -36.84 -6.02 18.46
CA THR D 252 -37.90 -6.11 17.47
C THR D 252 -38.01 -4.78 16.70
N ASP D 253 -37.55 -3.70 17.33
CA ASP D 253 -37.61 -2.37 16.75
C ASP D 253 -36.63 -2.27 15.58
N VAL D 254 -35.42 -2.80 15.77
CA VAL D 254 -34.36 -2.72 14.78
C VAL D 254 -34.61 -3.72 13.65
N ILE D 255 -35.32 -4.80 13.97
CA ILE D 255 -35.77 -5.77 12.98
C ILE D 255 -36.81 -5.11 12.09
N GLY D 256 -37.75 -4.39 12.73
CA GLY D 256 -38.80 -3.65 12.04
C GLY D 256 -38.23 -2.53 11.17
N ALA D 257 -37.19 -1.86 11.69
CA ALA D 257 -36.54 -0.76 11.00
C ALA D 257 -35.79 -1.26 9.77
N PHE D 258 -35.19 -2.45 9.90
CA PHE D 258 -34.40 -3.06 8.83
C PHE D 258 -35.31 -3.56 7.72
N ALA D 259 -36.43 -4.19 8.11
CA ALA D 259 -37.37 -4.79 7.18
C ALA D 259 -38.15 -3.72 6.43
N ARG D 260 -38.33 -2.56 7.07
CA ARG D 260 -39.01 -1.42 6.46
C ARG D 260 -38.15 -0.84 5.35
N GLY D 261 -36.82 -0.92 5.53
CA GLY D 261 -35.85 -0.39 4.58
C GLY D 261 -35.36 1.00 5.01
N ASP D 262 -35.55 1.31 6.30
CA ASP D 262 -35.13 2.57 6.87
C ASP D 262 -33.62 2.55 7.08
N VAL D 263 -33.10 1.41 7.54
CA VAL D 263 -31.67 1.20 7.72
C VAL D 263 -31.19 0.16 6.72
N LEU D 264 -29.92 0.27 6.31
CA LEU D 264 -29.35 -0.59 5.29
C LEU D 264 -28.78 -1.86 5.92
N MET D 265 -28.21 -1.71 7.13
CA MET D 265 -27.52 -2.80 7.80
C MET D 265 -27.94 -2.88 9.26
N THR D 266 -27.71 -4.04 9.87
CA THR D 266 -27.90 -4.26 11.30
C THR D 266 -27.10 -5.50 11.72
N PRO D 267 -26.22 -5.38 12.75
CA PRO D 267 -25.45 -6.53 13.25
C PRO D 267 -26.30 -7.39 14.19
N ASN D 268 -26.44 -8.67 13.84
CA ASN D 268 -27.20 -9.62 14.64
C ASN D 268 -26.81 -11.05 14.27
N GLY D 269 -27.32 -12.01 15.04
CA GLY D 269 -27.08 -13.43 14.80
C GLY D 269 -27.99 -13.98 13.71
N SER D 270 -27.79 -15.26 13.39
CA SER D 270 -28.50 -15.94 12.32
C SER D 270 -29.95 -16.20 12.71
N TRP D 271 -30.29 -15.89 13.97
CA TRP D 271 -31.62 -16.11 14.53
C TRP D 271 -32.56 -14.97 14.14
N ALA D 272 -31.99 -13.90 13.58
CA ALA D 272 -32.74 -12.68 13.31
C ALA D 272 -33.58 -12.81 12.03
N ILE D 273 -33.06 -13.58 11.07
CA ILE D 273 -33.60 -13.61 9.72
C ILE D 273 -35.06 -14.05 9.70
N THR D 274 -35.39 -15.01 10.57
CA THR D 274 -36.73 -15.58 10.61
C THR D 274 -37.75 -14.51 11.05
N ALA D 275 -37.28 -13.57 11.88
CA ALA D 275 -38.11 -12.48 12.38
C ALA D 275 -38.12 -11.34 11.36
N ILE D 276 -37.03 -11.21 10.59
CA ILE D 276 -36.90 -10.19 9.56
C ILE D 276 -37.81 -10.55 8.39
N ASN D 277 -37.80 -11.82 7.99
CA ASN D 277 -38.58 -12.32 6.88
C ASN D 277 -40.08 -12.20 7.18
N GLU D 278 -40.43 -12.32 8.46
CA GLU D 278 -41.81 -12.36 8.91
C GLU D 278 -42.46 -10.99 8.76
N GLN D 279 -41.62 -9.95 8.67
CA GLN D 279 -42.11 -8.58 8.52
C GLN D 279 -42.31 -8.26 7.05
N LYS D 280 -41.95 -9.22 6.18
CA LYS D 280 -42.16 -9.17 4.74
C LYS D 280 -41.53 -7.90 4.14
N PRO D 281 -40.18 -7.86 4.01
CA PRO D 281 -39.51 -6.71 3.39
C PRO D 281 -39.67 -6.70 1.88
N ASN D 282 -39.43 -5.53 1.27
CA ASN D 282 -39.58 -5.35 -0.17
C ASN D 282 -38.20 -5.26 -0.82
N PHE D 283 -37.30 -6.17 -0.41
CA PHE D 283 -35.96 -6.25 -0.95
C PHE D 283 -35.35 -7.62 -0.64
N LYS D 284 -34.30 -7.97 -1.39
CA LYS D 284 -33.52 -9.16 -1.13
C LYS D 284 -32.53 -8.87 0.00
N ILE D 285 -32.42 -9.80 0.94
CA ILE D 285 -31.57 -9.65 2.11
C ILE D 285 -30.29 -10.46 1.90
N GLY D 286 -29.16 -9.89 2.35
CA GLY D 286 -27.88 -10.58 2.34
C GLY D 286 -27.15 -10.41 3.67
N THR D 287 -26.06 -11.16 3.83
CA THR D 287 -25.21 -11.08 5.02
C THR D 287 -23.74 -11.11 4.61
N PHE D 288 -22.89 -10.66 5.54
CA PHE D 288 -21.44 -10.77 5.38
C PHE D 288 -20.78 -10.88 6.76
N MET D 289 -19.61 -11.53 6.78
CA MET D 289 -18.87 -11.76 8.01
C MET D 289 -18.09 -10.51 8.39
N ILE D 290 -17.85 -10.34 9.69
CA ILE D 290 -17.05 -9.23 10.21
C ILE D 290 -15.62 -9.40 9.72
N PRO D 291 -15.08 -8.41 8.96
CA PRO D 291 -13.74 -8.51 8.38
C PRO D 291 -12.63 -8.45 9.43
N GLY D 292 -11.38 -8.52 8.95
CA GLY D 292 -10.20 -8.32 9.77
C GLY D 292 -9.38 -7.13 9.27
N LYS D 293 -8.09 -7.14 9.60
CA LYS D 293 -7.16 -6.10 9.16
C LYS D 293 -6.89 -6.27 7.66
N GLU D 294 -6.27 -7.39 7.30
CA GLU D 294 -6.03 -7.76 5.91
C GLU D 294 -7.25 -8.51 5.38
N LYS D 295 -7.26 -8.74 4.06
CA LYS D 295 -8.35 -9.45 3.41
C LYS D 295 -8.20 -10.95 3.62
N GLY D 296 -9.30 -11.60 4.00
CA GLY D 296 -9.37 -13.05 4.11
C GLY D 296 -8.99 -13.56 5.49
N GLN D 297 -9.29 -12.78 6.52
CA GLN D 297 -9.10 -13.20 7.91
C GLN D 297 -10.39 -12.93 8.70
N SER D 298 -11.52 -12.93 7.98
CA SER D 298 -12.83 -12.73 8.57
C SER D 298 -13.31 -14.00 9.26
N LEU D 299 -13.88 -13.85 10.46
CA LEU D 299 -14.33 -14.97 11.27
C LEU D 299 -15.80 -14.78 11.65
N THR D 300 -16.40 -15.86 12.15
CA THR D 300 -17.75 -15.83 12.71
C THR D 300 -17.76 -16.58 14.04
N VAL D 301 -18.76 -16.26 14.87
CA VAL D 301 -18.88 -16.82 16.21
C VAL D 301 -20.27 -17.42 16.37
N GLY D 302 -20.36 -18.49 17.18
CA GLY D 302 -21.63 -19.13 17.48
C GLY D 302 -21.46 -20.52 18.09
N ALA D 303 -22.59 -21.13 18.45
CA ALA D 303 -22.66 -22.49 18.96
C ALA D 303 -24.03 -23.07 18.65
N GLY D 304 -24.39 -24.16 19.35
CA GLY D 304 -25.68 -24.81 19.20
C GLY D 304 -26.83 -23.83 19.43
N ASP D 305 -27.76 -23.78 18.46
CA ASP D 305 -28.90 -22.87 18.51
C ASP D 305 -30.10 -23.61 19.09
N LEU D 306 -30.80 -24.36 18.23
CA LEU D 306 -31.81 -25.31 18.68
C LEU D 306 -31.10 -26.52 19.25
N ALA D 307 -30.94 -26.54 20.58
CA ALA D 307 -30.18 -27.57 21.27
C ALA D 307 -30.98 -28.07 22.47
N TRP D 308 -31.34 -29.35 22.43
CA TRP D 308 -32.27 -29.93 23.39
C TRP D 308 -31.55 -30.91 24.31
N SER D 309 -31.93 -30.88 25.59
CA SER D 309 -31.49 -31.83 26.58
C SER D 309 -32.70 -32.38 27.33
N ILE D 310 -32.56 -33.61 27.86
CA ILE D 310 -33.63 -34.26 28.60
C ILE D 310 -33.21 -34.37 30.07
N SER D 311 -34.16 -34.06 30.96
CA SER D 311 -33.97 -34.23 32.40
C SER D 311 -33.72 -35.70 32.72
N ALA D 312 -32.76 -35.95 33.62
CA ALA D 312 -32.38 -37.29 34.01
C ALA D 312 -33.45 -37.89 34.93
N THR D 313 -34.28 -37.03 35.50
CA THR D 313 -35.24 -37.43 36.51
C THR D 313 -36.67 -37.12 36.06
N THR D 314 -36.87 -37.08 34.74
CA THR D 314 -38.20 -36.93 34.16
C THR D 314 -39.01 -38.19 34.45
N LYS D 315 -40.30 -38.00 34.76
CA LYS D 315 -41.18 -39.08 35.13
C LYS D 315 -41.65 -39.83 33.89
N HIS D 316 -41.38 -39.24 32.71
CA HIS D 316 -41.74 -39.84 31.43
C HIS D 316 -40.57 -39.76 30.47
N PRO D 317 -39.53 -40.62 30.62
CA PRO D 317 -38.36 -40.58 29.74
C PRO D 317 -38.62 -41.11 28.34
N LYS D 318 -39.62 -41.98 28.19
CA LYS D 318 -39.97 -42.58 26.91
C LYS D 318 -40.68 -41.56 26.04
N GLU D 319 -41.51 -40.72 26.66
CA GLU D 319 -42.28 -39.70 25.97
C GLU D 319 -41.38 -38.52 25.61
N ALA D 320 -40.41 -38.22 26.50
CA ALA D 320 -39.53 -37.08 26.34
C ALA D 320 -38.52 -37.34 25.23
N ASN D 321 -38.05 -38.58 25.13
CA ASN D 321 -37.07 -38.99 24.13
C ASN D 321 -37.72 -39.01 22.75
N ALA D 322 -39.02 -39.31 22.72
CA ALA D 322 -39.78 -39.40 21.48
C ALA D 322 -39.89 -38.03 20.82
N PHE D 323 -40.01 -36.99 21.66
CA PHE D 323 -40.16 -35.61 21.18
C PHE D 323 -38.85 -35.11 20.59
N VAL D 324 -37.73 -35.56 21.18
CA VAL D 324 -36.40 -35.21 20.71
C VAL D 324 -36.11 -35.99 19.43
N GLU D 325 -36.53 -37.25 19.40
CA GLU D 325 -36.35 -38.16 18.28
C GLU D 325 -37.11 -37.63 17.06
N TYR D 326 -38.28 -37.02 17.32
CA TYR D 326 -39.14 -36.50 16.27
C TYR D 326 -38.47 -35.31 15.57
N MET D 327 -37.66 -34.57 16.33
CA MET D 327 -37.01 -33.36 15.82
C MET D 327 -35.75 -33.74 15.03
N THR D 328 -35.26 -34.96 15.23
CA THR D 328 -34.09 -35.44 14.53
C THR D 328 -34.47 -35.95 13.13
N ARG D 329 -35.78 -36.12 12.90
CA ARG D 329 -36.29 -36.61 11.63
C ARG D 329 -36.06 -35.58 10.53
N PRO D 330 -35.56 -35.98 9.35
CA PRO D 330 -35.18 -35.05 8.29
C PRO D 330 -36.35 -34.22 7.73
N GLU D 331 -37.54 -34.83 7.68
CA GLU D 331 -38.72 -34.17 7.13
C GLU D 331 -39.24 -33.12 8.12
N VAL D 332 -39.03 -33.37 9.41
CA VAL D 332 -39.46 -32.49 10.48
C VAL D 332 -38.46 -31.33 10.60
N MET D 333 -37.17 -31.68 10.55
CA MET D 333 -36.09 -30.72 10.65
C MET D 333 -36.11 -29.78 9.45
N GLN D 334 -36.56 -30.30 8.29
CA GLN D 334 -36.65 -29.53 7.07
C GLN D 334 -37.66 -28.40 7.24
N LYS D 335 -38.79 -28.72 7.88
CA LYS D 335 -39.85 -27.75 8.16
C LYS D 335 -39.30 -26.60 9.00
N TYR D 336 -38.43 -26.93 9.95
CA TYR D 336 -37.81 -25.97 10.85
C TYR D 336 -36.78 -25.14 10.08
N TYR D 337 -35.91 -25.84 9.34
CA TYR D 337 -34.77 -25.21 8.66
C TYR D 337 -35.24 -24.17 7.65
N ASP D 338 -36.31 -24.50 6.92
CA ASP D 338 -36.81 -23.66 5.83
C ASP D 338 -37.24 -22.30 6.36
N VAL D 339 -37.63 -22.25 7.64
CA VAL D 339 -38.11 -21.02 8.27
C VAL D 339 -36.96 -20.38 9.05
N ASP D 340 -36.21 -21.20 9.79
CA ASP D 340 -35.15 -20.74 10.67
C ASP D 340 -33.97 -20.25 9.84
N GLY D 341 -33.31 -21.17 9.13
CA GLY D 341 -32.26 -20.83 8.19
C GLY D 341 -30.85 -21.13 8.71
N SER D 342 -30.74 -21.36 10.03
CA SER D 342 -29.46 -21.61 10.67
C SER D 342 -28.89 -22.96 10.24
N PRO D 343 -27.56 -23.07 10.05
CA PRO D 343 -26.93 -24.34 9.65
C PRO D 343 -27.27 -25.49 10.59
N THR D 344 -27.62 -26.64 10.00
CA THR D 344 -28.05 -27.82 10.74
C THR D 344 -26.99 -28.90 10.66
N ALA D 345 -26.97 -29.77 11.68
CA ALA D 345 -26.08 -30.92 11.73
C ALA D 345 -26.89 -32.21 11.52
N ILE D 346 -28.20 -32.05 11.32
CA ILE D 346 -29.10 -33.18 11.10
C ILE D 346 -29.01 -33.61 9.64
N GLU D 347 -28.80 -34.91 9.42
CA GLU D 347 -28.65 -35.47 8.09
C GLU D 347 -30.01 -35.59 7.40
N GLY D 348 -29.98 -35.55 6.07
CA GLY D 348 -31.19 -35.69 5.26
C GLY D 348 -31.84 -34.34 4.95
N VAL D 349 -31.21 -33.26 5.44
CA VAL D 349 -31.76 -31.92 5.31
C VAL D 349 -31.06 -31.21 4.14
N LYS D 350 -31.87 -30.72 3.19
CA LYS D 350 -31.36 -29.99 2.03
C LYS D 350 -31.01 -28.57 2.46
N GLN D 351 -29.72 -28.24 2.38
CA GLN D 351 -29.22 -26.94 2.76
C GLN D 351 -29.50 -25.92 1.65
N ALA D 352 -29.50 -24.64 2.01
CA ALA D 352 -29.78 -23.56 1.09
C ALA D 352 -28.54 -23.22 0.27
N GLY D 353 -28.77 -22.60 -0.90
CA GLY D 353 -27.70 -22.21 -1.80
C GLY D 353 -27.06 -20.87 -1.42
N GLU D 354 -26.42 -20.23 -2.39
CA GLU D 354 -25.72 -18.97 -2.17
C GLU D 354 -26.63 -17.80 -2.52
N ASP D 355 -27.92 -18.09 -2.70
CA ASP D 355 -28.94 -17.08 -2.97
C ASP D 355 -29.69 -16.76 -1.67
N SER D 356 -29.51 -17.63 -0.66
CA SER D 356 -30.15 -17.47 0.64
C SER D 356 -29.55 -16.28 1.37
N PRO D 357 -30.33 -15.58 2.23
CA PRO D 357 -29.85 -14.38 2.93
C PRO D 357 -28.67 -14.60 3.87
N LEU D 358 -28.54 -15.84 4.38
CA LEU D 358 -27.54 -16.16 5.40
C LEU D 358 -26.26 -16.69 4.76
N ALA D 359 -26.22 -16.75 3.43
CA ALA D 359 -25.15 -17.39 2.69
C ALA D 359 -23.79 -16.79 3.05
N GLY D 360 -23.74 -15.45 3.17
CA GLY D 360 -22.51 -14.74 3.47
C GLY D 360 -22.07 -14.96 4.92
N MET D 361 -23.05 -15.10 5.82
CA MET D 361 -22.79 -15.27 7.24
C MET D 361 -22.37 -16.71 7.53
N THR D 362 -22.98 -17.65 6.80
CA THR D 362 -22.84 -19.08 7.08
C THR D 362 -21.98 -19.74 6.01
N GLU D 363 -21.04 -18.99 5.45
CA GLU D 363 -20.16 -19.46 4.38
C GLU D 363 -19.16 -20.46 4.95
N TYR D 364 -18.56 -20.10 6.09
CA TYR D 364 -17.55 -20.91 6.74
C TYR D 364 -18.11 -21.51 8.02
N ALA D 365 -19.28 -22.14 7.90
CA ALA D 365 -19.94 -22.80 9.03
C ALA D 365 -19.23 -24.13 9.32
N PHE D 366 -19.12 -24.42 10.62
CA PHE D 366 -18.54 -25.66 11.15
C PHE D 366 -17.04 -25.74 10.85
N THR D 367 -16.48 -24.65 10.30
CA THR D 367 -15.06 -24.56 10.04
C THR D 367 -14.35 -24.06 11.29
N ASP D 368 -13.03 -23.87 11.20
CA ASP D 368 -12.24 -23.31 12.29
C ASP D 368 -12.44 -21.79 12.34
N ARG D 369 -13.04 -21.24 11.29
CA ARG D 369 -13.36 -19.83 11.22
C ARG D 369 -14.68 -19.56 11.95
N HIS D 370 -15.43 -20.63 12.20
CA HIS D 370 -16.65 -20.57 13.00
C HIS D 370 -16.33 -21.02 14.42
N LEU D 371 -15.88 -20.06 15.24
CA LEU D 371 -15.40 -20.33 16.59
C LEU D 371 -16.56 -20.26 17.58
N VAL D 372 -16.41 -20.99 18.70
CA VAL D 372 -17.43 -21.10 19.73
C VAL D 372 -17.48 -19.79 20.52
N TRP D 373 -18.66 -19.50 21.09
CA TRP D 373 -18.86 -18.35 21.96
C TRP D 373 -17.75 -18.29 23.02
N LEU D 374 -17.33 -17.08 23.36
CA LEU D 374 -16.20 -16.88 24.26
C LEU D 374 -16.64 -17.07 25.71
N GLN D 375 -17.96 -16.98 25.97
CA GLN D 375 -18.50 -17.13 27.31
C GLN D 375 -18.51 -18.61 27.71
N GLN D 376 -18.02 -19.47 26.81
CA GLN D 376 -17.84 -20.89 27.08
C GLN D 376 -16.85 -21.05 28.24
N TYR D 377 -15.89 -20.12 28.33
CA TYR D 377 -14.86 -20.15 29.35
C TYR D 377 -14.96 -18.91 30.24
N TRP D 378 -16.16 -18.32 30.32
CA TRP D 378 -16.44 -17.24 31.25
C TRP D 378 -17.41 -17.74 32.32
N THR D 379 -17.63 -16.91 33.34
CA THR D 379 -18.59 -17.19 34.39
C THR D 379 -19.95 -16.61 34.02
N SER D 380 -19.92 -15.44 33.39
CA SER D 380 -21.11 -14.77 32.87
C SER D 380 -20.76 -14.03 31.58
N GLU D 381 -21.72 -13.27 31.05
CA GLU D 381 -21.53 -12.53 29.80
C GLU D 381 -22.35 -11.24 29.83
N ALA D 382 -23.10 -11.04 30.91
CA ALA D 382 -24.05 -9.94 31.04
C ALA D 382 -23.32 -8.59 31.01
N ASP D 383 -22.22 -8.50 31.77
CA ASP D 383 -21.45 -7.28 31.89
C ASP D 383 -20.73 -6.98 30.59
N PHE D 384 -20.39 -8.04 29.84
CA PHE D 384 -19.69 -7.92 28.58
C PHE D 384 -20.60 -7.25 27.53
N HIS D 385 -21.91 -7.53 27.62
CA HIS D 385 -22.89 -6.90 26.76
C HIS D 385 -22.99 -5.42 27.10
N THR D 386 -22.89 -5.11 28.40
CA THR D 386 -23.13 -3.78 28.93
C THR D 386 -22.00 -2.83 28.52
N LEU D 387 -20.75 -3.25 28.72
CA LEU D 387 -19.59 -2.42 28.44
C LEU D 387 -19.46 -2.20 26.92
N THR D 388 -20.01 -3.13 26.14
CA THR D 388 -20.02 -3.05 24.69
C THR D 388 -20.99 -1.95 24.27
N MET D 389 -22.22 -2.02 24.79
CA MET D 389 -23.29 -1.11 24.42
C MET D 389 -23.00 0.29 24.97
N ASN D 390 -22.42 0.34 26.18
CA ASN D 390 -22.12 1.59 26.85
C ASN D 390 -21.13 2.41 26.02
N TYR D 391 -20.12 1.74 25.46
CA TYR D 391 -19.05 2.40 24.73
C TYR D 391 -19.60 3.08 23.48
N VAL D 392 -20.64 2.48 22.88
CA VAL D 392 -21.27 3.01 21.69
C VAL D 392 -21.91 4.37 22.01
N LEU D 393 -22.33 4.53 23.27
CA LEU D 393 -22.98 5.75 23.73
C LEU D 393 -21.97 6.65 24.44
N THR D 394 -21.19 6.06 25.35
CA THR D 394 -20.23 6.80 26.17
C THR D 394 -19.07 7.29 25.30
N GLY D 395 -18.40 6.35 24.63
CA GLY D 395 -17.26 6.66 23.76
C GLY D 395 -15.95 6.69 24.53
N ASP D 396 -16.01 6.37 25.83
CA ASP D 396 -14.86 6.38 26.71
C ASP D 396 -14.03 5.12 26.47
N LYS D 397 -12.84 5.30 25.91
CA LYS D 397 -11.94 4.21 25.56
C LYS D 397 -11.34 3.62 26.83
N GLN D 398 -11.06 4.48 27.81
CA GLN D 398 -10.49 4.08 29.09
C GLN D 398 -11.57 3.46 29.97
N GLY D 399 -12.84 3.75 29.63
CA GLY D 399 -13.98 3.22 30.36
C GLY D 399 -14.08 1.70 30.27
N MET D 400 -13.80 1.17 29.07
CA MET D 400 -13.86 -0.26 28.80
C MET D 400 -12.70 -0.98 29.48
N VAL D 401 -11.58 -0.26 29.65
CA VAL D 401 -10.36 -0.83 30.22
C VAL D 401 -10.64 -1.35 31.63
N ASN D 402 -11.31 -0.53 32.44
CA ASN D 402 -11.67 -0.89 33.80
C ASN D 402 -12.78 -1.96 33.77
N ASP D 403 -13.71 -1.79 32.82
CA ASP D 403 -14.87 -2.67 32.68
C ASP D 403 -14.41 -4.11 32.44
N LEU D 404 -13.56 -4.30 31.42
CA LEU D 404 -13.10 -5.61 31.01
C LEU D 404 -12.24 -6.22 32.11
N ASN D 405 -11.31 -5.44 32.65
CA ASN D 405 -10.42 -5.90 33.71
C ASN D 405 -11.23 -6.39 34.90
N ALA D 406 -12.15 -5.54 35.38
CA ALA D 406 -12.96 -5.84 36.55
C ALA D 406 -13.95 -6.97 36.27
N PHE D 407 -14.21 -7.21 34.97
CA PHE D 407 -15.13 -8.26 34.56
C PHE D 407 -14.41 -9.62 34.57
N PHE D 408 -13.12 -9.61 34.21
CA PHE D 408 -12.36 -10.84 34.06
C PHE D 408 -11.51 -11.12 35.30
N ASN D 409 -11.38 -10.12 36.17
CA ASN D 409 -10.56 -10.22 37.37
C ASN D 409 -11.01 -11.38 38.25
N PRO D 410 -12.31 -11.45 38.66
CA PRO D 410 -12.77 -12.51 39.55
C PRO D 410 -12.67 -13.92 38.97
N MET D 411 -12.70 -14.01 37.63
CA MET D 411 -12.66 -15.27 36.91
C MET D 411 -11.27 -15.90 37.03
N LYS D 412 -10.24 -15.04 37.11
CA LYS D 412 -8.85 -15.46 37.12
C LYS D 412 -8.49 -16.02 38.50
N ALA D 413 -9.34 -15.76 39.49
CA ALA D 413 -9.15 -16.28 40.85
C ALA D 413 -10.35 -17.15 41.23
C1 GLC E . 22.85 41.72 8.70
C2 GLC E . 23.87 40.59 8.58
C3 GLC E . 24.68 40.76 7.30
C4 GLC E . 23.77 40.80 6.08
C5 GLC E . 22.60 41.77 6.26
C6 GLC E . 21.55 41.50 5.18
O2 GLC E . 24.73 40.59 9.72
O3 GLC E . 25.64 39.70 7.19
O4 GLC E . 24.53 41.19 4.93
O5 GLC E . 21.97 41.68 7.56
O6 GLC E . 20.70 42.66 5.05
C1 FRU E . 23.06 43.30 11.17
C2 FRU E . 23.18 43.92 9.79
C3 FRU E . 24.21 45.04 9.79
C4 FRU E . 23.63 46.13 8.92
C5 FRU E . 22.13 45.86 8.93
C6 FRU E . 21.51 45.98 7.54
O1 FRU E . 24.21 42.50 11.50
O2 FRU E . 23.56 42.97 8.77
O3 FRU E . 25.49 44.61 9.29
O4 FRU E . 23.88 47.42 9.51
O5 FRU E . 21.94 44.54 9.43
O6 FRU E . 20.10 45.82 7.65
C1 GLA E . 19.36 42.24 4.70
C2 GLA E . 18.60 43.42 4.12
C3 GLA E . 18.26 44.43 5.22
C4 GLA E . 17.60 43.76 6.43
C5 GLA E . 18.39 42.53 6.88
C6 GLA E . 17.71 41.78 8.02
O2 GLA E . 19.38 44.06 3.11
O3 GLA E . 17.41 45.46 4.71
O4 GLA E . 16.25 43.39 6.10
O5 GLA E . 18.62 41.64 5.77
O6 GLA E . 16.64 40.96 7.51
C1 GLC F . 10.68 15.76 -28.29
C2 GLC F . 9.33 16.13 -27.68
C3 GLC F . 9.20 17.66 -27.63
C4 GLC F . 10.36 18.27 -26.86
C5 GLC F . 11.71 17.74 -27.31
C6 GLC F . 12.77 18.12 -26.26
O2 GLC F . 8.27 15.57 -28.45
O3 GLC F . 7.95 18.03 -27.04
O4 GLC F . 10.34 19.69 -27.05
O5 GLC F . 11.73 16.32 -27.49
O6 GLC F . 14.06 18.08 -26.86
C1 FRU F . 10.43 14.03 -30.68
C2 FRU F . 11.13 15.39 -30.70
C3 FRU F . 10.88 16.12 -32.02
C4 FRU F . 12.12 16.97 -32.19
C5 FRU F . 13.21 16.16 -31.51
C6 FRU F . 14.14 17.03 -30.70
O1 FRU F . 9.01 14.19 -30.68
O2 FRU F . 10.71 16.26 -29.64
O3 FRU F . 9.69 16.91 -31.97
O4 FRU F . 12.40 17.18 -33.58
O5 FRU F . 12.55 15.22 -30.65
O6 FRU F . 15.21 16.22 -30.19
C1 GLA F . 15.04 17.75 -25.85
C2 GLA F . 16.43 18.18 -26.31
C3 GLA F . 16.89 17.32 -27.49
C4 GLA F . 16.77 15.82 -27.16
C5 GLA F . 15.38 15.48 -26.61
C6 GLA F . 15.27 14.03 -26.17
O2 GLA F . 16.40 19.56 -26.70
O3 GLA F . 18.24 17.64 -27.85
O4 GLA F . 17.79 15.45 -26.23
O5 GLA F . 15.06 16.35 -25.51
O6 GLA F . 15.78 13.89 -24.84
C1 GLC G . -1.74 -42.78 -1.50
C2 GLC G . -0.84 -41.81 -0.73
C3 GLC G . -1.03 -42.01 0.78
C4 GLC G . -2.50 -41.90 1.19
C5 GLC G . -3.44 -42.67 0.26
C6 GLC G . -4.88 -42.20 0.47
O2 GLC G . 0.53 -42.04 -1.08
O3 GLC G . -0.25 -41.05 1.49
O4 GLC G . -2.65 -42.43 2.51
O5 GLC G . -3.11 -42.51 -1.14
O6 GLC G . -5.77 -43.24 0.07
C1 FRU G . -0.37 -44.45 -3.43
C2 FRU G . -1.17 -45.05 -2.27
C3 FRU G . -0.47 -46.30 -1.73
C4 FRU G . -1.61 -47.25 -1.38
C5 FRU G . -2.75 -46.81 -2.27
C6 FRU G . -4.09 -46.79 -1.53
O1 FRU G . 0.91 -43.97 -2.97
O2 FRU G . -1.36 -44.12 -1.18
O3 FRU G . 0.33 -46.01 -0.59
O4 FRU G . -1.23 -48.60 -1.66
O5 FRU G . -2.45 -45.48 -2.74
O6 FRU G . -5.15 -46.80 -2.48
C1 GLA G . -6.97 -42.67 -0.48
C2 GLA G . -8.07 -43.74 -0.55
C3 GLA G . -7.78 -44.76 -1.64
C4 GLA G . -7.47 -44.09 -2.98
C5 GLA G . -6.40 -42.99 -2.81
C6 GLA G . -6.15 -42.22 -4.10
O2 GLA G . -8.18 -44.40 0.72
O3 GLA G . -8.89 -45.64 -1.79
O4 GLA G . -8.67 -43.53 -3.53
O5 GLA G . -6.79 -42.07 -1.77
O6 GLA G . -7.13 -41.18 -4.25
C1 GLC H . -31.39 -15.05 21.59
C2 GLC H . -32.21 -15.30 20.33
C3 GLC H . -32.37 -16.80 20.12
C4 GLC H . -31.00 -17.48 20.06
C5 GLC H . -30.08 -17.07 21.20
C6 GLC H . -28.65 -17.52 20.93
O2 GLC H . -33.49 -14.68 20.46
O3 GLC H . -33.12 -17.08 18.93
O4 GLC H . -31.18 -18.90 20.12
O5 GLC H . -30.09 -15.65 21.44
O6 GLC H . -27.95 -17.60 22.17
C1 FRU H . -32.87 -13.39 23.48
C2 FRU H . -32.27 -14.75 23.86
C3 FRU H . -33.19 -15.46 24.85
C4 FRU H . -32.24 -16.28 25.69
C5 FRU H . -30.93 -15.50 25.65
C6 FRU H . -29.73 -16.42 25.50
O1 FRU H . -32.32 -12.34 24.28
O2 FRU H . -32.09 -15.59 22.71
O3 FRU H . -34.15 -16.29 24.19
O4 FRU H . -32.73 -16.38 27.04
O5 FRU H . -31.01 -14.61 24.53
O6 FRU H . -28.61 -15.86 26.20
C1 GLA H . -26.56 -17.27 21.94
C2 GLA H . -25.72 -17.77 23.11
C3 GLA H . -25.90 -16.89 24.35
C4 GLA H . -25.73 -15.40 24.01
C5 GLA H . -26.60 -15.02 22.82
C6 GLA H . -26.43 -13.55 22.41
O2 GLA H . -26.09 -19.13 23.43
O3 GLA H . -24.96 -17.27 25.37
O4 GLA H . -24.35 -15.12 23.72
O5 GLA H . -26.32 -15.87 21.70
O6 GLA H . -25.25 -13.39 21.62
#